data_3F1J
# 
_entry.id   3F1J 
# 
_audit_conform.dict_name       mmcif_pdbx.dic 
_audit_conform.dict_version    5.398 
_audit_conform.dict_location   http://mmcif.pdb.org/dictionaries/ascii/mmcif_pdbx.dic 
# 
loop_
_database_2.database_id 
_database_2.database_code 
_database_2.pdbx_database_accession 
_database_2.pdbx_DOI 
PDB   3F1J         pdb_00003f1j 10.2210/pdb3f1j/pdb 
RCSB  RCSB050029   ?            ?                   
WWPDB D_1000050029 ?            ?                   
# 
loop_
_pdbx_audit_revision_history.ordinal 
_pdbx_audit_revision_history.data_content_type 
_pdbx_audit_revision_history.major_revision 
_pdbx_audit_revision_history.minor_revision 
_pdbx_audit_revision_history.revision_date 
1 'Structure model' 1 0 2009-02-03 
2 'Structure model' 1 1 2011-07-13 
3 'Structure model' 1 2 2023-12-27 
4 'Structure model' 1 3 2024-11-13 
# 
_pdbx_audit_revision_details.ordinal             1 
_pdbx_audit_revision_details.revision_ordinal    1 
_pdbx_audit_revision_details.data_content_type   'Structure model' 
_pdbx_audit_revision_details.provider            repository 
_pdbx_audit_revision_details.type                'Initial release' 
_pdbx_audit_revision_details.description         ? 
_pdbx_audit_revision_details.details             ? 
# 
loop_
_pdbx_audit_revision_group.ordinal 
_pdbx_audit_revision_group.revision_ordinal 
_pdbx_audit_revision_group.data_content_type 
_pdbx_audit_revision_group.group 
1 2 'Structure model' 'Version format compliance' 
2 3 'Structure model' 'Data collection'           
3 3 'Structure model' 'Database references'       
4 3 'Structure model' 'Derived calculations'      
5 4 'Structure model' 'Structure summary'         
# 
loop_
_pdbx_audit_revision_category.ordinal 
_pdbx_audit_revision_category.revision_ordinal 
_pdbx_audit_revision_category.data_content_type 
_pdbx_audit_revision_category.category 
1 3 'Structure model' chem_comp_atom            
2 3 'Structure model' chem_comp_bond            
3 3 'Structure model' database_2                
4 3 'Structure model' diffrn_source             
5 3 'Structure model' struct_conn               
6 3 'Structure model' struct_site               
7 4 'Structure model' pdbx_entry_details        
8 4 'Structure model' pdbx_modification_feature 
# 
loop_
_pdbx_audit_revision_item.ordinal 
_pdbx_audit_revision_item.revision_ordinal 
_pdbx_audit_revision_item.data_content_type 
_pdbx_audit_revision_item.item 
1 3 'Structure model' '_database_2.pdbx_DOI'                 
2 3 'Structure model' '_database_2.pdbx_database_accession'  
3 3 'Structure model' '_diffrn_source.pdbx_synchrotron_site' 
4 3 'Structure model' '_struct_conn.pdbx_leaving_atom_flag'  
5 3 'Structure model' '_struct_site.pdbx_auth_asym_id'       
6 3 'Structure model' '_struct_site.pdbx_auth_comp_id'       
7 3 'Structure model' '_struct_site.pdbx_auth_seq_id'        
# 
_pdbx_database_status.entry_id                        3F1J 
_pdbx_database_status.deposit_site                    RCSB 
_pdbx_database_status.process_site                    PDBJ 
_pdbx_database_status.recvd_initial_deposition_date   2008-10-28 
_pdbx_database_status.status_code                     REL 
_pdbx_database_status.status_code_sf                  REL 
_pdbx_database_status.status_code_mr                  ? 
_pdbx_database_status.SG_entry                        ? 
_pdbx_database_status.pdb_format_compatible           Y 
_pdbx_database_status.status_code_cs                  ? 
_pdbx_database_status.status_code_nmr_data            ? 
_pdbx_database_status.methods_development_category    ? 
# 
loop_
_audit_author.name 
_audit_author.pdbx_ordinal 
'Neumann, P.'  1 
'Lieber, D.'   2 
'Meyer, S.'    3 
'Dautel, P.'   4 
'Kerth, A.'    5 
'Kraus, I.'    6 
'Garten, W.'   7 
'Stubbs, M.T.' 8 
# 
_citation.id                        primary 
_citation.title                     
'Crystal structure of the Borna disease virus matrix protein (BDV-M) reveals ssRNA binding properties' 
_citation.journal_abbrev            Proc.Natl.Acad.Sci.USA 
_citation.journal_volume            106 
_citation.page_first                3710 
_citation.page_last                 3715 
_citation.year                      2009 
_citation.journal_id_ASTM           PNASA6 
_citation.country                   US 
_citation.journal_id_ISSN           0027-8424 
_citation.journal_id_CSD            0040 
_citation.book_publisher            ? 
_citation.pdbx_database_id_PubMed   19237566 
_citation.pdbx_database_id_DOI      10.1073/pnas.0808101106 
# 
loop_
_citation_author.citation_id 
_citation_author.name 
_citation_author.ordinal 
_citation_author.identifier_ORCID 
primary 'Neumann, P.'  1 ? 
primary 'Lieber, D.'   2 ? 
primary 'Meyer, S.'    3 ? 
primary 'Dautel, P.'   4 ? 
primary 'Kerth, A.'    5 ? 
primary 'Kraus, I.'    6 ? 
primary 'Garten, W.'   7 ? 
primary 'Stubbs, M.T.' 8 ? 
# 
loop_
_entity.id 
_entity.type 
_entity.src_method 
_entity.pdbx_description 
_entity.formula_weight 
_entity.pdbx_number_of_molecules 
_entity.pdbx_ec 
_entity.pdbx_mutation 
_entity.pdbx_fragment 
_entity.details 
1 polymer     man 'Matrix protein'            16371.610 1  ? ? ? ? 
2 non-polymer syn "CYTIDINE-5'-MONOPHOSPHATE" 323.197   1  ? ? ? ? 
3 non-polymer syn 'SULFATE ION'               96.063    3  ? ? ? ? 
4 water       nat water                       18.015    39 ? ? ? ? 
# 
_entity_name_com.entity_id   1 
_entity_name_com.name        'gp18, p16' 
# 
_entity_poly.entity_id                      1 
_entity_poly.type                           'polypeptide(L)' 
_entity_poly.nstd_linkage                   no 
_entity_poly.nstd_monomer                   yes 
_entity_poly.pdbx_seq_one_letter_code       
;MNSKHSYVELKDKVIVPGWPTL(MSE)LEIDFVGGTSRNQFLNIPFLSVKEPLQLPREKKLTDYFTIDVEPAGHSLVNIY
FQIDDFLLLTLNSLSVYKDPIRKY(MSE)FLRLNKEQSKHAINAAFNVFSYRLRNIGVGPLGPDIRSSGP
;
_entity_poly.pdbx_seq_one_letter_code_can   
;MNSKHSYVELKDKVIVPGWPTLMLEIDFVGGTSRNQFLNIPFLSVKEPLQLPREKKLTDYFTIDVEPAGHSLVNIYFQID
DFLLLTLNSLSVYKDPIRKYMFLRLNKEQSKHAINAAFNVFSYRLRNIGVGPLGPDIRSSGP
;
_entity_poly.pdbx_strand_id                 A 
_entity_poly.pdbx_target_identifier         ? 
# 
loop_
_pdbx_entity_nonpoly.entity_id 
_pdbx_entity_nonpoly.name 
_pdbx_entity_nonpoly.comp_id 
2 "CYTIDINE-5'-MONOPHOSPHATE" C5P 
3 'SULFATE ION'               SO4 
4 water                       HOH 
# 
loop_
_entity_poly_seq.entity_id 
_entity_poly_seq.num 
_entity_poly_seq.mon_id 
_entity_poly_seq.hetero 
1 1   MET n 
1 2   ASN n 
1 3   SER n 
1 4   LYS n 
1 5   HIS n 
1 6   SER n 
1 7   TYR n 
1 8   VAL n 
1 9   GLU n 
1 10  LEU n 
1 11  LYS n 
1 12  ASP n 
1 13  LYS n 
1 14  VAL n 
1 15  ILE n 
1 16  VAL n 
1 17  PRO n 
1 18  GLY n 
1 19  TRP n 
1 20  PRO n 
1 21  THR n 
1 22  LEU n 
1 23  MSE n 
1 24  LEU n 
1 25  GLU n 
1 26  ILE n 
1 27  ASP n 
1 28  PHE n 
1 29  VAL n 
1 30  GLY n 
1 31  GLY n 
1 32  THR n 
1 33  SER n 
1 34  ARG n 
1 35  ASN n 
1 36  GLN n 
1 37  PHE n 
1 38  LEU n 
1 39  ASN n 
1 40  ILE n 
1 41  PRO n 
1 42  PHE n 
1 43  LEU n 
1 44  SER n 
1 45  VAL n 
1 46  LYS n 
1 47  GLU n 
1 48  PRO n 
1 49  LEU n 
1 50  GLN n 
1 51  LEU n 
1 52  PRO n 
1 53  ARG n 
1 54  GLU n 
1 55  LYS n 
1 56  LYS n 
1 57  LEU n 
1 58  THR n 
1 59  ASP n 
1 60  TYR n 
1 61  PHE n 
1 62  THR n 
1 63  ILE n 
1 64  ASP n 
1 65  VAL n 
1 66  GLU n 
1 67  PRO n 
1 68  ALA n 
1 69  GLY n 
1 70  HIS n 
1 71  SER n 
1 72  LEU n 
1 73  VAL n 
1 74  ASN n 
1 75  ILE n 
1 76  TYR n 
1 77  PHE n 
1 78  GLN n 
1 79  ILE n 
1 80  ASP n 
1 81  ASP n 
1 82  PHE n 
1 83  LEU n 
1 84  LEU n 
1 85  LEU n 
1 86  THR n 
1 87  LEU n 
1 88  ASN n 
1 89  SER n 
1 90  LEU n 
1 91  SER n 
1 92  VAL n 
1 93  TYR n 
1 94  LYS n 
1 95  ASP n 
1 96  PRO n 
1 97  ILE n 
1 98  ARG n 
1 99  LYS n 
1 100 TYR n 
1 101 MSE n 
1 102 PHE n 
1 103 LEU n 
1 104 ARG n 
1 105 LEU n 
1 106 ASN n 
1 107 LYS n 
1 108 GLU n 
1 109 GLN n 
1 110 SER n 
1 111 LYS n 
1 112 HIS n 
1 113 ALA n 
1 114 ILE n 
1 115 ASN n 
1 116 ALA n 
1 117 ALA n 
1 118 PHE n 
1 119 ASN n 
1 120 VAL n 
1 121 PHE n 
1 122 SER n 
1 123 TYR n 
1 124 ARG n 
1 125 LEU n 
1 126 ARG n 
1 127 ASN n 
1 128 ILE n 
1 129 GLY n 
1 130 VAL n 
1 131 GLY n 
1 132 PRO n 
1 133 LEU n 
1 134 GLY n 
1 135 PRO n 
1 136 ASP n 
1 137 ILE n 
1 138 ARG n 
1 139 SER n 
1 140 SER n 
1 141 GLY n 
1 142 PRO n 
# 
_entity_src_gen.entity_id                          1 
_entity_src_gen.pdbx_src_id                        1 
_entity_src_gen.pdbx_alt_source_flag               sample 
_entity_src_gen.pdbx_seq_type                      ? 
_entity_src_gen.pdbx_beg_seq_num                   ? 
_entity_src_gen.pdbx_end_seq_num                   ? 
_entity_src_gen.gene_src_common_name               BDV 
_entity_src_gen.gene_src_genus                     ? 
_entity_src_gen.pdbx_gene_src_gene                 M 
_entity_src_gen.gene_src_species                   ? 
_entity_src_gen.gene_src_strain                    ? 
_entity_src_gen.gene_src_tissue                    ? 
_entity_src_gen.gene_src_tissue_fraction           ? 
_entity_src_gen.gene_src_details                   ? 
_entity_src_gen.pdbx_gene_src_fragment             ? 
_entity_src_gen.pdbx_gene_src_scientific_name      'Borna disease virus' 
_entity_src_gen.pdbx_gene_src_ncbi_taxonomy_id     12455 
_entity_src_gen.pdbx_gene_src_variant              ? 
_entity_src_gen.pdbx_gene_src_cell_line            ? 
_entity_src_gen.pdbx_gene_src_atcc                 ? 
_entity_src_gen.pdbx_gene_src_organ                ? 
_entity_src_gen.pdbx_gene_src_organelle            ? 
_entity_src_gen.pdbx_gene_src_cell                 ? 
_entity_src_gen.pdbx_gene_src_cellular_location    ? 
_entity_src_gen.host_org_common_name               ? 
_entity_src_gen.pdbx_host_org_scientific_name      'Escherichia coli BL21' 
_entity_src_gen.pdbx_host_org_ncbi_taxonomy_id     511693 
_entity_src_gen.host_org_genus                     ? 
_entity_src_gen.pdbx_host_org_gene                 ? 
_entity_src_gen.pdbx_host_org_organ                ? 
_entity_src_gen.host_org_species                   ? 
_entity_src_gen.pdbx_host_org_tissue               ? 
_entity_src_gen.pdbx_host_org_tissue_fraction      ? 
_entity_src_gen.pdbx_host_org_strain               BL21 
_entity_src_gen.pdbx_host_org_variant              ? 
_entity_src_gen.pdbx_host_org_cell_line            ? 
_entity_src_gen.pdbx_host_org_atcc                 ? 
_entity_src_gen.pdbx_host_org_culture_collection   ? 
_entity_src_gen.pdbx_host_org_cell                 ? 
_entity_src_gen.pdbx_host_org_organelle            ? 
_entity_src_gen.pdbx_host_org_cellular_location    ? 
_entity_src_gen.pdbx_host_org_vector_type          PLASMID 
_entity_src_gen.pdbx_host_org_vector               ? 
_entity_src_gen.host_org_details                   ? 
_entity_src_gen.expression_system_id               ? 
_entity_src_gen.plasmid_name                       pMAL-c2 
_entity_src_gen.plasmid_details                    ? 
_entity_src_gen.pdbx_description                   ? 
# 
loop_
_chem_comp.id 
_chem_comp.type 
_chem_comp.mon_nstd_flag 
_chem_comp.name 
_chem_comp.pdbx_synonyms 
_chem_comp.formula 
_chem_comp.formula_weight 
ALA 'L-peptide linking' y ALANINE                     ? 'C3 H7 N O2'     89.093  
ARG 'L-peptide linking' y ARGININE                    ? 'C6 H15 N4 O2 1' 175.209 
ASN 'L-peptide linking' y ASPARAGINE                  ? 'C4 H8 N2 O3'    132.118 
ASP 'L-peptide linking' y 'ASPARTIC ACID'             ? 'C4 H7 N O4'     133.103 
C5P non-polymer         . "CYTIDINE-5'-MONOPHOSPHATE" ? 'C9 H14 N3 O8 P' 323.197 
GLN 'L-peptide linking' y GLUTAMINE                   ? 'C5 H10 N2 O3'   146.144 
GLU 'L-peptide linking' y 'GLUTAMIC ACID'             ? 'C5 H9 N O4'     147.129 
GLY 'peptide linking'   y GLYCINE                     ? 'C2 H5 N O2'     75.067  
HIS 'L-peptide linking' y HISTIDINE                   ? 'C6 H10 N3 O2 1' 156.162 
HOH non-polymer         . WATER                       ? 'H2 O'           18.015  
ILE 'L-peptide linking' y ISOLEUCINE                  ? 'C6 H13 N O2'    131.173 
LEU 'L-peptide linking' y LEUCINE                     ? 'C6 H13 N O2'    131.173 
LYS 'L-peptide linking' y LYSINE                      ? 'C6 H15 N2 O2 1' 147.195 
MET 'L-peptide linking' y METHIONINE                  ? 'C5 H11 N O2 S'  149.211 
MSE 'L-peptide linking' n SELENOMETHIONINE            ? 'C5 H11 N O2 Se' 196.106 
PHE 'L-peptide linking' y PHENYLALANINE               ? 'C9 H11 N O2'    165.189 
PRO 'L-peptide linking' y PROLINE                     ? 'C5 H9 N O2'     115.130 
SER 'L-peptide linking' y SERINE                      ? 'C3 H7 N O3'     105.093 
SO4 non-polymer         . 'SULFATE ION'               ? 'O4 S -2'        96.063  
THR 'L-peptide linking' y THREONINE                   ? 'C4 H9 N O3'     119.119 
TRP 'L-peptide linking' y TRYPTOPHAN                  ? 'C11 H12 N2 O2'  204.225 
TYR 'L-peptide linking' y TYROSINE                    ? 'C9 H11 N O3'    181.189 
VAL 'L-peptide linking' y VALINE                      ? 'C5 H11 N O2'    117.146 
# 
loop_
_pdbx_poly_seq_scheme.asym_id 
_pdbx_poly_seq_scheme.entity_id 
_pdbx_poly_seq_scheme.seq_id 
_pdbx_poly_seq_scheme.mon_id 
_pdbx_poly_seq_scheme.ndb_seq_num 
_pdbx_poly_seq_scheme.pdb_seq_num 
_pdbx_poly_seq_scheme.auth_seq_num 
_pdbx_poly_seq_scheme.pdb_mon_id 
_pdbx_poly_seq_scheme.auth_mon_id 
_pdbx_poly_seq_scheme.pdb_strand_id 
_pdbx_poly_seq_scheme.pdb_ins_code 
_pdbx_poly_seq_scheme.hetero 
A 1 1   MET 1   1   ?   ?   ?   A . n 
A 1 2   ASN 2   2   ?   ?   ?   A . n 
A 1 3   SER 3   3   3   SER SER A . n 
A 1 4   LYS 4   4   4   LYS LYS A . n 
A 1 5   HIS 5   5   5   HIS HIS A . n 
A 1 6   SER 6   6   6   SER SER A . n 
A 1 7   TYR 7   7   7   TYR TYR A . n 
A 1 8   VAL 8   8   8   VAL VAL A . n 
A 1 9   GLU 9   9   9   GLU GLU A . n 
A 1 10  LEU 10  10  10  LEU LEU A . n 
A 1 11  LYS 11  11  11  LYS LYS A . n 
A 1 12  ASP 12  12  12  ASP ASP A . n 
A 1 13  LYS 13  13  13  LYS LYS A . n 
A 1 14  VAL 14  14  14  VAL VAL A . n 
A 1 15  ILE 15  15  15  ILE ILE A . n 
A 1 16  VAL 16  16  16  VAL VAL A . n 
A 1 17  PRO 17  17  17  PRO PRO A . n 
A 1 18  GLY 18  18  18  GLY GLY A . n 
A 1 19  TRP 19  19  19  TRP TRP A . n 
A 1 20  PRO 20  20  20  PRO PRO A . n 
A 1 21  THR 21  21  21  THR THR A . n 
A 1 22  LEU 22  22  22  LEU LEU A . n 
A 1 23  MSE 23  23  23  MSE MSE A . n 
A 1 24  LEU 24  24  24  LEU LEU A . n 
A 1 25  GLU 25  25  25  GLU GLU A . n 
A 1 26  ILE 26  26  26  ILE ILE A . n 
A 1 27  ASP 27  27  27  ASP ASP A . n 
A 1 28  PHE 28  28  28  PHE PHE A . n 
A 1 29  VAL 29  29  29  VAL VAL A . n 
A 1 30  GLY 30  30  30  GLY GLY A . n 
A 1 31  GLY 31  31  31  GLY GLY A . n 
A 1 32  THR 32  32  32  THR THR A . n 
A 1 33  SER 33  33  33  SER SER A . n 
A 1 34  ARG 34  34  34  ARG ARG A . n 
A 1 35  ASN 35  35  35  ASN ASN A . n 
A 1 36  GLN 36  36  36  GLN GLN A . n 
A 1 37  PHE 37  37  37  PHE PHE A . n 
A 1 38  LEU 38  38  38  LEU LEU A . n 
A 1 39  ASN 39  39  39  ASN ASN A . n 
A 1 40  ILE 40  40  40  ILE ILE A . n 
A 1 41  PRO 41  41  41  PRO PRO A . n 
A 1 42  PHE 42  42  42  PHE PHE A . n 
A 1 43  LEU 43  43  43  LEU LEU A . n 
A 1 44  SER 44  44  44  SER SER A . n 
A 1 45  VAL 45  45  45  VAL VAL A . n 
A 1 46  LYS 46  46  46  LYS LYS A . n 
A 1 47  GLU 47  47  47  GLU GLU A . n 
A 1 48  PRO 48  48  48  PRO PRO A . n 
A 1 49  LEU 49  49  49  LEU LEU A . n 
A 1 50  GLN 50  50  50  GLN GLN A . n 
A 1 51  LEU 51  51  51  LEU LEU A . n 
A 1 52  PRO 52  52  52  PRO PRO A . n 
A 1 53  ARG 53  53  53  ARG ARG A . n 
A 1 54  GLU 54  54  54  GLU GLU A . n 
A 1 55  LYS 55  55  55  LYS LYS A . n 
A 1 56  LYS 56  56  56  LYS LYS A . n 
A 1 57  LEU 57  57  57  LEU LEU A . n 
A 1 58  THR 58  58  58  THR THR A . n 
A 1 59  ASP 59  59  59  ASP ASP A . n 
A 1 60  TYR 60  60  60  TYR TYR A . n 
A 1 61  PHE 61  61  61  PHE PHE A . n 
A 1 62  THR 62  62  62  THR THR A . n 
A 1 63  ILE 63  63  63  ILE ILE A . n 
A 1 64  ASP 64  64  64  ASP ASP A . n 
A 1 65  VAL 65  65  65  VAL VAL A . n 
A 1 66  GLU 66  66  66  GLU GLU A . n 
A 1 67  PRO 67  67  67  PRO PRO A . n 
A 1 68  ALA 68  68  68  ALA ALA A . n 
A 1 69  GLY 69  69  69  GLY GLY A . n 
A 1 70  HIS 70  70  70  HIS HIS A . n 
A 1 71  SER 71  71  71  SER SER A . n 
A 1 72  LEU 72  72  72  LEU LEU A . n 
A 1 73  VAL 73  73  73  VAL VAL A . n 
A 1 74  ASN 74  74  74  ASN ASN A . n 
A 1 75  ILE 75  75  75  ILE ILE A . n 
A 1 76  TYR 76  76  76  TYR TYR A . n 
A 1 77  PHE 77  77  77  PHE PHE A . n 
A 1 78  GLN 78  78  78  GLN GLN A . n 
A 1 79  ILE 79  79  79  ILE ILE A . n 
A 1 80  ASP 80  80  80  ASP ASP A . n 
A 1 81  ASP 81  81  81  ASP ASP A . n 
A 1 82  PHE 82  82  82  PHE PHE A . n 
A 1 83  LEU 83  83  83  LEU LEU A . n 
A 1 84  LEU 84  84  84  LEU LEU A . n 
A 1 85  LEU 85  85  85  LEU LEU A . n 
A 1 86  THR 86  86  86  THR THR A . n 
A 1 87  LEU 87  87  87  LEU LEU A . n 
A 1 88  ASN 88  88  88  ASN ASN A . n 
A 1 89  SER 89  89  89  SER SER A . n 
A 1 90  LEU 90  90  90  LEU LEU A . n 
A 1 91  SER 91  91  91  SER SER A . n 
A 1 92  VAL 92  92  92  VAL VAL A . n 
A 1 93  TYR 93  93  93  TYR TYR A . n 
A 1 94  LYS 94  94  94  LYS LYS A . n 
A 1 95  ASP 95  95  95  ASP ASP A . n 
A 1 96  PRO 96  96  96  PRO PRO A . n 
A 1 97  ILE 97  97  97  ILE ILE A . n 
A 1 98  ARG 98  98  98  ARG ARG A . n 
A 1 99  LYS 99  99  99  LYS LYS A . n 
A 1 100 TYR 100 100 100 TYR TYR A . n 
A 1 101 MSE 101 101 101 MSE MSE A . n 
A 1 102 PHE 102 102 102 PHE PHE A . n 
A 1 103 LEU 103 103 103 LEU LEU A . n 
A 1 104 ARG 104 104 104 ARG ARG A . n 
A 1 105 LEU 105 105 105 LEU LEU A . n 
A 1 106 ASN 106 106 106 ASN ASN A . n 
A 1 107 LYS 107 107 107 LYS LYS A . n 
A 1 108 GLU 108 108 108 GLU GLU A . n 
A 1 109 GLN 109 109 109 GLN GLN A . n 
A 1 110 SER 110 110 110 SER SER A . n 
A 1 111 LYS 111 111 111 LYS LYS A . n 
A 1 112 HIS 112 112 112 HIS HIS A . n 
A 1 113 ALA 113 113 113 ALA ALA A . n 
A 1 114 ILE 114 114 114 ILE ILE A . n 
A 1 115 ASN 115 115 115 ASN ASN A . n 
A 1 116 ALA 116 116 116 ALA ALA A . n 
A 1 117 ALA 117 117 117 ALA ALA A . n 
A 1 118 PHE 118 118 118 PHE PHE A . n 
A 1 119 ASN 119 119 119 ASN ASN A . n 
A 1 120 VAL 120 120 120 VAL VAL A . n 
A 1 121 PHE 121 121 121 PHE PHE A . n 
A 1 122 SER 122 122 122 SER SER A . n 
A 1 123 TYR 123 123 123 TYR TYR A . n 
A 1 124 ARG 124 124 124 ARG ARG A . n 
A 1 125 LEU 125 125 125 LEU LEU A . n 
A 1 126 ARG 126 126 126 ARG ARG A . n 
A 1 127 ASN 127 127 127 ASN ASN A . n 
A 1 128 ILE 128 128 128 ILE ILE A . n 
A 1 129 GLY 129 129 129 GLY GLY A . n 
A 1 130 VAL 130 130 130 VAL VAL A . n 
A 1 131 GLY 131 131 131 GLY GLY A . n 
A 1 132 PRO 132 132 132 PRO PRO A . n 
A 1 133 LEU 133 133 133 LEU LEU A . n 
A 1 134 GLY 134 134 134 GLY GLY A . n 
A 1 135 PRO 135 135 135 PRO PRO A . n 
A 1 136 ASP 136 136 136 ASP ASP A . n 
A 1 137 ILE 137 137 137 ILE ILE A . n 
A 1 138 ARG 138 138 138 ARG ARG A . n 
A 1 139 SER 139 139 139 SER SER A . n 
A 1 140 SER 140 140 140 SER SER A . n 
A 1 141 GLY 141 141 141 GLY GLY A . n 
A 1 142 PRO 142 142 142 PRO PRO A . n 
# 
loop_
_pdbx_nonpoly_scheme.asym_id 
_pdbx_nonpoly_scheme.entity_id 
_pdbx_nonpoly_scheme.mon_id 
_pdbx_nonpoly_scheme.ndb_seq_num 
_pdbx_nonpoly_scheme.pdb_seq_num 
_pdbx_nonpoly_scheme.auth_seq_num 
_pdbx_nonpoly_scheme.pdb_mon_id 
_pdbx_nonpoly_scheme.auth_mon_id 
_pdbx_nonpoly_scheme.pdb_strand_id 
_pdbx_nonpoly_scheme.pdb_ins_code 
B 2 C5P 1  300 300 C5P CYT A . 
C 3 SO4 1  301 301 SO4 SO4 A . 
D 3 SO4 1  302 302 SO4 SO4 A . 
E 3 SO4 1  303 303 SO4 SO4 A . 
F 4 HOH 1  201 201 HOH HOH A . 
F 4 HOH 2  202 202 HOH HOH A . 
F 4 HOH 3  203 203 HOH HOH A . 
F 4 HOH 4  204 204 HOH HOH A . 
F 4 HOH 5  205 205 HOH HOH A . 
F 4 HOH 6  206 206 HOH HOH A . 
F 4 HOH 7  207 207 HOH HOH A . 
F 4 HOH 8  208 208 HOH HOH A . 
F 4 HOH 9  209 209 HOH HOH A . 
F 4 HOH 10 210 210 HOH HOH A . 
F 4 HOH 11 211 211 HOH HOH A . 
F 4 HOH 12 212 212 HOH HOH A . 
F 4 HOH 13 213 213 HOH HOH A . 
F 4 HOH 14 214 214 HOH HOH A . 
F 4 HOH 15 215 215 HOH HOH A . 
F 4 HOH 16 216 216 HOH HOH A . 
F 4 HOH 17 217 217 HOH HOH A . 
F 4 HOH 18 218 218 HOH HOH A . 
F 4 HOH 19 219 219 HOH HOH A . 
F 4 HOH 20 220 220 HOH HOH A . 
F 4 HOH 21 221 221 HOH HOH A . 
F 4 HOH 22 222 222 HOH HOH A . 
F 4 HOH 23 223 223 HOH HOH A . 
F 4 HOH 24 224 224 HOH HOH A . 
F 4 HOH 25 225 225 HOH HOH A . 
F 4 HOH 26 226 226 HOH HOH A . 
F 4 HOH 27 227 227 HOH HOH A . 
F 4 HOH 28 228 228 HOH HOH A . 
F 4 HOH 29 229 229 HOH HOH A . 
F 4 HOH 30 230 230 HOH HOH A . 
F 4 HOH 31 231 231 HOH HOH A . 
F 4 HOH 32 232 232 HOH HOH A . 
F 4 HOH 33 233 233 HOH HOH A . 
F 4 HOH 34 234 234 HOH HOH A . 
F 4 HOH 35 235 235 HOH HOH A . 
F 4 HOH 36 236 236 HOH HOH A . 
F 4 HOH 37 237 237 HOH HOH A . 
F 4 HOH 38 238 238 HOH HOH A . 
F 4 HOH 39 239 239 HOH HOH A . 
# 
loop_
_software.name 
_software.version 
_software.date 
_software.type 
_software.contact_author 
_software.contact_author_email 
_software.classification 
_software.location 
_software.language 
_software.citation_id 
_software.pdbx_ordinal 
XSCALE      .     ?               package 'Wolfgang Kabsch'     ?                            'data scaling'    
http://www.mpimf-heidelberg.mpg.de/~kabsch/xds/html_doc/xscale_program.html ?          ? 1 
SHELX       .     ?               package 'George M. Sheldrick' gsheldr@shelx.uni-ac.gwdg.de phasing           
http://shelx.uni-ac.gwdg.de/SHELX/                                          Fortran_77 ? 2 
DM          .     ?               program 'Kevin Cowtan'        kowtan@ysbl.york.ac.uk       phasing           
http://www.ccp4.ac.uk/dist/html/dm.html                                     Fortran_77 ? 3 
CNS         1.1   ?               package 'Axel T. Brunger'     axel.brunger@yale.edu        refinement        
http://cns-online.org/                                                      Fortran_77 ? 4 
PDB_EXTRACT 3.006 'June 11, 2008' package PDB                   help@deposit.rcsb.org        'data extraction' 
http://sw-tools.pdb.org/apps/PDB_EXTRACT/                                   C++        ? 5 
MAR345dtb   .     ?               ?       ?                     ?                            'data collection' ? ?          ? 6 
SHELXD      .     ?               ?       ?                     ?                            phasing           ? ?          ? 7 
# 
_cell.length_a           143.570 
_cell.length_b           143.570 
_cell.length_c           143.570 
_cell.angle_alpha        90.000 
_cell.angle_beta         90.000 
_cell.angle_gamma        90.000 
_cell.entry_id           3F1J 
_cell.pdbx_unique_axis   ? 
_cell.Z_PDB              48 
_cell.length_a_esd       ? 
_cell.length_b_esd       ? 
_cell.length_c_esd       ? 
_cell.angle_alpha_esd    ? 
_cell.angle_beta_esd     ? 
_cell.angle_gamma_esd    ? 
# 
_symmetry.space_group_name_H-M             'I 4 3 2' 
_symmetry.entry_id                         3F1J 
_symmetry.Int_Tables_number                211 
_symmetry.pdbx_full_space_group_name_H-M   ? 
_symmetry.cell_setting                     ? 
_symmetry.space_group_name_Hall            ? 
# 
_exptl.crystals_number   1 
_exptl.entry_id          3F1J 
_exptl.method            'X-RAY DIFFRACTION' 
# 
_exptl_crystal.id                    1 
_exptl_crystal.pdbx_mosaicity        ? 
_exptl_crystal.pdbx_mosaicity_esd    ? 
_exptl_crystal.density_Matthews      3.77 
_exptl_crystal.density_diffrn        ? 
_exptl_crystal.density_meas          ? 
_exptl_crystal.density_meas_temp     ? 
_exptl_crystal.density_percent_sol   67.34 
_exptl_crystal.size_max              ? 
_exptl_crystal.size_mid              ? 
_exptl_crystal.size_min              ? 
_exptl_crystal.size_rad              ? 
_exptl_crystal.description           ? 
_exptl_crystal.F_000                 ? 
_exptl_crystal.preparation           ? 
# 
_exptl_crystal_grow.crystal_id      1 
_exptl_crystal_grow.method          'VAPOR DIFFUSION, HANGING DROP' 
_exptl_crystal_grow.pH              7.0 
_exptl_crystal_grow.temp            298 
_exptl_crystal_grow.temp_details    ? 
_exptl_crystal_grow.pdbx_details    
'10% PEG 8000, 0.5M Li2SO4, 0.1M Tris/HCl, pH 7.0, VAPOR DIFFUSION, HANGING DROP, temperature 298K' 
_exptl_crystal_grow.pdbx_pH_range   . 
# 
_diffrn.id                     1 
_diffrn.ambient_temp           100 
_diffrn.ambient_temp_details   ? 
_diffrn.crystal_id             1 
# 
_diffrn_detector.diffrn_id              1 
_diffrn_detector.detector               CCD 
_diffrn_detector.type                   'MAR CCD 130 mm' 
_diffrn_detector.pdbx_collection_date   2002-02-20 
_diffrn_detector.details                mirrors 
# 
_diffrn_radiation.diffrn_id                        1 
_diffrn_radiation.wavelength_id                    1 
_diffrn_radiation.pdbx_diffrn_protocol             MAD 
_diffrn_radiation.monochromator                    GRAPHITE 
_diffrn_radiation.pdbx_monochromatic_or_laue_m_l   M 
_diffrn_radiation.pdbx_scattering_type             x-ray 
# 
loop_
_diffrn_radiation_wavelength.id 
_diffrn_radiation_wavelength.wavelength 
_diffrn_radiation_wavelength.wt 
1 0.9500  1.0 
2 0.97920 1.0 
3 0.97950 1.0 
# 
_diffrn_source.diffrn_id                   1 
_diffrn_source.source                      SYNCHROTRON 
_diffrn_source.type                        'EMBL/DESY, HAMBURG BEAMLINE BW7B' 
_diffrn_source.pdbx_wavelength             ? 
_diffrn_source.pdbx_wavelength_list        '0.9500, 0.97920, 0.97950' 
_diffrn_source.pdbx_synchrotron_site       'EMBL/DESY, HAMBURG' 
_diffrn_source.pdbx_synchrotron_beamline   BW7B 
# 
_reflns.entry_id                     3F1J 
_reflns.d_resolution_high            2.650 
_reflns.number_obs                   7570 
_reflns.pdbx_Rmerge_I_obs            0.092 
_reflns.percent_possible_obs         98.800 
_reflns.B_iso_Wilson_estimate        67.809 
_reflns.observed_criterion_sigma_I   -3.00 
_reflns.observed_criterion_sigma_F   0 
_reflns.d_resolution_low             20 
_reflns.number_all                   7660 
_reflns.pdbx_Rsym_value              0.099 
_reflns.pdbx_netI_over_sigmaI        11.97 
_reflns.pdbx_redundancy              7.46 
_reflns.R_free_details               ? 
_reflns.limit_h_max                  ? 
_reflns.limit_h_min                  ? 
_reflns.limit_k_max                  ? 
_reflns.limit_k_min                  ? 
_reflns.limit_l_max                  ? 
_reflns.limit_l_min                  ? 
_reflns.observed_criterion_F_max     ? 
_reflns.observed_criterion_F_min     ? 
_reflns.pdbx_chi_squared             ? 
_reflns.pdbx_scaling_rejects         ? 
_reflns.pdbx_diffrn_id               1 
_reflns.pdbx_ordinal                 1 
# 
_reflns_shell.d_res_high             2.65 
_reflns_shell.d_res_low              2.80 
_reflns_shell.number_measured_obs    8630 
_reflns_shell.number_measured_all    ? 
_reflns_shell.number_unique_obs      1123 
_reflns_shell.Rmerge_I_obs           0.671 
_reflns_shell.meanI_over_sigI_obs    3.1 
_reflns_shell.pdbx_Rsym_value        0.671 
_reflns_shell.pdbx_chi_squared       ? 
_reflns_shell.pdbx_redundancy        7.68 
_reflns_shell.percent_possible_obs   ? 
_reflns_shell.number_unique_all      1133 
_reflns_shell.percent_possible_all   99.10 
_reflns_shell.pdbx_diffrn_id         ? 
_reflns_shell.pdbx_ordinal           1 
# 
_refine.entry_id                                 3F1J 
_refine.ls_d_res_high                            2.650 
_refine.ls_d_res_low                             19.540 
_refine.pdbx_ls_sigma_F                          0.00 
_refine.pdbx_data_cutoff_high_absF               11301727.000 
_refine.pdbx_data_cutoff_low_absF                0.000 
_refine.ls_percent_reflns_obs                    98.200 
_refine.ls_number_reflns_obs                     7491 
_refine.pdbx_ls_cross_valid_method               THROUGHOUT 
_refine.pdbx_R_Free_selection_details            RANDOM 
_refine.ls_R_factor_R_work                       0.217 
_refine.ls_R_factor_R_free                       0.264 
_refine.ls_percent_reflns_R_free                 7.600 
_refine.ls_number_reflns_R_free                  570 
_refine.ls_R_factor_R_free_error                 0.011 
_refine.B_iso_mean                               61.819 
_refine.solvent_model_param_bsol                 43.411 
_refine.solvent_model_param_ksol                 0.297 
_refine.pdbx_isotropic_thermal_model             RESTRAINED 
_refine.aniso_B[1][1]                            0.000 
_refine.aniso_B[2][2]                            0.000 
_refine.aniso_B[3][3]                            0.000 
_refine.aniso_B[1][2]                            0.000 
_refine.aniso_B[1][3]                            0.000 
_refine.aniso_B[2][3]                            0.000 
_refine.solvent_model_details                    'FLAT MODEL' 
_refine.pdbx_method_to_determine_struct          MAD 
_refine.overall_FOM_work_R_set                   0.836 
_refine.B_iso_max                                106.19 
_refine.B_iso_min                                35.38 
_refine.occupancy_max                            1.00 
_refine.occupancy_min                            0.25 
_refine.pdbx_ls_sigma_I                          0 
_refine.ls_number_reflns_all                     7660 
_refine.ls_R_factor_all                          0.221 
_refine.ls_R_factor_obs                          0.221 
_refine.ls_redundancy_reflns_obs                 ? 
_refine.ls_number_parameters                     ? 
_refine.ls_number_restraints                     ? 
_refine.ls_R_factor_R_free_error_details         ? 
_refine.pdbx_starting_model                      ? 
_refine.pdbx_stereochem_target_val_spec_case     ? 
_refine.pdbx_stereochemistry_target_values       'Engh & Huber' 
_refine.details                                  ? 
_refine.correlation_coeff_Fo_to_Fc               ? 
_refine.correlation_coeff_Fo_to_Fc_free          ? 
_refine.pdbx_solvent_vdw_probe_radii             ? 
_refine.pdbx_solvent_ion_probe_radii             ? 
_refine.pdbx_solvent_shrinkage_radii             ? 
_refine.overall_SU_R_Cruickshank_DPI             ? 
_refine.overall_SU_R_free                        ? 
_refine.overall_SU_ML                            ? 
_refine.overall_SU_B                             ? 
_refine.pdbx_overall_ESU_R_Free                  ? 
_refine.pdbx_data_cutoff_high_rms_absF           ? 
_refine.pdbx_overall_ESU_R                       ? 
_refine.ls_wR_factor_R_free                      ? 
_refine.ls_wR_factor_R_work                      ? 
_refine.overall_FOM_free_R_set                   ? 
_refine.pdbx_refine_id                           'X-RAY DIFFRACTION' 
_refine.pdbx_overall_phase_error                 ? 
_refine.pdbx_diffrn_id                           1 
_refine.pdbx_TLS_residual_ADP_flag               ? 
_refine.pdbx_overall_SU_R_free_Cruickshank_DPI   ? 
_refine.pdbx_overall_SU_R_Blow_DPI               ? 
_refine.pdbx_overall_SU_R_free_Blow_DPI          ? 
# 
_refine_analyze.entry_id                        3F1J 
_refine_analyze.Luzzati_coordinate_error_obs    0.330 
_refine_analyze.Luzzati_sigma_a_obs             0.300 
_refine_analyze.Luzzati_d_res_low_obs           8.000 
_refine_analyze.Luzzati_coordinate_error_free   0.420 
_refine_analyze.Luzzati_sigma_a_free            0.310 
_refine_analyze.Luzzati_d_res_low_free          ? 
_refine_analyze.number_disordered_residues      ? 
_refine_analyze.occupancy_sum_non_hydrogen      ? 
_refine_analyze.occupancy_sum_hydrogen          ? 
_refine_analyze.pdbx_Luzzati_d_res_high_obs     ? 
_refine_analyze.pdbx_refine_id                  'X-RAY DIFFRACTION' 
# 
_refine_hist.pdbx_refine_id                   'X-RAY DIFFRACTION' 
_refine_hist.cycle_id                         LAST 
_refine_hist.pdbx_number_atoms_protein        1182 
_refine_hist.pdbx_number_atoms_nucleic_acid   0 
_refine_hist.pdbx_number_atoms_ligand         36 
_refine_hist.number_atoms_solvent             39 
_refine_hist.number_atoms_total               1257 
_refine_hist.d_res_high                       2.650 
_refine_hist.d_res_low                        19.540 
# 
loop_
_refine_ls_restr.type 
_refine_ls_restr.number 
_refine_ls_restr.dev_ideal 
_refine_ls_restr.dev_ideal_target 
_refine_ls_restr.weight 
_refine_ls_restr.pdbx_refine_id 
_refine_ls_restr.pdbx_restraint_function 
c_bond_d           ? 0.007  ?     ? 'X-RAY DIFFRACTION' ? 
c_angle_deg        ? 1.400  ?     ? 'X-RAY DIFFRACTION' ? 
c_dihedral_angle_d ? 23.300 ?     ? 'X-RAY DIFFRACTION' ? 
c_improper_angle_d ? 0.880  ?     ? 'X-RAY DIFFRACTION' ? 
c_mcbond_it        ? 1.670  1.500 ? 'X-RAY DIFFRACTION' ? 
c_mcangle_it       ? 2.970  2.000 ? 'X-RAY DIFFRACTION' ? 
c_scbond_it        ? 2.180  2.000 ? 'X-RAY DIFFRACTION' ? 
c_scangle_it       ? 3.460  2.500 ? 'X-RAY DIFFRACTION' ? 
# 
_refine_ls_shell.d_res_high                       2.650 
_refine_ls_shell.d_res_low                        2.770 
_refine_ls_shell.pdbx_total_number_of_bins_used   8 
_refine_ls_shell.percent_reflns_obs               95.400 
_refine_ls_shell.number_reflns_R_work             831 
_refine_ls_shell.R_factor_all                     ? 
_refine_ls_shell.R_factor_R_work                  0.275 
_refine_ls_shell.R_factor_R_free                  0.278 
_refine_ls_shell.percent_reflns_R_free            7.500 
_refine_ls_shell.number_reflns_R_free             67 
_refine_ls_shell.R_factor_R_free_error            0.034 
_refine_ls_shell.number_reflns_all                898 
_refine_ls_shell.number_reflns_obs                898 
_refine_ls_shell.redundancy_reflns_obs            ? 
_refine_ls_shell.pdbx_refine_id                   'X-RAY DIFFRACTION' 
# 
loop_
_pdbx_xplor_file.serial_no 
_pdbx_xplor_file.param_file 
_pdbx_xplor_file.topol_file 
_pdbx_xplor_file.pdbx_refine_id 
1 protein_rep.param protein.top     'X-RAY DIFFRACTION' 
2 dna-rna_rep.param dna-rna_rep.top 'X-RAY DIFFRACTION' 
3 water_rep.param   water_rep.top   'X-RAY DIFFRACTION' 
4 ion.param         ion.top         'X-RAY DIFFRACTION' 
# 
_struct.entry_id                  3F1J 
_struct.title                     
'Crystal structure of the Borna disease virus matrix protein (BDV-M) reveals RNA binding properties' 
_struct.pdbx_model_details        ? 
_struct.pdbx_CASP_flag            ? 
_struct.pdbx_model_type_details   ? 
# 
_struct_keywords.entry_id        3F1J 
_struct_keywords.pdbx_keywords   'VIRAL PROTEIN' 
_struct_keywords.text            
;Viral matrix protein, RNA binding, membrane binding, Viruses, ssRNA negative-strand viruses, Mononegavirales; Bornaviridae, Bornavirus, Alternative splicing, Cytoplasm, Virion, VIRAL PROTEIN
;
# 
loop_
_struct_asym.id 
_struct_asym.pdbx_blank_PDB_chainid_flag 
_struct_asym.pdbx_modified 
_struct_asym.entity_id 
_struct_asym.details 
A N N 1 ? 
B N N 2 ? 
C N N 3 ? 
D N N 3 ? 
E N N 3 ? 
F N N 4 ? 
# 
_struct_ref.id                         1 
_struct_ref.db_name                    UNP 
_struct_ref.db_code                    MATRX_BDV 
_struct_ref.pdbx_db_accession          P52637 
_struct_ref.entity_id                  1 
_struct_ref.pdbx_seq_one_letter_code   
;MNSKHSYVELKDKVIVPGWPTLMLEIDFVGGTSRNQFLNIPFLSVKEPLQLPREKKLTDYFTIDVEPAGHSLVNIYFQID
DFLLLTLNSLSVYKDPIRKYMFLRLNKEQSKHAINAAFNVFSYRLRNIGVGPLGPDIRSSGP
;
_struct_ref.pdbx_align_begin           1 
_struct_ref.pdbx_db_isoform            ? 
# 
_struct_ref_seq.align_id                      1 
_struct_ref_seq.ref_id                        1 
_struct_ref_seq.pdbx_PDB_id_code              3F1J 
_struct_ref_seq.pdbx_strand_id                A 
_struct_ref_seq.seq_align_beg                 1 
_struct_ref_seq.pdbx_seq_align_beg_ins_code   ? 
_struct_ref_seq.seq_align_end                 142 
_struct_ref_seq.pdbx_seq_align_end_ins_code   ? 
_struct_ref_seq.pdbx_db_accession             P52637 
_struct_ref_seq.db_align_beg                  1 
_struct_ref_seq.pdbx_db_align_beg_ins_code    ? 
_struct_ref_seq.db_align_end                  142 
_struct_ref_seq.pdbx_db_align_end_ins_code    ? 
_struct_ref_seq.pdbx_auth_seq_align_beg       1 
_struct_ref_seq.pdbx_auth_seq_align_end       142 
# 
_pdbx_struct_assembly.id                   1 
_pdbx_struct_assembly.details              author_and_software_defined_assembly 
_pdbx_struct_assembly.method_details       PISA 
_pdbx_struct_assembly.oligomeric_details   tetrameric 
_pdbx_struct_assembly.oligomeric_count     4 
# 
loop_
_pdbx_struct_assembly_prop.biol_id 
_pdbx_struct_assembly_prop.type 
_pdbx_struct_assembly_prop.value 
_pdbx_struct_assembly_prop.details 
1 'ABSA (A^2)' 12500 ? 
1 MORE         -142  ? 
1 'SSA (A^2)'  26200 ? 
# 
_pdbx_struct_assembly_gen.assembly_id       1 
_pdbx_struct_assembly_gen.oper_expression   1,2,3,4 
_pdbx_struct_assembly_gen.asym_id_list      A,B,C,D,E,F 
# 
loop_
_pdbx_struct_oper_list.id 
_pdbx_struct_oper_list.type 
_pdbx_struct_oper_list.name 
_pdbx_struct_oper_list.symmetry_operation 
_pdbx_struct_oper_list.matrix[1][1] 
_pdbx_struct_oper_list.matrix[1][2] 
_pdbx_struct_oper_list.matrix[1][3] 
_pdbx_struct_oper_list.vector[1] 
_pdbx_struct_oper_list.matrix[2][1] 
_pdbx_struct_oper_list.matrix[2][2] 
_pdbx_struct_oper_list.matrix[2][3] 
_pdbx_struct_oper_list.vector[2] 
_pdbx_struct_oper_list.matrix[3][1] 
_pdbx_struct_oper_list.matrix[3][2] 
_pdbx_struct_oper_list.matrix[3][3] 
_pdbx_struct_oper_list.vector[3] 
1 'identity operation'         1_555  x,y,z   1.0000000000 0.0000000000  0.0000000000 0.0000000000  0.0000000000  1.0000000000  0.0000000000  0.0000000000  0.0000000000 0.0000000000  1.0000000000  0.0000000000   
2 'crystal symmetry operation' 3_555  -x,y,-z 0.0887650511 -0.1037517929 0.9906343075 25.3792434089 -0.1037517929 -0.9901131704 -0.0944006105 21.5051957157 0.9906343075 -0.0944006105 -0.0986518807 -25.6409761344 
3 'crystal symmetry operation' 21_555 z,y,-x  0.5443825256 0.6194467232  0.5656265756 6.3725606461  -0.7231985161 0.0049434148  0.6906225228  28.7306767052 0.4250077319 -0.7850231333 0.4506740596  -3.9947759418  
4 'crystal symmetry operation' 23_555 -z,y,x  0.5443825256 -0.7231985161 0.4250077319 19.0066827628 0.6194467232  0.0049434148  -0.7850231333 -7.2254809895 0.5656265756 0.6906225228  0.4506740596  -21.6462001926 
# 
_struct_biol.id        1 
_struct_biol.details   ? 
# 
loop_
_struct_conf.conf_type_id 
_struct_conf.id 
_struct_conf.pdbx_PDB_helix_id 
_struct_conf.beg_label_comp_id 
_struct_conf.beg_label_asym_id 
_struct_conf.beg_label_seq_id 
_struct_conf.pdbx_beg_PDB_ins_code 
_struct_conf.end_label_comp_id 
_struct_conf.end_label_asym_id 
_struct_conf.end_label_seq_id 
_struct_conf.pdbx_end_PDB_ins_code 
_struct_conf.beg_auth_comp_id 
_struct_conf.beg_auth_asym_id 
_struct_conf.beg_auth_seq_id 
_struct_conf.end_auth_comp_id 
_struct_conf.end_auth_asym_id 
_struct_conf.end_auth_seq_id 
_struct_conf.pdbx_PDB_helix_class 
_struct_conf.details 
_struct_conf.pdbx_PDB_helix_length 
HELX_P HELX_P1 1 LYS A 11  ? ILE A 15  ? LYS A 11  ILE A 15  5 ? 5  
HELX_P HELX_P2 2 LYS A 56  ? TYR A 60  ? LYS A 56  TYR A 60  1 ? 5  
HELX_P HELX_P3 3 ASP A 80  ? SER A 91  ? ASP A 80  SER A 91  1 ? 12 
HELX_P HELX_P4 4 ASN A 106 ? ALA A 116 ? ASN A 106 ALA A 116 1 ? 11 
HELX_P HELX_P5 5 LEU A 133 ? SER A 140 ? LEU A 133 SER A 140 1 ? 8  
# 
_struct_conf_type.id          HELX_P 
_struct_conf_type.criteria    ? 
_struct_conf_type.reference   ? 
# 
loop_
_struct_conn.id 
_struct_conn.conn_type_id 
_struct_conn.pdbx_leaving_atom_flag 
_struct_conn.pdbx_PDB_id 
_struct_conn.ptnr1_label_asym_id 
_struct_conn.ptnr1_label_comp_id 
_struct_conn.ptnr1_label_seq_id 
_struct_conn.ptnr1_label_atom_id 
_struct_conn.pdbx_ptnr1_label_alt_id 
_struct_conn.pdbx_ptnr1_PDB_ins_code 
_struct_conn.pdbx_ptnr1_standard_comp_id 
_struct_conn.ptnr1_symmetry 
_struct_conn.ptnr2_label_asym_id 
_struct_conn.ptnr2_label_comp_id 
_struct_conn.ptnr2_label_seq_id 
_struct_conn.ptnr2_label_atom_id 
_struct_conn.pdbx_ptnr2_label_alt_id 
_struct_conn.pdbx_ptnr2_PDB_ins_code 
_struct_conn.ptnr1_auth_asym_id 
_struct_conn.ptnr1_auth_comp_id 
_struct_conn.ptnr1_auth_seq_id 
_struct_conn.ptnr2_auth_asym_id 
_struct_conn.ptnr2_auth_comp_id 
_struct_conn.ptnr2_auth_seq_id 
_struct_conn.ptnr2_symmetry 
_struct_conn.pdbx_ptnr3_label_atom_id 
_struct_conn.pdbx_ptnr3_label_seq_id 
_struct_conn.pdbx_ptnr3_label_comp_id 
_struct_conn.pdbx_ptnr3_label_asym_id 
_struct_conn.pdbx_ptnr3_label_alt_id 
_struct_conn.pdbx_ptnr3_PDB_ins_code 
_struct_conn.details 
_struct_conn.pdbx_dist_value 
_struct_conn.pdbx_value_order 
_struct_conn.pdbx_role 
covale1 covale both ? A LEU 22  C ? ? ? 1_555 A MSE 23  N ? ? A LEU 22  A MSE 23  1_555 ? ? ? ? ? ? ? 1.324 ? ? 
covale2 covale both ? A MSE 23  C ? ? ? 1_555 A LEU 24  N ? ? A MSE 23  A LEU 24  1_555 ? ? ? ? ? ? ? 1.328 ? ? 
covale3 covale both ? A TYR 100 C ? ? ? 1_555 A MSE 101 N ? ? A TYR 100 A MSE 101 1_555 ? ? ? ? ? ? ? 1.325 ? ? 
covale4 covale both ? A MSE 101 C ? ? ? 1_555 A PHE 102 N ? ? A MSE 101 A PHE 102 1_555 ? ? ? ? ? ? ? 1.324 ? ? 
# 
_struct_conn_type.id          covale 
_struct_conn_type.criteria    ? 
_struct_conn_type.reference   ? 
# 
loop_
_pdbx_modification_feature.ordinal 
_pdbx_modification_feature.label_comp_id 
_pdbx_modification_feature.label_asym_id 
_pdbx_modification_feature.label_seq_id 
_pdbx_modification_feature.label_alt_id 
_pdbx_modification_feature.modified_residue_label_comp_id 
_pdbx_modification_feature.modified_residue_label_asym_id 
_pdbx_modification_feature.modified_residue_label_seq_id 
_pdbx_modification_feature.modified_residue_label_alt_id 
_pdbx_modification_feature.auth_comp_id 
_pdbx_modification_feature.auth_asym_id 
_pdbx_modification_feature.auth_seq_id 
_pdbx_modification_feature.PDB_ins_code 
_pdbx_modification_feature.symmetry 
_pdbx_modification_feature.modified_residue_auth_comp_id 
_pdbx_modification_feature.modified_residue_auth_asym_id 
_pdbx_modification_feature.modified_residue_auth_seq_id 
_pdbx_modification_feature.modified_residue_PDB_ins_code 
_pdbx_modification_feature.modified_residue_symmetry 
_pdbx_modification_feature.comp_id_linking_atom 
_pdbx_modification_feature.modified_residue_id_linking_atom 
_pdbx_modification_feature.modified_residue_id 
_pdbx_modification_feature.ref_pcm_id 
_pdbx_modification_feature.ref_comp_id 
_pdbx_modification_feature.type 
_pdbx_modification_feature.category 
1 MSE A 23  ? . . . . MSE A 23  ? 1_555 . . . . . . . MET 1 MSE Selenomethionine 'Named protein modification' 
2 MSE A 101 ? . . . . MSE A 101 ? 1_555 . . . . . . . MET 1 MSE Selenomethionine 'Named protein modification' 
# 
loop_
_struct_sheet.id 
_struct_sheet.type 
_struct_sheet.number_strands 
_struct_sheet.details 
A ? 4 ? 
B ? 3 ? 
# 
loop_
_struct_sheet_order.sheet_id 
_struct_sheet_order.range_id_1 
_struct_sheet_order.range_id_2 
_struct_sheet_order.offset 
_struct_sheet_order.sense 
A 1 2 ? parallel      
A 2 3 ? anti-parallel 
A 3 4 ? anti-parallel 
B 1 2 ? anti-parallel 
B 2 3 ? anti-parallel 
# 
loop_
_struct_sheet_range.sheet_id 
_struct_sheet_range.id 
_struct_sheet_range.beg_label_comp_id 
_struct_sheet_range.beg_label_asym_id 
_struct_sheet_range.beg_label_seq_id 
_struct_sheet_range.pdbx_beg_PDB_ins_code 
_struct_sheet_range.end_label_comp_id 
_struct_sheet_range.end_label_asym_id 
_struct_sheet_range.end_label_seq_id 
_struct_sheet_range.pdbx_end_PDB_ins_code 
_struct_sheet_range.beg_auth_comp_id 
_struct_sheet_range.beg_auth_asym_id 
_struct_sheet_range.beg_auth_seq_id 
_struct_sheet_range.end_auth_comp_id 
_struct_sheet_range.end_auth_asym_id 
_struct_sheet_range.end_auth_seq_id 
A 1 VAL A 8   ? GLU A 9   ? VAL A 8   GLU A 9   
A 2 TYR A 100 ? ARG A 104 ? TYR A 100 ARG A 104 
A 3 VAL A 73  ? ILE A 79  ? VAL A 73  ILE A 79  
A 4 PHE A 61  ? PRO A 67  ? PHE A 61  PRO A 67  
B 1 PHE A 37  ? SER A 44  ? PHE A 37  SER A 44  
B 2 THR A 21  ? ASP A 27  ? THR A 21  ASP A 27  
B 3 SER A 122 ? ILE A 128 ? SER A 122 ILE A 128 
# 
loop_
_pdbx_struct_sheet_hbond.sheet_id 
_pdbx_struct_sheet_hbond.range_id_1 
_pdbx_struct_sheet_hbond.range_id_2 
_pdbx_struct_sheet_hbond.range_1_label_atom_id 
_pdbx_struct_sheet_hbond.range_1_label_comp_id 
_pdbx_struct_sheet_hbond.range_1_label_asym_id 
_pdbx_struct_sheet_hbond.range_1_label_seq_id 
_pdbx_struct_sheet_hbond.range_1_PDB_ins_code 
_pdbx_struct_sheet_hbond.range_1_auth_atom_id 
_pdbx_struct_sheet_hbond.range_1_auth_comp_id 
_pdbx_struct_sheet_hbond.range_1_auth_asym_id 
_pdbx_struct_sheet_hbond.range_1_auth_seq_id 
_pdbx_struct_sheet_hbond.range_2_label_atom_id 
_pdbx_struct_sheet_hbond.range_2_label_comp_id 
_pdbx_struct_sheet_hbond.range_2_label_asym_id 
_pdbx_struct_sheet_hbond.range_2_label_seq_id 
_pdbx_struct_sheet_hbond.range_2_PDB_ins_code 
_pdbx_struct_sheet_hbond.range_2_auth_atom_id 
_pdbx_struct_sheet_hbond.range_2_auth_comp_id 
_pdbx_struct_sheet_hbond.range_2_auth_asym_id 
_pdbx_struct_sheet_hbond.range_2_auth_seq_id 
A 1 2 N VAL A 8   ? N VAL A 8   O TYR A 100 ? O TYR A 100 
A 2 3 O MSE A 101 ? O MSE A 101 N PHE A 77  ? N PHE A 77  
A 3 4 O ASN A 74  ? O ASN A 74  N GLU A 66  ? N GLU A 66  
B 1 2 O LEU A 38  ? O LEU A 38  N ILE A 26  ? N ILE A 26  
B 2 3 N MSE A 23  ? N MSE A 23  O ARG A 126 ? O ARG A 126 
# 
loop_
_struct_site.id 
_struct_site.pdbx_evidence_code 
_struct_site.pdbx_auth_asym_id 
_struct_site.pdbx_auth_comp_id 
_struct_site.pdbx_auth_seq_id 
_struct_site.pdbx_auth_ins_code 
_struct_site.pdbx_num_residues 
_struct_site.details 
AC1 Software A C5P 300 ? 6 'BINDING SITE FOR RESIDUE C5P A 300' 
AC2 Software A SO4 301 ? 2 'BINDING SITE FOR RESIDUE SO4 A 301' 
AC3 Software A SO4 302 ? 2 'BINDING SITE FOR RESIDUE SO4 A 302' 
AC4 Software A SO4 303 ? 1 'BINDING SITE FOR RESIDUE SO4 A 303' 
# 
loop_
_struct_site_gen.id 
_struct_site_gen.site_id 
_struct_site_gen.pdbx_num_res 
_struct_site_gen.label_comp_id 
_struct_site_gen.label_asym_id 
_struct_site_gen.label_seq_id 
_struct_site_gen.pdbx_auth_ins_code 
_struct_site_gen.auth_comp_id 
_struct_site_gen.auth_asym_id 
_struct_site_gen.auth_seq_id 
_struct_site_gen.label_atom_id 
_struct_site_gen.label_alt_id 
_struct_site_gen.symmetry 
_struct_site_gen.details 
1  AC1 6 GLN A 36  ? GLN A 36  . ? 1_555  ? 
2  AC1 6 PHE A 37  ? PHE A 37  . ? 1_555  ? 
3  AC1 6 LYS A 111 ? LYS A 111 . ? 21_555 ? 
4  AC1 6 HIS A 112 ? HIS A 112 . ? 1_555  ? 
5  AC1 6 ASN A 115 ? ASN A 115 . ? 21_555 ? 
6  AC1 6 HOH F .   ? HOH A 226 . ? 1_555  ? 
7  AC2 2 ARG A 126 ? ARG A 126 . ? 1_555  ? 
8  AC2 2 ASN A 127 ? ASN A 127 . ? 1_555  ? 
9  AC3 2 TYR A 93  ? TYR A 93  . ? 4_565  ? 
10 AC3 2 HOH F .   ? HOH A 219 . ? 4_565  ? 
11 AC4 1 LYS A 55  ? LYS A 55  . ? 43_555 ? 
# 
_pdbx_entry_details.entry_id                   3F1J 
_pdbx_entry_details.compound_details           ? 
_pdbx_entry_details.source_details             ? 
_pdbx_entry_details.nonpolymer_details         ? 
_pdbx_entry_details.sequence_details           ? 
_pdbx_entry_details.has_ligand_of_interest     ? 
_pdbx_entry_details.has_protein_modification   Y 
# 
_pdbx_validate_symm_contact.id                1 
_pdbx_validate_symm_contact.PDB_model_num     1 
_pdbx_validate_symm_contact.auth_atom_id_1    O2P 
_pdbx_validate_symm_contact.auth_asym_id_1    A 
_pdbx_validate_symm_contact.auth_comp_id_1    C5P 
_pdbx_validate_symm_contact.auth_seq_id_1     300 
_pdbx_validate_symm_contact.PDB_ins_code_1    ? 
_pdbx_validate_symm_contact.label_alt_id_1    ? 
_pdbx_validate_symm_contact.site_symmetry_1   1_555 
_pdbx_validate_symm_contact.auth_atom_id_2    "O3'" 
_pdbx_validate_symm_contact.auth_asym_id_2    A 
_pdbx_validate_symm_contact.auth_comp_id_2    C5P 
_pdbx_validate_symm_contact.auth_seq_id_2     300 
_pdbx_validate_symm_contact.PDB_ins_code_2    ? 
_pdbx_validate_symm_contact.label_alt_id_2    ? 
_pdbx_validate_symm_contact.site_symmetry_2   21_555 
_pdbx_validate_symm_contact.dist              1.60 
# 
loop_
_pdbx_validate_torsion.id 
_pdbx_validate_torsion.PDB_model_num 
_pdbx_validate_torsion.auth_comp_id 
_pdbx_validate_torsion.auth_asym_id 
_pdbx_validate_torsion.auth_seq_id 
_pdbx_validate_torsion.PDB_ins_code 
_pdbx_validate_torsion.label_alt_id 
_pdbx_validate_torsion.phi 
_pdbx_validate_torsion.psi 
1  1 PHE A 28  ? ? -100.06 -88.44  
2  1 THR A 32  ? ? -69.79  89.70   
3  1 ASN A 35  ? ? -147.11 -141.53 
4  1 GLN A 50  ? A -153.00 82.44   
5  1 GLN A 50  ? B -152.98 82.86   
6  1 ARG A 53  ? A -45.48  -75.59  
7  1 ARG A 53  ? B -48.10  -72.56  
8  1 GLU A 54  ? ? -48.06  -74.85  
9  1 GLU A 54  ? ? -48.04  -74.85  
10 1 LYS A 55  ? ? -32.05  143.69  
11 1 SER A 71  ? ? -146.25 -22.00  
12 1 ASP A 95  ? ? 11.45   77.90   
13 1 PHE A 118 ? ? 59.18   19.09   
14 1 SER A 140 ? ? -83.84  40.06   
# 
loop_
_pdbx_struct_mod_residue.id 
_pdbx_struct_mod_residue.label_asym_id 
_pdbx_struct_mod_residue.label_comp_id 
_pdbx_struct_mod_residue.label_seq_id 
_pdbx_struct_mod_residue.auth_asym_id 
_pdbx_struct_mod_residue.auth_comp_id 
_pdbx_struct_mod_residue.auth_seq_id 
_pdbx_struct_mod_residue.PDB_ins_code 
_pdbx_struct_mod_residue.parent_comp_id 
_pdbx_struct_mod_residue.details 
1 A MSE 23  A MSE 23  ? MET SELENOMETHIONINE 
2 A MSE 101 A MSE 101 ? MET SELENOMETHIONINE 
# 
loop_
_pdbx_struct_special_symmetry.id 
_pdbx_struct_special_symmetry.PDB_model_num 
_pdbx_struct_special_symmetry.auth_asym_id 
_pdbx_struct_special_symmetry.auth_comp_id 
_pdbx_struct_special_symmetry.auth_seq_id 
_pdbx_struct_special_symmetry.PDB_ins_code 
_pdbx_struct_special_symmetry.label_asym_id 
_pdbx_struct_special_symmetry.label_comp_id 
_pdbx_struct_special_symmetry.label_seq_id 
1 1 A SO4 302 ? D SO4 . 
2 1 A SO4 303 ? E SO4 . 
3 1 A HOH 228 ? F HOH . 
# 
_diffrn_reflns.diffrn_id                   1 
_diffrn_reflns.pdbx_d_res_high             2.590 
_diffrn_reflns.pdbx_d_res_low              ? 
_diffrn_reflns.pdbx_number_obs             14675 
_diffrn_reflns.pdbx_Rmerge_I_obs           0.091 
_diffrn_reflns.pdbx_Rsym_value             ? 
_diffrn_reflns.pdbx_chi_squared            ? 
_diffrn_reflns.av_sigmaI_over_netI         ? 
_diffrn_reflns.pdbx_redundancy             ? 
_diffrn_reflns.pdbx_percent_possible_obs   98.50 
_diffrn_reflns.number                      59411 
_diffrn_reflns.pdbx_observed_criterion     ? 
_diffrn_reflns.limit_h_max                 ? 
_diffrn_reflns.limit_h_min                 ? 
_diffrn_reflns.limit_k_max                 ? 
_diffrn_reflns.limit_k_min                 ? 
_diffrn_reflns.limit_l_max                 ? 
_diffrn_reflns.limit_l_min                 ? 
# 
loop_
_pdbx_diffrn_reflns_shell.diffrn_id 
_pdbx_diffrn_reflns_shell.d_res_high 
_pdbx_diffrn_reflns_shell.d_res_low 
_pdbx_diffrn_reflns_shell.number_obs 
_pdbx_diffrn_reflns_shell.rejects 
_pdbx_diffrn_reflns_shell.Rmerge_I_obs 
_pdbx_diffrn_reflns_shell.Rsym_value 
_pdbx_diffrn_reflns_shell.chi_squared 
_pdbx_diffrn_reflns_shell.redundancy 
_pdbx_diffrn_reflns_shell.percent_possible_obs 
1 10.00 20.00 211  ? 0.066 ? ? ? 88.30 
1 6.00  10.00 921  ? 0.069 ? ? ? 98.20 
1 5.00  6.00  879  ? 0.068 ? ? ? 99.40 
1 4.00  5.00  1967 ? 0.071 ? ? ? 99.60 
1 3.00  4.00  5529 ? 0.109 ? ? ? 99.90 
1 2.80  3.00  2188 ? 0.315 ? ? ? 99.60 
1 2.70  2.80  1358 ? 0.469 ? ? ? 99.30 
1 2.59  2.70  1622 ? 0.628 ? ? ? 94.40 
# 
_phasing.method   MAD 
# 
loop_
_pdbx_unobs_or_zero_occ_residues.id 
_pdbx_unobs_or_zero_occ_residues.PDB_model_num 
_pdbx_unobs_or_zero_occ_residues.polymer_flag 
_pdbx_unobs_or_zero_occ_residues.occupancy_flag 
_pdbx_unobs_or_zero_occ_residues.auth_asym_id 
_pdbx_unobs_or_zero_occ_residues.auth_comp_id 
_pdbx_unobs_or_zero_occ_residues.auth_seq_id 
_pdbx_unobs_or_zero_occ_residues.PDB_ins_code 
_pdbx_unobs_or_zero_occ_residues.label_asym_id 
_pdbx_unobs_or_zero_occ_residues.label_comp_id 
_pdbx_unobs_or_zero_occ_residues.label_seq_id 
1 1 Y 1 A MET 1 ? A MET 1 
2 1 Y 1 A ASN 2 ? A ASN 2 
# 
loop_
_chem_comp_atom.comp_id 
_chem_comp_atom.atom_id 
_chem_comp_atom.type_symbol 
_chem_comp_atom.pdbx_aromatic_flag 
_chem_comp_atom.pdbx_stereo_config 
_chem_comp_atom.pdbx_ordinal 
ALA N      N  N N 1   
ALA CA     C  N S 2   
ALA C      C  N N 3   
ALA O      O  N N 4   
ALA CB     C  N N 5   
ALA OXT    O  N N 6   
ALA H      H  N N 7   
ALA H2     H  N N 8   
ALA HA     H  N N 9   
ALA HB1    H  N N 10  
ALA HB2    H  N N 11  
ALA HB3    H  N N 12  
ALA HXT    H  N N 13  
ARG N      N  N N 14  
ARG CA     C  N S 15  
ARG C      C  N N 16  
ARG O      O  N N 17  
ARG CB     C  N N 18  
ARG CG     C  N N 19  
ARG CD     C  N N 20  
ARG NE     N  N N 21  
ARG CZ     C  N N 22  
ARG NH1    N  N N 23  
ARG NH2    N  N N 24  
ARG OXT    O  N N 25  
ARG H      H  N N 26  
ARG H2     H  N N 27  
ARG HA     H  N N 28  
ARG HB2    H  N N 29  
ARG HB3    H  N N 30  
ARG HG2    H  N N 31  
ARG HG3    H  N N 32  
ARG HD2    H  N N 33  
ARG HD3    H  N N 34  
ARG HE     H  N N 35  
ARG HH11   H  N N 36  
ARG HH12   H  N N 37  
ARG HH21   H  N N 38  
ARG HH22   H  N N 39  
ARG HXT    H  N N 40  
ASN N      N  N N 41  
ASN CA     C  N S 42  
ASN C      C  N N 43  
ASN O      O  N N 44  
ASN CB     C  N N 45  
ASN CG     C  N N 46  
ASN OD1    O  N N 47  
ASN ND2    N  N N 48  
ASN OXT    O  N N 49  
ASN H      H  N N 50  
ASN H2     H  N N 51  
ASN HA     H  N N 52  
ASN HB2    H  N N 53  
ASN HB3    H  N N 54  
ASN HD21   H  N N 55  
ASN HD22   H  N N 56  
ASN HXT    H  N N 57  
ASP N      N  N N 58  
ASP CA     C  N S 59  
ASP C      C  N N 60  
ASP O      O  N N 61  
ASP CB     C  N N 62  
ASP CG     C  N N 63  
ASP OD1    O  N N 64  
ASP OD2    O  N N 65  
ASP OXT    O  N N 66  
ASP H      H  N N 67  
ASP H2     H  N N 68  
ASP HA     H  N N 69  
ASP HB2    H  N N 70  
ASP HB3    H  N N 71  
ASP HD2    H  N N 72  
ASP HXT    H  N N 73  
C5P O3P    O  N N 74  
C5P P      P  N N 75  
C5P O1P    O  N N 76  
C5P O2P    O  N N 77  
C5P "O5'"  O  N N 78  
C5P "C5'"  C  N N 79  
C5P "C4'"  C  N R 80  
C5P "O4'"  O  N N 81  
C5P "C3'"  C  N S 82  
C5P "O3'"  O  N N 83  
C5P "C2'"  C  N R 84  
C5P "O2'"  O  N N 85  
C5P "C1'"  C  N R 86  
C5P N1     N  N N 87  
C5P C2     C  N N 88  
C5P N3     N  N N 89  
C5P C4     C  N N 90  
C5P C5     C  N N 91  
C5P C6     C  N N 92  
C5P O2     O  N N 93  
C5P N4     N  N N 94  
C5P HOP3   H  N N 95  
C5P HOP2   H  N N 96  
C5P "H5'1" H  N N 97  
C5P "H5'2" H  N N 98  
C5P "H4'"  H  N N 99  
C5P "H3'"  H  N N 100 
C5P "HO3'" H  N N 101 
C5P "H2'1" H  N N 102 
C5P "HO2'" H  N N 103 
C5P "H1'"  H  N N 104 
C5P H5     H  N N 105 
C5P H6     H  N N 106 
C5P HN41   H  N N 107 
C5P HN42   H  N N 108 
GLN N      N  N N 109 
GLN CA     C  N S 110 
GLN C      C  N N 111 
GLN O      O  N N 112 
GLN CB     C  N N 113 
GLN CG     C  N N 114 
GLN CD     C  N N 115 
GLN OE1    O  N N 116 
GLN NE2    N  N N 117 
GLN OXT    O  N N 118 
GLN H      H  N N 119 
GLN H2     H  N N 120 
GLN HA     H  N N 121 
GLN HB2    H  N N 122 
GLN HB3    H  N N 123 
GLN HG2    H  N N 124 
GLN HG3    H  N N 125 
GLN HE21   H  N N 126 
GLN HE22   H  N N 127 
GLN HXT    H  N N 128 
GLU N      N  N N 129 
GLU CA     C  N S 130 
GLU C      C  N N 131 
GLU O      O  N N 132 
GLU CB     C  N N 133 
GLU CG     C  N N 134 
GLU CD     C  N N 135 
GLU OE1    O  N N 136 
GLU OE2    O  N N 137 
GLU OXT    O  N N 138 
GLU H      H  N N 139 
GLU H2     H  N N 140 
GLU HA     H  N N 141 
GLU HB2    H  N N 142 
GLU HB3    H  N N 143 
GLU HG2    H  N N 144 
GLU HG3    H  N N 145 
GLU HE2    H  N N 146 
GLU HXT    H  N N 147 
GLY N      N  N N 148 
GLY CA     C  N N 149 
GLY C      C  N N 150 
GLY O      O  N N 151 
GLY OXT    O  N N 152 
GLY H      H  N N 153 
GLY H2     H  N N 154 
GLY HA2    H  N N 155 
GLY HA3    H  N N 156 
GLY HXT    H  N N 157 
HIS N      N  N N 158 
HIS CA     C  N S 159 
HIS C      C  N N 160 
HIS O      O  N N 161 
HIS CB     C  N N 162 
HIS CG     C  Y N 163 
HIS ND1    N  Y N 164 
HIS CD2    C  Y N 165 
HIS CE1    C  Y N 166 
HIS NE2    N  Y N 167 
HIS OXT    O  N N 168 
HIS H      H  N N 169 
HIS H2     H  N N 170 
HIS HA     H  N N 171 
HIS HB2    H  N N 172 
HIS HB3    H  N N 173 
HIS HD1    H  N N 174 
HIS HD2    H  N N 175 
HIS HE1    H  N N 176 
HIS HE2    H  N N 177 
HIS HXT    H  N N 178 
HOH O      O  N N 179 
HOH H1     H  N N 180 
HOH H2     H  N N 181 
ILE N      N  N N 182 
ILE CA     C  N S 183 
ILE C      C  N N 184 
ILE O      O  N N 185 
ILE CB     C  N S 186 
ILE CG1    C  N N 187 
ILE CG2    C  N N 188 
ILE CD1    C  N N 189 
ILE OXT    O  N N 190 
ILE H      H  N N 191 
ILE H2     H  N N 192 
ILE HA     H  N N 193 
ILE HB     H  N N 194 
ILE HG12   H  N N 195 
ILE HG13   H  N N 196 
ILE HG21   H  N N 197 
ILE HG22   H  N N 198 
ILE HG23   H  N N 199 
ILE HD11   H  N N 200 
ILE HD12   H  N N 201 
ILE HD13   H  N N 202 
ILE HXT    H  N N 203 
LEU N      N  N N 204 
LEU CA     C  N S 205 
LEU C      C  N N 206 
LEU O      O  N N 207 
LEU CB     C  N N 208 
LEU CG     C  N N 209 
LEU CD1    C  N N 210 
LEU CD2    C  N N 211 
LEU OXT    O  N N 212 
LEU H      H  N N 213 
LEU H2     H  N N 214 
LEU HA     H  N N 215 
LEU HB2    H  N N 216 
LEU HB3    H  N N 217 
LEU HG     H  N N 218 
LEU HD11   H  N N 219 
LEU HD12   H  N N 220 
LEU HD13   H  N N 221 
LEU HD21   H  N N 222 
LEU HD22   H  N N 223 
LEU HD23   H  N N 224 
LEU HXT    H  N N 225 
LYS N      N  N N 226 
LYS CA     C  N S 227 
LYS C      C  N N 228 
LYS O      O  N N 229 
LYS CB     C  N N 230 
LYS CG     C  N N 231 
LYS CD     C  N N 232 
LYS CE     C  N N 233 
LYS NZ     N  N N 234 
LYS OXT    O  N N 235 
LYS H      H  N N 236 
LYS H2     H  N N 237 
LYS HA     H  N N 238 
LYS HB2    H  N N 239 
LYS HB3    H  N N 240 
LYS HG2    H  N N 241 
LYS HG3    H  N N 242 
LYS HD2    H  N N 243 
LYS HD3    H  N N 244 
LYS HE2    H  N N 245 
LYS HE3    H  N N 246 
LYS HZ1    H  N N 247 
LYS HZ2    H  N N 248 
LYS HZ3    H  N N 249 
LYS HXT    H  N N 250 
MET N      N  N N 251 
MET CA     C  N S 252 
MET C      C  N N 253 
MET O      O  N N 254 
MET CB     C  N N 255 
MET CG     C  N N 256 
MET SD     S  N N 257 
MET CE     C  N N 258 
MET OXT    O  N N 259 
MET H      H  N N 260 
MET H2     H  N N 261 
MET HA     H  N N 262 
MET HB2    H  N N 263 
MET HB3    H  N N 264 
MET HG2    H  N N 265 
MET HG3    H  N N 266 
MET HE1    H  N N 267 
MET HE2    H  N N 268 
MET HE3    H  N N 269 
MET HXT    H  N N 270 
MSE N      N  N N 271 
MSE CA     C  N S 272 
MSE C      C  N N 273 
MSE O      O  N N 274 
MSE OXT    O  N N 275 
MSE CB     C  N N 276 
MSE CG     C  N N 277 
MSE SE     SE N N 278 
MSE CE     C  N N 279 
MSE H      H  N N 280 
MSE H2     H  N N 281 
MSE HA     H  N N 282 
MSE HXT    H  N N 283 
MSE HB2    H  N N 284 
MSE HB3    H  N N 285 
MSE HG2    H  N N 286 
MSE HG3    H  N N 287 
MSE HE1    H  N N 288 
MSE HE2    H  N N 289 
MSE HE3    H  N N 290 
PHE N      N  N N 291 
PHE CA     C  N S 292 
PHE C      C  N N 293 
PHE O      O  N N 294 
PHE CB     C  N N 295 
PHE CG     C  Y N 296 
PHE CD1    C  Y N 297 
PHE CD2    C  Y N 298 
PHE CE1    C  Y N 299 
PHE CE2    C  Y N 300 
PHE CZ     C  Y N 301 
PHE OXT    O  N N 302 
PHE H      H  N N 303 
PHE H2     H  N N 304 
PHE HA     H  N N 305 
PHE HB2    H  N N 306 
PHE HB3    H  N N 307 
PHE HD1    H  N N 308 
PHE HD2    H  N N 309 
PHE HE1    H  N N 310 
PHE HE2    H  N N 311 
PHE HZ     H  N N 312 
PHE HXT    H  N N 313 
PRO N      N  N N 314 
PRO CA     C  N S 315 
PRO C      C  N N 316 
PRO O      O  N N 317 
PRO CB     C  N N 318 
PRO CG     C  N N 319 
PRO CD     C  N N 320 
PRO OXT    O  N N 321 
PRO H      H  N N 322 
PRO HA     H  N N 323 
PRO HB2    H  N N 324 
PRO HB3    H  N N 325 
PRO HG2    H  N N 326 
PRO HG3    H  N N 327 
PRO HD2    H  N N 328 
PRO HD3    H  N N 329 
PRO HXT    H  N N 330 
SER N      N  N N 331 
SER CA     C  N S 332 
SER C      C  N N 333 
SER O      O  N N 334 
SER CB     C  N N 335 
SER OG     O  N N 336 
SER OXT    O  N N 337 
SER H      H  N N 338 
SER H2     H  N N 339 
SER HA     H  N N 340 
SER HB2    H  N N 341 
SER HB3    H  N N 342 
SER HG     H  N N 343 
SER HXT    H  N N 344 
SO4 S      S  N N 345 
SO4 O1     O  N N 346 
SO4 O2     O  N N 347 
SO4 O3     O  N N 348 
SO4 O4     O  N N 349 
THR N      N  N N 350 
THR CA     C  N S 351 
THR C      C  N N 352 
THR O      O  N N 353 
THR CB     C  N R 354 
THR OG1    O  N N 355 
THR CG2    C  N N 356 
THR OXT    O  N N 357 
THR H      H  N N 358 
THR H2     H  N N 359 
THR HA     H  N N 360 
THR HB     H  N N 361 
THR HG1    H  N N 362 
THR HG21   H  N N 363 
THR HG22   H  N N 364 
THR HG23   H  N N 365 
THR HXT    H  N N 366 
TRP N      N  N N 367 
TRP CA     C  N S 368 
TRP C      C  N N 369 
TRP O      O  N N 370 
TRP CB     C  N N 371 
TRP CG     C  Y N 372 
TRP CD1    C  Y N 373 
TRP CD2    C  Y N 374 
TRP NE1    N  Y N 375 
TRP CE2    C  Y N 376 
TRP CE3    C  Y N 377 
TRP CZ2    C  Y N 378 
TRP CZ3    C  Y N 379 
TRP CH2    C  Y N 380 
TRP OXT    O  N N 381 
TRP H      H  N N 382 
TRP H2     H  N N 383 
TRP HA     H  N N 384 
TRP HB2    H  N N 385 
TRP HB3    H  N N 386 
TRP HD1    H  N N 387 
TRP HE1    H  N N 388 
TRP HE3    H  N N 389 
TRP HZ2    H  N N 390 
TRP HZ3    H  N N 391 
TRP HH2    H  N N 392 
TRP HXT    H  N N 393 
TYR N      N  N N 394 
TYR CA     C  N S 395 
TYR C      C  N N 396 
TYR O      O  N N 397 
TYR CB     C  N N 398 
TYR CG     C  Y N 399 
TYR CD1    C  Y N 400 
TYR CD2    C  Y N 401 
TYR CE1    C  Y N 402 
TYR CE2    C  Y N 403 
TYR CZ     C  Y N 404 
TYR OH     O  N N 405 
TYR OXT    O  N N 406 
TYR H      H  N N 407 
TYR H2     H  N N 408 
TYR HA     H  N N 409 
TYR HB2    H  N N 410 
TYR HB3    H  N N 411 
TYR HD1    H  N N 412 
TYR HD2    H  N N 413 
TYR HE1    H  N N 414 
TYR HE2    H  N N 415 
TYR HH     H  N N 416 
TYR HXT    H  N N 417 
VAL N      N  N N 418 
VAL CA     C  N S 419 
VAL C      C  N N 420 
VAL O      O  N N 421 
VAL CB     C  N N 422 
VAL CG1    C  N N 423 
VAL CG2    C  N N 424 
VAL OXT    O  N N 425 
VAL H      H  N N 426 
VAL H2     H  N N 427 
VAL HA     H  N N 428 
VAL HB     H  N N 429 
VAL HG11   H  N N 430 
VAL HG12   H  N N 431 
VAL HG13   H  N N 432 
VAL HG21   H  N N 433 
VAL HG22   H  N N 434 
VAL HG23   H  N N 435 
VAL HXT    H  N N 436 
# 
loop_
_chem_comp_bond.comp_id 
_chem_comp_bond.atom_id_1 
_chem_comp_bond.atom_id_2 
_chem_comp_bond.value_order 
_chem_comp_bond.pdbx_aromatic_flag 
_chem_comp_bond.pdbx_stereo_config 
_chem_comp_bond.pdbx_ordinal 
ALA N     CA     sing N N 1   
ALA N     H      sing N N 2   
ALA N     H2     sing N N 3   
ALA CA    C      sing N N 4   
ALA CA    CB     sing N N 5   
ALA CA    HA     sing N N 6   
ALA C     O      doub N N 7   
ALA C     OXT    sing N N 8   
ALA CB    HB1    sing N N 9   
ALA CB    HB2    sing N N 10  
ALA CB    HB3    sing N N 11  
ALA OXT   HXT    sing N N 12  
ARG N     CA     sing N N 13  
ARG N     H      sing N N 14  
ARG N     H2     sing N N 15  
ARG CA    C      sing N N 16  
ARG CA    CB     sing N N 17  
ARG CA    HA     sing N N 18  
ARG C     O      doub N N 19  
ARG C     OXT    sing N N 20  
ARG CB    CG     sing N N 21  
ARG CB    HB2    sing N N 22  
ARG CB    HB3    sing N N 23  
ARG CG    CD     sing N N 24  
ARG CG    HG2    sing N N 25  
ARG CG    HG3    sing N N 26  
ARG CD    NE     sing N N 27  
ARG CD    HD2    sing N N 28  
ARG CD    HD3    sing N N 29  
ARG NE    CZ     sing N N 30  
ARG NE    HE     sing N N 31  
ARG CZ    NH1    sing N N 32  
ARG CZ    NH2    doub N N 33  
ARG NH1   HH11   sing N N 34  
ARG NH1   HH12   sing N N 35  
ARG NH2   HH21   sing N N 36  
ARG NH2   HH22   sing N N 37  
ARG OXT   HXT    sing N N 38  
ASN N     CA     sing N N 39  
ASN N     H      sing N N 40  
ASN N     H2     sing N N 41  
ASN CA    C      sing N N 42  
ASN CA    CB     sing N N 43  
ASN CA    HA     sing N N 44  
ASN C     O      doub N N 45  
ASN C     OXT    sing N N 46  
ASN CB    CG     sing N N 47  
ASN CB    HB2    sing N N 48  
ASN CB    HB3    sing N N 49  
ASN CG    OD1    doub N N 50  
ASN CG    ND2    sing N N 51  
ASN ND2   HD21   sing N N 52  
ASN ND2   HD22   sing N N 53  
ASN OXT   HXT    sing N N 54  
ASP N     CA     sing N N 55  
ASP N     H      sing N N 56  
ASP N     H2     sing N N 57  
ASP CA    C      sing N N 58  
ASP CA    CB     sing N N 59  
ASP CA    HA     sing N N 60  
ASP C     O      doub N N 61  
ASP C     OXT    sing N N 62  
ASP CB    CG     sing N N 63  
ASP CB    HB2    sing N N 64  
ASP CB    HB3    sing N N 65  
ASP CG    OD1    doub N N 66  
ASP CG    OD2    sing N N 67  
ASP OD2   HD2    sing N N 68  
ASP OXT   HXT    sing N N 69  
C5P O3P   P      sing N N 70  
C5P O3P   HOP3   sing N N 71  
C5P P     O1P    doub N N 72  
C5P P     O2P    sing N N 73  
C5P P     "O5'"  sing N N 74  
C5P O2P   HOP2   sing N N 75  
C5P "O5'" "C5'"  sing N N 76  
C5P "C5'" "C4'"  sing N N 77  
C5P "C5'" "H5'1" sing N N 78  
C5P "C5'" "H5'2" sing N N 79  
C5P "C4'" "O4'"  sing N N 80  
C5P "C4'" "C3'"  sing N N 81  
C5P "C4'" "H4'"  sing N N 82  
C5P "O4'" "C1'"  sing N N 83  
C5P "C3'" "O3'"  sing N N 84  
C5P "C3'" "C2'"  sing N N 85  
C5P "C3'" "H3'"  sing N N 86  
C5P "O3'" "HO3'" sing N N 87  
C5P "C2'" "O2'"  sing N N 88  
C5P "C2'" "C1'"  sing N N 89  
C5P "C2'" "H2'1" sing N N 90  
C5P "O2'" "HO2'" sing N N 91  
C5P "C1'" N1     sing N N 92  
C5P "C1'" "H1'"  sing N N 93  
C5P N1    C2     sing N N 94  
C5P N1    C6     sing N N 95  
C5P C2    N3     sing N N 96  
C5P C2    O2     doub N N 97  
C5P N3    C4     doub N N 98  
C5P C4    C5     sing N N 99  
C5P C4    N4     sing N N 100 
C5P C5    C6     doub N N 101 
C5P C5    H5     sing N N 102 
C5P C6    H6     sing N N 103 
C5P N4    HN41   sing N N 104 
C5P N4    HN42   sing N N 105 
GLN N     CA     sing N N 106 
GLN N     H      sing N N 107 
GLN N     H2     sing N N 108 
GLN CA    C      sing N N 109 
GLN CA    CB     sing N N 110 
GLN CA    HA     sing N N 111 
GLN C     O      doub N N 112 
GLN C     OXT    sing N N 113 
GLN CB    CG     sing N N 114 
GLN CB    HB2    sing N N 115 
GLN CB    HB3    sing N N 116 
GLN CG    CD     sing N N 117 
GLN CG    HG2    sing N N 118 
GLN CG    HG3    sing N N 119 
GLN CD    OE1    doub N N 120 
GLN CD    NE2    sing N N 121 
GLN NE2   HE21   sing N N 122 
GLN NE2   HE22   sing N N 123 
GLN OXT   HXT    sing N N 124 
GLU N     CA     sing N N 125 
GLU N     H      sing N N 126 
GLU N     H2     sing N N 127 
GLU CA    C      sing N N 128 
GLU CA    CB     sing N N 129 
GLU CA    HA     sing N N 130 
GLU C     O      doub N N 131 
GLU C     OXT    sing N N 132 
GLU CB    CG     sing N N 133 
GLU CB    HB2    sing N N 134 
GLU CB    HB3    sing N N 135 
GLU CG    CD     sing N N 136 
GLU CG    HG2    sing N N 137 
GLU CG    HG3    sing N N 138 
GLU CD    OE1    doub N N 139 
GLU CD    OE2    sing N N 140 
GLU OE2   HE2    sing N N 141 
GLU OXT   HXT    sing N N 142 
GLY N     CA     sing N N 143 
GLY N     H      sing N N 144 
GLY N     H2     sing N N 145 
GLY CA    C      sing N N 146 
GLY CA    HA2    sing N N 147 
GLY CA    HA3    sing N N 148 
GLY C     O      doub N N 149 
GLY C     OXT    sing N N 150 
GLY OXT   HXT    sing N N 151 
HIS N     CA     sing N N 152 
HIS N     H      sing N N 153 
HIS N     H2     sing N N 154 
HIS CA    C      sing N N 155 
HIS CA    CB     sing N N 156 
HIS CA    HA     sing N N 157 
HIS C     O      doub N N 158 
HIS C     OXT    sing N N 159 
HIS CB    CG     sing N N 160 
HIS CB    HB2    sing N N 161 
HIS CB    HB3    sing N N 162 
HIS CG    ND1    sing Y N 163 
HIS CG    CD2    doub Y N 164 
HIS ND1   CE1    doub Y N 165 
HIS ND1   HD1    sing N N 166 
HIS CD2   NE2    sing Y N 167 
HIS CD2   HD2    sing N N 168 
HIS CE1   NE2    sing Y N 169 
HIS CE1   HE1    sing N N 170 
HIS NE2   HE2    sing N N 171 
HIS OXT   HXT    sing N N 172 
HOH O     H1     sing N N 173 
HOH O     H2     sing N N 174 
ILE N     CA     sing N N 175 
ILE N     H      sing N N 176 
ILE N     H2     sing N N 177 
ILE CA    C      sing N N 178 
ILE CA    CB     sing N N 179 
ILE CA    HA     sing N N 180 
ILE C     O      doub N N 181 
ILE C     OXT    sing N N 182 
ILE CB    CG1    sing N N 183 
ILE CB    CG2    sing N N 184 
ILE CB    HB     sing N N 185 
ILE CG1   CD1    sing N N 186 
ILE CG1   HG12   sing N N 187 
ILE CG1   HG13   sing N N 188 
ILE CG2   HG21   sing N N 189 
ILE CG2   HG22   sing N N 190 
ILE CG2   HG23   sing N N 191 
ILE CD1   HD11   sing N N 192 
ILE CD1   HD12   sing N N 193 
ILE CD1   HD13   sing N N 194 
ILE OXT   HXT    sing N N 195 
LEU N     CA     sing N N 196 
LEU N     H      sing N N 197 
LEU N     H2     sing N N 198 
LEU CA    C      sing N N 199 
LEU CA    CB     sing N N 200 
LEU CA    HA     sing N N 201 
LEU C     O      doub N N 202 
LEU C     OXT    sing N N 203 
LEU CB    CG     sing N N 204 
LEU CB    HB2    sing N N 205 
LEU CB    HB3    sing N N 206 
LEU CG    CD1    sing N N 207 
LEU CG    CD2    sing N N 208 
LEU CG    HG     sing N N 209 
LEU CD1   HD11   sing N N 210 
LEU CD1   HD12   sing N N 211 
LEU CD1   HD13   sing N N 212 
LEU CD2   HD21   sing N N 213 
LEU CD2   HD22   sing N N 214 
LEU CD2   HD23   sing N N 215 
LEU OXT   HXT    sing N N 216 
LYS N     CA     sing N N 217 
LYS N     H      sing N N 218 
LYS N     H2     sing N N 219 
LYS CA    C      sing N N 220 
LYS CA    CB     sing N N 221 
LYS CA    HA     sing N N 222 
LYS C     O      doub N N 223 
LYS C     OXT    sing N N 224 
LYS CB    CG     sing N N 225 
LYS CB    HB2    sing N N 226 
LYS CB    HB3    sing N N 227 
LYS CG    CD     sing N N 228 
LYS CG    HG2    sing N N 229 
LYS CG    HG3    sing N N 230 
LYS CD    CE     sing N N 231 
LYS CD    HD2    sing N N 232 
LYS CD    HD3    sing N N 233 
LYS CE    NZ     sing N N 234 
LYS CE    HE2    sing N N 235 
LYS CE    HE3    sing N N 236 
LYS NZ    HZ1    sing N N 237 
LYS NZ    HZ2    sing N N 238 
LYS NZ    HZ3    sing N N 239 
LYS OXT   HXT    sing N N 240 
MET N     CA     sing N N 241 
MET N     H      sing N N 242 
MET N     H2     sing N N 243 
MET CA    C      sing N N 244 
MET CA    CB     sing N N 245 
MET CA    HA     sing N N 246 
MET C     O      doub N N 247 
MET C     OXT    sing N N 248 
MET CB    CG     sing N N 249 
MET CB    HB2    sing N N 250 
MET CB    HB3    sing N N 251 
MET CG    SD     sing N N 252 
MET CG    HG2    sing N N 253 
MET CG    HG3    sing N N 254 
MET SD    CE     sing N N 255 
MET CE    HE1    sing N N 256 
MET CE    HE2    sing N N 257 
MET CE    HE3    sing N N 258 
MET OXT   HXT    sing N N 259 
MSE N     CA     sing N N 260 
MSE N     H      sing N N 261 
MSE N     H2     sing N N 262 
MSE CA    C      sing N N 263 
MSE CA    CB     sing N N 264 
MSE CA    HA     sing N N 265 
MSE C     O      doub N N 266 
MSE C     OXT    sing N N 267 
MSE OXT   HXT    sing N N 268 
MSE CB    CG     sing N N 269 
MSE CB    HB2    sing N N 270 
MSE CB    HB3    sing N N 271 
MSE CG    SE     sing N N 272 
MSE CG    HG2    sing N N 273 
MSE CG    HG3    sing N N 274 
MSE SE    CE     sing N N 275 
MSE CE    HE1    sing N N 276 
MSE CE    HE2    sing N N 277 
MSE CE    HE3    sing N N 278 
PHE N     CA     sing N N 279 
PHE N     H      sing N N 280 
PHE N     H2     sing N N 281 
PHE CA    C      sing N N 282 
PHE CA    CB     sing N N 283 
PHE CA    HA     sing N N 284 
PHE C     O      doub N N 285 
PHE C     OXT    sing N N 286 
PHE CB    CG     sing N N 287 
PHE CB    HB2    sing N N 288 
PHE CB    HB3    sing N N 289 
PHE CG    CD1    doub Y N 290 
PHE CG    CD2    sing Y N 291 
PHE CD1   CE1    sing Y N 292 
PHE CD1   HD1    sing N N 293 
PHE CD2   CE2    doub Y N 294 
PHE CD2   HD2    sing N N 295 
PHE CE1   CZ     doub Y N 296 
PHE CE1   HE1    sing N N 297 
PHE CE2   CZ     sing Y N 298 
PHE CE2   HE2    sing N N 299 
PHE CZ    HZ     sing N N 300 
PHE OXT   HXT    sing N N 301 
PRO N     CA     sing N N 302 
PRO N     CD     sing N N 303 
PRO N     H      sing N N 304 
PRO CA    C      sing N N 305 
PRO CA    CB     sing N N 306 
PRO CA    HA     sing N N 307 
PRO C     O      doub N N 308 
PRO C     OXT    sing N N 309 
PRO CB    CG     sing N N 310 
PRO CB    HB2    sing N N 311 
PRO CB    HB3    sing N N 312 
PRO CG    CD     sing N N 313 
PRO CG    HG2    sing N N 314 
PRO CG    HG3    sing N N 315 
PRO CD    HD2    sing N N 316 
PRO CD    HD3    sing N N 317 
PRO OXT   HXT    sing N N 318 
SER N     CA     sing N N 319 
SER N     H      sing N N 320 
SER N     H2     sing N N 321 
SER CA    C      sing N N 322 
SER CA    CB     sing N N 323 
SER CA    HA     sing N N 324 
SER C     O      doub N N 325 
SER C     OXT    sing N N 326 
SER CB    OG     sing N N 327 
SER CB    HB2    sing N N 328 
SER CB    HB3    sing N N 329 
SER OG    HG     sing N N 330 
SER OXT   HXT    sing N N 331 
SO4 S     O1     doub N N 332 
SO4 S     O2     doub N N 333 
SO4 S     O3     sing N N 334 
SO4 S     O4     sing N N 335 
THR N     CA     sing N N 336 
THR N     H      sing N N 337 
THR N     H2     sing N N 338 
THR CA    C      sing N N 339 
THR CA    CB     sing N N 340 
THR CA    HA     sing N N 341 
THR C     O      doub N N 342 
THR C     OXT    sing N N 343 
THR CB    OG1    sing N N 344 
THR CB    CG2    sing N N 345 
THR CB    HB     sing N N 346 
THR OG1   HG1    sing N N 347 
THR CG2   HG21   sing N N 348 
THR CG2   HG22   sing N N 349 
THR CG2   HG23   sing N N 350 
THR OXT   HXT    sing N N 351 
TRP N     CA     sing N N 352 
TRP N     H      sing N N 353 
TRP N     H2     sing N N 354 
TRP CA    C      sing N N 355 
TRP CA    CB     sing N N 356 
TRP CA    HA     sing N N 357 
TRP C     O      doub N N 358 
TRP C     OXT    sing N N 359 
TRP CB    CG     sing N N 360 
TRP CB    HB2    sing N N 361 
TRP CB    HB3    sing N N 362 
TRP CG    CD1    doub Y N 363 
TRP CG    CD2    sing Y N 364 
TRP CD1   NE1    sing Y N 365 
TRP CD1   HD1    sing N N 366 
TRP CD2   CE2    doub Y N 367 
TRP CD2   CE3    sing Y N 368 
TRP NE1   CE2    sing Y N 369 
TRP NE1   HE1    sing N N 370 
TRP CE2   CZ2    sing Y N 371 
TRP CE3   CZ3    doub Y N 372 
TRP CE3   HE3    sing N N 373 
TRP CZ2   CH2    doub Y N 374 
TRP CZ2   HZ2    sing N N 375 
TRP CZ3   CH2    sing Y N 376 
TRP CZ3   HZ3    sing N N 377 
TRP CH2   HH2    sing N N 378 
TRP OXT   HXT    sing N N 379 
TYR N     CA     sing N N 380 
TYR N     H      sing N N 381 
TYR N     H2     sing N N 382 
TYR CA    C      sing N N 383 
TYR CA    CB     sing N N 384 
TYR CA    HA     sing N N 385 
TYR C     O      doub N N 386 
TYR C     OXT    sing N N 387 
TYR CB    CG     sing N N 388 
TYR CB    HB2    sing N N 389 
TYR CB    HB3    sing N N 390 
TYR CG    CD1    doub Y N 391 
TYR CG    CD2    sing Y N 392 
TYR CD1   CE1    sing Y N 393 
TYR CD1   HD1    sing N N 394 
TYR CD2   CE2    doub Y N 395 
TYR CD2   HD2    sing N N 396 
TYR CE1   CZ     doub Y N 397 
TYR CE1   HE1    sing N N 398 
TYR CE2   CZ     sing Y N 399 
TYR CE2   HE2    sing N N 400 
TYR CZ    OH     sing N N 401 
TYR OH    HH     sing N N 402 
TYR OXT   HXT    sing N N 403 
VAL N     CA     sing N N 404 
VAL N     H      sing N N 405 
VAL N     H2     sing N N 406 
VAL CA    C      sing N N 407 
VAL CA    CB     sing N N 408 
VAL CA    HA     sing N N 409 
VAL C     O      doub N N 410 
VAL C     OXT    sing N N 411 
VAL CB    CG1    sing N N 412 
VAL CB    CG2    sing N N 413 
VAL CB    HB     sing N N 414 
VAL CG1   HG11   sing N N 415 
VAL CG1   HG12   sing N N 416 
VAL CG1   HG13   sing N N 417 
VAL CG2   HG21   sing N N 418 
VAL CG2   HG22   sing N N 419 
VAL CG2   HG23   sing N N 420 
VAL OXT   HXT    sing N N 421 
# 
_atom_sites.entry_id                    3F1J 
_atom_sites.fract_transf_matrix[1][1]   -0.00468942 
_atom_sites.fract_transf_matrix[1][2]   -0.00102672 
_atom_sites.fract_transf_matrix[1][3]   0.00504642 
_atom_sites.fract_transf_matrix[2][1]   -0.00513894 
_atom_sites.fract_transf_matrix[2][2]   0.00048971 
_atom_sites.fract_transf_matrix[2][3]   -0.00467576 
_atom_sites.fract_transf_matrix[3][1]   0.00033445 
_atom_sites.fract_transf_matrix[3][2]   -0.00687148 
_atom_sites.fract_transf_matrix[3][3]   -0.00108725 
_atom_sites.fract_transf_vector[1]      0.135244 
_atom_sites.fract_transf_vector[2]      0.375176 
_atom_sites.fract_transf_vector[3]      0.055703 
# 
loop_
_atom_type.symbol 
C  
N  
O  
P  
S  
SE 
# 
loop_
_atom_site.group_PDB 
_atom_site.id 
_atom_site.type_symbol 
_atom_site.label_atom_id 
_atom_site.label_alt_id 
_atom_site.label_comp_id 
_atom_site.label_asym_id 
_atom_site.label_entity_id 
_atom_site.label_seq_id 
_atom_site.pdbx_PDB_ins_code 
_atom_site.Cartn_x 
_atom_site.Cartn_y 
_atom_site.Cartn_z 
_atom_site.occupancy 
_atom_site.B_iso_or_equiv 
_atom_site.pdbx_formal_charge 
_atom_site.auth_seq_id 
_atom_site.auth_comp_id 
_atom_site.auth_asym_id 
_atom_site.auth_atom_id 
_atom_site.pdbx_PDB_model_num 
ATOM   1    N  N     . SER A 1 3   ? -10.885 -21.154 -7.995  1.00 96.13  ? 3   SER A N     1 
ATOM   2    C  CA    . SER A 1 3   ? -11.082 -20.927 -9.457  1.00 96.23  ? 3   SER A CA    1 
ATOM   3    C  C     . SER A 1 3   ? -10.157 -19.815 -9.949  1.00 95.64  ? 3   SER A C     1 
ATOM   4    O  O     . SER A 1 3   ? -9.242  -19.402 -9.233  1.00 95.57  ? 3   SER A O     1 
ATOM   5    C  CB    . SER A 1 3   ? -12.542 -20.554 -9.744  1.00 96.58  ? 3   SER A CB    1 
ATOM   6    O  OG    . SER A 1 3   ? -12.787 -20.472 -11.139 1.00 97.03  ? 3   SER A OG    1 
ATOM   7    N  N     . LYS A 1 4   ? -10.397 -19.333 -11.167 1.00 94.12  ? 4   LYS A N     1 
ATOM   8    C  CA    . LYS A 1 4   ? -9.565  -18.278 -11.730 1.00 92.65  ? 4   LYS A CA    1 
ATOM   9    C  C     . LYS A 1 4   ? -10.011 -16.869 -11.379 1.00 90.27  ? 4   LYS A C     1 
ATOM   10   O  O     . LYS A 1 4   ? -11.193 -16.594 -11.168 1.00 90.01  ? 4   LYS A O     1 
ATOM   11   C  CB    . LYS A 1 4   ? -9.458  -18.420 -13.251 1.00 93.06  ? 4   LYS A CB    1 
ATOM   12   C  CG    . LYS A 1 4   ? -8.485  -19.506 -13.676 1.00 94.09  ? 4   LYS A CG    1 
ATOM   13   C  CD    . LYS A 1 4   ? -7.083  -19.237 -13.138 1.00 93.93  ? 4   LYS A CD    1 
ATOM   14   C  CE    . LYS A 1 4   ? -6.202  -20.473 -13.286 1.00 94.22  ? 4   LYS A CE    1 
ATOM   15   N  NZ    . LYS A 1 4   ? -6.192  -21.008 -14.682 1.00 92.71  ? 4   LYS A NZ    1 
ATOM   16   N  N     . HIS A 1 5   ? -9.028  -15.981 -11.325 1.00 86.93  ? 5   HIS A N     1 
ATOM   17   C  CA    . HIS A 1 5   ? -9.256  -14.589 -10.988 1.00 82.46  ? 5   HIS A CA    1 
ATOM   18   C  C     . HIS A 1 5   ? -8.322  -13.718 -11.804 1.00 79.42  ? 5   HIS A C     1 
ATOM   19   O  O     . HIS A 1 5   ? -7.571  -14.197 -12.652 1.00 78.83  ? 5   HIS A O     1 
ATOM   20   C  CB    . HIS A 1 5   ? -8.968  -14.365 -9.504  1.00 80.90  ? 5   HIS A CB    1 
ATOM   21   C  CG    . HIS A 1 5   ? -7.696  -15.003 -9.043  1.00 78.75  ? 5   HIS A CG    1 
ATOM   22   N  ND1   . HIS A 1 5   ? -7.642  -16.296 -8.570  1.00 78.65  ? 5   HIS A ND1   1 
ATOM   23   C  CD2   . HIS A 1 5   ? -6.423  -14.548 -9.032  1.00 79.69  ? 5   HIS A CD2   1 
ATOM   24   C  CE1   . HIS A 1 5   ? -6.392  -16.610 -8.288  1.00 78.35  ? 5   HIS A CE1   1 
ATOM   25   N  NE2   . HIS A 1 5   ? -5.630  -15.567 -8.560  1.00 78.67  ? 5   HIS A NE2   1 
ATOM   26   N  N     . SER A 1 6   ? -8.387  -12.426 -11.535 1.00 75.71  ? 6   SER A N     1 
ATOM   27   C  CA    . SER A 1 6   ? -7.531  -11.466 -12.199 1.00 72.35  ? 6   SER A CA    1 
ATOM   28   C  C     . SER A 1 6   ? -7.024  -10.563 -11.089 1.00 68.05  ? 6   SER A C     1 
ATOM   29   O  O     . SER A 1 6   ? -7.705  -10.381 -10.073 1.00 67.97  ? 6   SER A O     1 
ATOM   30   C  CB    . SER A 1 6   ? -8.327  -10.632 -13.213 1.00 73.18  ? 6   SER A CB    1 
ATOM   31   O  OG    . SER A 1 6   ? -8.925  -11.448 -14.201 1.00 74.56  ? 6   SER A OG    1 
ATOM   32   N  N     . TYR A 1 7   ? -5.824  -10.026 -11.252 1.00 62.18  ? 7   TYR A N     1 
ATOM   33   C  CA    . TYR A 1 7   ? -5.310  -9.107  -10.260 1.00 57.14  ? 7   TYR A CA    1 
ATOM   34   C  C     . TYR A 1 7   ? -5.832  -7.748  -10.706 1.00 56.64  ? 7   TYR A C     1 
ATOM   35   O  O     . TYR A 1 7   ? -5.500  -7.265  -11.782 1.00 57.29  ? 7   TYR A O     1 
ATOM   36   C  CB    . TYR A 1 7   ? -3.784  -9.146  -10.225 1.00 52.56  ? 7   TYR A CB    1 
ATOM   37   C  CG    . TYR A 1 7   ? -3.249  -10.350 -9.490  1.00 48.88  ? 7   TYR A CG    1 
ATOM   38   C  CD1   . TYR A 1 7   ? -3.192  -11.604 -10.105 1.00 47.43  ? 7   TYR A CD1   1 
ATOM   39   C  CD2   . TYR A 1 7   ? -2.859  -10.253 -8.152  1.00 46.73  ? 7   TYR A CD2   1 
ATOM   40   C  CE1   . TYR A 1 7   ? -2.765  -12.734 -9.403  1.00 44.49  ? 7   TYR A CE1   1 
ATOM   41   C  CE2   . TYR A 1 7   ? -2.432  -11.374 -7.441  1.00 44.31  ? 7   TYR A CE2   1 
ATOM   42   C  CZ    . TYR A 1 7   ? -2.391  -12.611 -8.075  1.00 46.01  ? 7   TYR A CZ    1 
ATOM   43   O  OH    . TYR A 1 7   ? -1.984  -13.724 -7.378  1.00 47.96  ? 7   TYR A OH    1 
ATOM   44   N  N     . VAL A 1 8   ? -6.695  -7.150  -9.899  1.00 56.38  ? 8   VAL A N     1 
ATOM   45   C  CA    . VAL A 1 8   ? -7.266  -5.861  -10.261 1.00 55.59  ? 8   VAL A CA    1 
ATOM   46   C  C     . VAL A 1 8   ? -6.359  -4.731  -9.818  1.00 54.03  ? 8   VAL A C     1 
ATOM   47   O  O     . VAL A 1 8   ? -5.636  -4.852  -8.835  1.00 54.20  ? 8   VAL A O     1 
ATOM   48   C  CB    . VAL A 1 8   ? -8.652  -5.705  -9.642  1.00 57.99  ? 8   VAL A CB    1 
ATOM   49   C  CG1   . VAL A 1 8   ? -9.220  -4.336  -9.960  1.00 62.11  ? 8   VAL A CG1   1 
ATOM   50   C  CG2   . VAL A 1 8   ? -9.563  -6.787  -10.181 1.00 57.97  ? 8   VAL A CG2   1 
ATOM   51   N  N     . GLU A 1 9   ? -6.390  -3.629  -10.554 1.00 54.24  ? 9   GLU A N     1 
ATOM   52   C  CA    . GLU A 1 9   ? -5.535  -2.496  -10.239 1.00 54.88  ? 9   GLU A CA    1 
ATOM   53   C  C     . GLU A 1 9   ? -6.072  -1.575  -9.164  1.00 54.13  ? 9   GLU A C     1 
ATOM   54   O  O     . GLU A 1 9   ? -7.241  -1.207  -9.168  1.00 53.32  ? 9   GLU A O     1 
ATOM   55   C  CB    . GLU A 1 9   ? -5.245  -1.688  -11.501 1.00 55.23  ? 9   GLU A CB    1 
ATOM   56   C  CG    . GLU A 1 9   ? -4.647  -0.319  -11.239 1.00 59.03  ? 9   GLU A CG    1 
ATOM   57   C  CD    . GLU A 1 9   ? -4.134  0.341   -12.507 1.00 62.55  ? 9   GLU A CD    1 
ATOM   58   O  OE1   . GLU A 1 9   ? -4.599  -0.043  -13.610 1.00 62.47  ? 9   GLU A OE1   1 
ATOM   59   O  OE2   . GLU A 1 9   ? -3.271  1.246   -12.401 1.00 61.00  ? 9   GLU A OE2   1 
ATOM   60   N  N     . LEU A 1 10  ? -5.198  -1.231  -8.228  1.00 54.11  ? 10  LEU A N     1 
ATOM   61   C  CA    . LEU A 1 10  ? -5.542  -0.318  -7.162  1.00 55.30  ? 10  LEU A CA    1 
ATOM   62   C  C     . LEU A 1 10  ? -5.142  1.053   -7.712  1.00 57.46  ? 10  LEU A C     1 
ATOM   63   O  O     . LEU A 1 10  ? -3.975  1.438   -7.654  1.00 56.76  ? 10  LEU A O     1 
ATOM   64   C  CB    . LEU A 1 10  ? -4.743  -0.647  -5.901  1.00 54.76  ? 10  LEU A CB    1 
ATOM   65   C  CG    . LEU A 1 10  ? -5.128  0.116   -4.627  1.00 52.79  ? 10  LEU A CG    1 
ATOM   66   C  CD1   . LEU A 1 10  ? -6.581  -0.166  -4.279  1.00 49.80  ? 10  LEU A CD1   1 
ATOM   67   C  CD2   . LEU A 1 10  ? -4.211  -0.295  -3.483  1.00 49.81  ? 10  LEU A CD2   1 
ATOM   68   N  N     . LYS A 1 11  ? -6.120  1.768   -8.265  1.00 58.06  ? 11  LYS A N     1 
ATOM   69   C  CA    . LYS A 1 11  ? -5.890  3.071   -8.862  1.00 57.96  ? 11  LYS A CA    1 
ATOM   70   C  C     . LYS A 1 11  ? -5.630  4.187   -7.865  1.00 58.79  ? 11  LYS A C     1 
ATOM   71   O  O     . LYS A 1 11  ? -5.766  4.006   -6.656  1.00 58.78  ? 11  LYS A O     1 
ATOM   72   C  CB    . LYS A 1 11  ? -7.067  3.427   -9.761  1.00 60.34  ? 11  LYS A CB    1 
ATOM   73   C  CG    . LYS A 1 11  ? -7.147  2.548   -11.009 1.00 64.29  ? 11  LYS A CG    1 
ATOM   74   C  CD    . LYS A 1 11  ? -8.457  2.743   -11.737 1.00 66.81  ? 11  LYS A CD    1 
ATOM   75   C  CE    . LYS A 1 11  ? -8.528  1.919   -13.021 1.00 70.41  ? 11  LYS A CE    1 
ATOM   76   N  NZ    . LYS A 1 11  ? -9.861  2.068   -13.703 1.00 70.70  ? 11  LYS A NZ    1 
ATOM   77   N  N     . ASP A 1 12  ? -5.250  5.345   -8.386  1.00 58.98  ? 12  ASP A N     1 
ATOM   78   C  CA    . ASP A 1 12  ? -4.937  6.492   -7.558  1.00 60.06  ? 12  ASP A CA    1 
ATOM   79   C  C     . ASP A 1 12  ? -6.149  7.134   -6.905  1.00 59.68  ? 12  ASP A C     1 
ATOM   80   O  O     . ASP A 1 12  ? -6.033  7.749   -5.843  1.00 60.19  ? 12  ASP A O     1 
ATOM   81   C  CB    . ASP A 1 12  ? -4.176  7.531   -8.379  1.00 63.34  ? 12  ASP A CB    1 
ATOM   82   C  CG    . ASP A 1 12  ? -2.815  7.027   -8.833  1.00 68.89  ? 12  ASP A CG    1 
ATOM   83   O  OD1   . ASP A 1 12  ? -1.968  6.714   -7.966  1.00 69.80  ? 12  ASP A OD1   1 
ATOM   84   O  OD2   . ASP A 1 12  ? -2.591  6.935   -10.061 1.00 71.83  ? 12  ASP A OD2   1 
ATOM   85   N  N     . LYS A 1 13  ? -7.311  6.999   -7.531  1.00 57.99  ? 13  LYS A N     1 
ATOM   86   C  CA    . LYS A 1 13  ? -8.515  7.579   -6.966  1.00 56.21  ? 13  LYS A CA    1 
ATOM   87   C  C     . LYS A 1 13  ? -8.733  7.140   -5.507  1.00 55.63  ? 13  LYS A C     1 
ATOM   88   O  O     . LYS A 1 13  ? -9.426  7.826   -4.753  1.00 55.14  ? 13  LYS A O     1 
ATOM   89   C  CB    . LYS A 1 13  ? -9.734  7.218   -7.830  1.00 56.71  ? 13  LYS A CB    1 
ATOM   90   C  CG    . LYS A 1 13  ? -9.945  5.733   -8.074  1.00 58.08  ? 13  LYS A CG    1 
ATOM   91   C  CD    . LYS A 1 13  ? -11.224 5.489   -8.872  1.00 59.39  ? 13  LYS A CD    1 
ATOM   92   C  CE    . LYS A 1 13  ? -11.336 4.039   -9.376  1.00 62.87  ? 13  LYS A CE    1 
ATOM   93   N  NZ    . LYS A 1 13  ? -11.422 2.976   -8.312  1.00 62.70  ? 13  LYS A NZ    1 
ATOM   94   N  N     . VAL A 1 14  ? -8.137  6.014   -5.097  1.00 52.82  ? 14  VAL A N     1 
ATOM   95   C  CA    . VAL A 1 14  ? -8.309  5.564   -3.714  1.00 50.95  ? 14  VAL A CA    1 
ATOM   96   C  C     . VAL A 1 14  ? -7.533  6.427   -2.732  1.00 51.19  ? 14  VAL A C     1 
ATOM   97   O  O     . VAL A 1 14  ? -7.618  6.224   -1.525  1.00 51.73  ? 14  VAL A O     1 
ATOM   98   C  CB    . VAL A 1 14  ? -7.895  4.083   -3.494  1.00 48.78  ? 14  VAL A CB    1 
ATOM   99   C  CG1   . VAL A 1 14  ? -8.708  3.163   -4.416  1.00 44.84  ? 14  VAL A CG1   1 
ATOM   100  C  CG2   . VAL A 1 14  ? -6.404  3.922   -3.687  1.00 47.61  ? 14  VAL A CG2   1 
ATOM   101  N  N     . ILE A 1 15  ? -6.765  7.377   -3.252  1.00 51.46  ? 15  ILE A N     1 
ATOM   102  C  CA    . ILE A 1 15  ? -6.010  8.289   -2.407  1.00 52.66  ? 15  ILE A CA    1 
ATOM   103  C  C     . ILE A 1 15  ? -6.715  9.631   -2.494  1.00 55.27  ? 15  ILE A C     1 
ATOM   104  O  O     . ILE A 1 15  ? -6.861  10.207  -3.582  1.00 56.21  ? 15  ILE A O     1 
ATOM   105  C  CB    . ILE A 1 15  ? -4.548  8.457   -2.872  1.00 52.53  ? 15  ILE A CB    1 
ATOM   106  C  CG1   . ILE A 1 15  ? -3.747  7.193   -2.555  1.00 50.13  ? 15  ILE A CG1   1 
ATOM   107  C  CG2   . ILE A 1 15  ? -3.926  9.668   -2.191  1.00 49.82  ? 15  ILE A CG2   1 
ATOM   108  C  CD1   . ILE A 1 15  ? -3.675  6.875   -1.091  1.00 49.57  ? 15  ILE A CD1   1 
ATOM   109  N  N     . VAL A 1 16  ? -7.157  10.115  -1.341  1.00 55.42  ? 16  VAL A N     1 
ATOM   110  C  CA    . VAL A 1 16  ? -7.884  11.367  -1.258  1.00 56.12  ? 16  VAL A CA    1 
ATOM   111  C  C     . VAL A 1 16  ? -7.122  12.367  -0.411  1.00 57.22  ? 16  VAL A C     1 
ATOM   112  O  O     . VAL A 1 16  ? -6.867  12.131  0.769   1.00 59.79  ? 16  VAL A O     1 
ATOM   113  C  CB    . VAL A 1 16  ? -9.274  11.138  -0.631  1.00 57.75  ? 16  VAL A CB    1 
ATOM   114  C  CG1   . VAL A 1 16  ? -10.072 12.424  -0.657  1.00 55.87  ? 16  VAL A CG1   1 
ATOM   115  C  CG2   . VAL A 1 16  ? -10.008 10.019  -1.379  1.00 55.58  ? 16  VAL A CG2   1 
ATOM   116  N  N     . PRO A 1 17  ? -6.730  13.494  -1.007  1.00 56.87  ? 17  PRO A N     1 
ATOM   117  C  CA    . PRO A 1 17  ? -5.991  14.514  -0.261  1.00 57.00  ? 17  PRO A CA    1 
ATOM   118  C  C     . PRO A 1 17  ? -6.821  15.087  0.890   1.00 57.16  ? 17  PRO A C     1 
ATOM   119  O  O     . PRO A 1 17  ? -7.986  15.448  0.709   1.00 57.03  ? 17  PRO A O     1 
ATOM   120  C  CB    . PRO A 1 17  ? -5.665  15.548  -1.335  1.00 57.83  ? 17  PRO A CB    1 
ATOM   121  C  CG    . PRO A 1 17  ? -5.492  14.685  -2.573  1.00 57.81  ? 17  PRO A CG    1 
ATOM   122  C  CD    . PRO A 1 17  ? -6.685  13.763  -2.455  1.00 58.54  ? 17  PRO A CD    1 
ATOM   123  N  N     . GLY A 1 18  ? -6.216  15.162  2.071   1.00 56.59  ? 18  GLY A N     1 
ATOM   124  C  CA    . GLY A 1 18  ? -6.931  15.672  3.223   1.00 56.95  ? 18  GLY A CA    1 
ATOM   125  C  C     . GLY A 1 18  ? -7.275  14.615  4.266   1.00 57.08  ? 18  GLY A C     1 
ATOM   126  O  O     . GLY A 1 18  ? -7.647  14.963  5.389   1.00 57.45  ? 18  GLY A O     1 
ATOM   127  N  N     . TRP A 1 19  ? -7.164  13.334  3.908   1.00 55.69  ? 19  TRP A N     1 
ATOM   128  C  CA    . TRP A 1 19  ? -7.455  12.240  4.839   1.00 55.41  ? 19  TRP A CA    1 
ATOM   129  C  C     . TRP A 1 19  ? -6.171  11.567  5.273   1.00 55.64  ? 19  TRP A C     1 
ATOM   130  O  O     . TRP A 1 19  ? -5.163  11.650  4.581   1.00 56.80  ? 19  TRP A O     1 
ATOM   131  C  CB    . TRP A 1 19  ? -8.356  11.184  4.193   1.00 56.22  ? 19  TRP A CB    1 
ATOM   132  C  CG    . TRP A 1 19  ? -9.731  11.674  3.878   1.00 57.92  ? 19  TRP A CG    1 
ATOM   133  C  CD1   . TRP A 1 19  ? -10.122 12.357  2.767   1.00 58.88  ? 19  TRP A CD1   1 
ATOM   134  C  CD2   . TRP A 1 19  ? -10.890 11.580  4.722   1.00 58.48  ? 19  TRP A CD2   1 
ATOM   135  N  NE1   . TRP A 1 19  ? -11.453 12.702  2.863   1.00 57.92  ? 19  TRP A NE1   1 
ATOM   136  C  CE2   . TRP A 1 19  ? -11.948 12.239  4.053   1.00 58.89  ? 19  TRP A CE2   1 
ATOM   137  C  CE3   . TRP A 1 19  ? -11.136 11.008  5.981   1.00 59.40  ? 19  TRP A CE3   1 
ATOM   138  C  CZ2   . TRP A 1 19  ? -13.236 12.339  4.598   1.00 58.83  ? 19  TRP A CZ2   1 
ATOM   139  C  CZ3   . TRP A 1 19  ? -12.414 11.109  6.525   1.00 58.90  ? 19  TRP A CZ3   1 
ATOM   140  C  CH2   . TRP A 1 19  ? -13.447 11.772  5.831   1.00 58.78  ? 19  TRP A CH2   1 
ATOM   141  N  N     . PRO A 1 20  ? -6.178  10.899  6.438   1.00 55.92  ? 20  PRO A N     1 
ATOM   142  C  CA    . PRO A 1 20  ? -4.936  10.242  6.848   1.00 54.34  ? 20  PRO A CA    1 
ATOM   143  C  C     . PRO A 1 20  ? -4.630  9.160   5.826   1.00 53.36  ? 20  PRO A C     1 
ATOM   144  O  O     . PRO A 1 20  ? -5.502  8.786   5.045   1.00 53.75  ? 20  PRO A O     1 
ATOM   145  C  CB    . PRO A 1 20  ? -5.269  9.698   8.239   1.00 54.10  ? 20  PRO A CB    1 
ATOM   146  C  CG    . PRO A 1 20  ? -6.737  9.513   8.204   1.00 55.61  ? 20  PRO A CG    1 
ATOM   147  C  CD    . PRO A 1 20  ? -7.217  10.744  7.468   1.00 56.08  ? 20  PRO A CD    1 
ATOM   148  N  N     . THR A 1 21  ? -3.405  8.649   5.826   1.00 54.09  ? 21  THR A N     1 
ATOM   149  C  CA    . THR A 1 21  ? -3.032  7.648   4.835   1.00 53.51  ? 21  THR A CA    1 
ATOM   150  C  C     . THR A 1 21  ? -2.386  6.415   5.426   1.00 52.00  ? 21  THR A C     1 
ATOM   151  O  O     . THR A 1 21  ? -1.894  6.440   6.551   1.00 53.28  ? 21  THR A O     1 
ATOM   152  C  CB    . THR A 1 21  ? -2.005  8.235   3.804   1.00 54.72  ? 21  THR A CB    1 
ATOM   153  O  OG1   . THR A 1 21  ? -2.227  9.641   3.624   1.00 54.32  ? 21  THR A OG1   1 
ATOM   154  C  CG2   . THR A 1 21  ? -2.148  7.551   2.464   1.00 56.08  ? 21  THR A CG2   1 
ATOM   155  N  N     . LEU A 1 22  ? -2.401  5.334   4.648   1.00 51.62  ? 22  LEU A N     1 
ATOM   156  C  CA    . LEU A 1 22  ? -1.732  4.085   5.014   1.00 51.07  ? 22  LEU A CA    1 
ATOM   157  C  C     . LEU A 1 22  ? -0.544  3.998   4.053   1.00 50.82  ? 22  LEU A C     1 
ATOM   158  O  O     . LEU A 1 22  ? -0.718  3.876   2.841   1.00 52.00  ? 22  LEU A O     1 
ATOM   159  C  CB    . LEU A 1 22  ? -2.630  2.861   4.801   1.00 51.15  ? 22  LEU A CB    1 
ATOM   160  C  CG    . LEU A 1 22  ? -3.631  2.458   5.882   1.00 52.76  ? 22  LEU A CG    1 
ATOM   161  C  CD1   . LEU A 1 22  ? -4.288  1.150   5.478   1.00 50.87  ? 22  LEU A CD1   1 
ATOM   162  C  CD2   . LEU A 1 22  ? -2.924  2.301   7.215   1.00 53.28  ? 22  LEU A CD2   1 
HETATM 163  N  N     . MSE A 1 23  ? 0.662   4.089   4.592   1.00 49.89  ? 23  MSE A N     1 
HETATM 164  C  CA    . MSE A 1 23  ? 1.862   4.030   3.779   1.00 49.37  ? 23  MSE A CA    1 
HETATM 165  C  C     . MSE A 1 23  ? 2.346   2.585   3.635   1.00 48.68  ? 23  MSE A C     1 
HETATM 166  O  O     . MSE A 1 23  ? 2.481   1.862   4.626   1.00 47.39  ? 23  MSE A O     1 
HETATM 167  C  CB    . MSE A 1 23  ? 2.961   4.876   4.430   1.00 52.56  ? 23  MSE A CB    1 
HETATM 168  C  CG    . MSE A 1 23  ? 4.222   5.063   3.587   1.00 60.84  ? 23  MSE A CG    1 
HETATM 169  SE SE    . MSE A 1 23  ? 3.983   6.294   2.085   1.00 74.26  ? 23  MSE A SE    1 
HETATM 170  C  CE    . MSE A 1 23  ? 4.095   7.967   3.064   1.00 69.58  ? 23  MSE A CE    1 
ATOM   171  N  N     . LEU A 1 24  ? 2.576   2.145   2.403   1.00 46.19  ? 24  LEU A N     1 
ATOM   172  C  CA    . LEU A 1 24  ? 3.096   0.799   2.208   1.00 45.71  ? 24  LEU A CA    1 
ATOM   173  C  C     . LEU A 1 24  ? 4.611   0.970   2.186   1.00 45.82  ? 24  LEU A C     1 
ATOM   174  O  O     . LEU A 1 24  ? 5.159   1.585   1.267   1.00 44.75  ? 24  LEU A O     1 
ATOM   175  C  CB    . LEU A 1 24  ? 2.602   0.189   0.889   1.00 42.54  ? 24  LEU A CB    1 
ATOM   176  C  CG    . LEU A 1 24  ? 3.320   -1.094  0.439   1.00 42.83  ? 24  LEU A CG    1 
ATOM   177  C  CD1   . LEU A 1 24  ? 3.429   -2.080  1.584   1.00 42.35  ? 24  LEU A CD1   1 
ATOM   178  C  CD2   . LEU A 1 24  ? 2.566   -1.726  -0.724  1.00 42.82  ? 24  LEU A CD2   1 
ATOM   179  N  N     . GLU A 1 25  ? 5.283   0.459   3.212   1.00 46.81  ? 25  GLU A N     1 
ATOM   180  C  CA    . GLU A 1 25  ? 6.732   0.586   3.284   1.00 49.71  ? 25  GLU A CA    1 
ATOM   181  C  C     . GLU A 1 25  ? 7.369   -0.749  2.947   1.00 49.94  ? 25  GLU A C     1 
ATOM   182  O  O     . GLU A 1 25  ? 6.993   -1.773  3.499   1.00 50.20  ? 25  GLU A O     1 
ATOM   183  C  CB    . GLU A 1 25  ? 7.159   1.059   4.673   1.00 52.62  ? 25  GLU A CB    1 
ATOM   184  C  CG    . GLU A 1 25  ? 6.397   2.284   5.161   1.00 60.60  ? 25  GLU A CG    1 
ATOM   185  C  CD    . GLU A 1 25  ? 6.995   2.905   6.421   1.00 66.52  ? 25  GLU A CD    1 
ATOM   186  O  OE1   . GLU A 1 25  ? 7.479   2.144   7.292   1.00 68.48  ? 25  GLU A OE1   1 
ATOM   187  O  OE2   . GLU A 1 25  ? 6.967   4.155   6.547   1.00 68.41  ? 25  GLU A OE2   1 
ATOM   188  N  N     . ILE A 1 26  ? 8.328   -0.720  2.025   1.00 50.67  ? 26  ILE A N     1 
ATOM   189  C  CA    . ILE A 1 26  ? 9.018   -1.920  1.560   1.00 50.60  ? 26  ILE A CA    1 
ATOM   190  C  C     . ILE A 1 26  ? 10.536  -1.799  1.662   1.00 52.58  ? 26  ILE A C     1 
ATOM   191  O  O     . ILE A 1 26  ? 11.107  -0.791  1.239   1.00 52.98  ? 26  ILE A O     1 
ATOM   192  C  CB    . ILE A 1 26  ? 8.687   -2.194  0.074   1.00 48.22  ? 26  ILE A CB    1 
ATOM   193  C  CG1   . ILE A 1 26  ? 7.174   -2.267  -0.122  1.00 45.68  ? 26  ILE A CG1   1 
ATOM   194  C  CG2   . ILE A 1 26  ? 9.377   -3.471  -0.405  1.00 44.35  ? 26  ILE A CG2   1 
ATOM   195  C  CD1   . ILE A 1 26  ? 6.766   -2.350  -1.589  1.00 45.51  ? 26  ILE A CD1   1 
ATOM   196  N  N     . ASP A 1 27  ? 11.172  -2.822  2.231   1.00 54.05  ? 27  ASP A N     1 
ATOM   197  C  CA    . ASP A 1 27  ? 12.629  -2.892  2.344   1.00 57.35  ? 27  ASP A CA    1 
ATOM   198  C  C     . ASP A 1 27  ? 13.038  -4.050  1.456   1.00 58.46  ? 27  ASP A C     1 
ATOM   199  O  O     . ASP A 1 27  ? 12.356  -5.068  1.418   1.00 57.23  ? 27  ASP A O     1 
ATOM   200  C  CB    . ASP A 1 27  ? 13.069  -3.171  3.772   1.00 60.76  ? 27  ASP A CB    1 
ATOM   201  C  CG    . ASP A 1 27  ? 13.065  -1.931  4.627   1.00 66.66  ? 27  ASP A CG    1 
ATOM   202  O  OD1   . ASP A 1 27  ? 13.745  -0.952  4.250   1.00 70.53  ? 27  ASP A OD1   1 
ATOM   203  O  OD2   . ASP A 1 27  ? 12.386  -1.933  5.677   1.00 70.34  ? 27  ASP A OD2   1 
ATOM   204  N  N     . PHE A 1 28  ? 14.160  -3.923  0.765   1.00 60.69  ? 28  PHE A N     1 
ATOM   205  C  CA    . PHE A 1 28  ? 14.549  -4.969  -0.150  1.00 63.59  ? 28  PHE A CA    1 
ATOM   206  C  C     . PHE A 1 28  ? 15.582  -6.022  0.187   1.00 68.96  ? 28  PHE A C     1 
ATOM   207  O  O     . PHE A 1 28  ? 15.241  -7.102  0.658   1.00 73.22  ? 28  PHE A O     1 
ATOM   208  C  CB    . PHE A 1 28  ? 14.894  -4.333  -1.485  1.00 58.36  ? 28  PHE A CB    1 
ATOM   209  C  CG    . PHE A 1 28  ? 13.692  -3.985  -2.300  1.00 54.57  ? 28  PHE A CG    1 
ATOM   210  C  CD1   . PHE A 1 28  ? 13.034  -4.964  -3.031  1.00 51.98  ? 28  PHE A CD1   1 
ATOM   211  C  CD2   . PHE A 1 28  ? 13.197  -2.685  -2.319  1.00 52.83  ? 28  PHE A CD2   1 
ATOM   212  C  CE1   . PHE A 1 28  ? 11.897  -4.660  -3.771  1.00 51.60  ? 28  PHE A CE1   1 
ATOM   213  C  CE2   . PHE A 1 28  ? 12.061  -2.369  -3.055  1.00 53.70  ? 28  PHE A CE2   1 
ATOM   214  C  CZ    . PHE A 1 28  ? 11.407  -3.366  -3.788  1.00 51.50  ? 28  PHE A CZ    1 
ATOM   215  N  N     . VAL A 1 29  ? 16.843  -5.741  -0.079  1.00 73.35  ? 29  VAL A N     1 
ATOM   216  C  CA    . VAL A 1 29  ? 17.856  -6.746  0.159   1.00 77.78  ? 29  VAL A CA    1 
ATOM   217  C  C     . VAL A 1 29  ? 18.459  -6.670  1.550   1.00 82.17  ? 29  VAL A C     1 
ATOM   218  O  O     . VAL A 1 29  ? 18.732  -7.703  2.164   1.00 84.89  ? 29  VAL A O     1 
ATOM   219  C  CB    . VAL A 1 29  ? 18.967  -6.639  -0.890  1.00 77.86  ? 29  VAL A CB    1 
ATOM   220  C  CG1   . VAL A 1 29  ? 19.814  -5.401  -0.634  1.00 77.23  ? 29  VAL A CG1   1 
ATOM   221  C  CG2   . VAL A 1 29  ? 19.808  -7.896  -0.874  1.00 80.61  ? 29  VAL A CG2   1 
ATOM   222  N  N     . GLY A 1 30  ? 18.662  -5.452  2.049   0.57 84.18  ? 30  GLY A N     1 
ATOM   223  C  CA    . GLY A 1 30  ? 19.236  -5.279  3.372   0.57 85.54  ? 30  GLY A CA    1 
ATOM   224  C  C     . GLY A 1 30  ? 18.202  -5.305  4.482   0.57 87.12  ? 30  GLY A C     1 
ATOM   225  O  O     . GLY A 1 30  ? 17.137  -5.903  4.336   0.57 86.23  ? 30  GLY A O     1 
ATOM   226  N  N     . GLY A 1 31  ? 18.523  -4.647  5.591   0.70 89.13  ? 31  GLY A N     1 
ATOM   227  C  CA    . GLY A 1 31  ? 17.614  -4.599  6.721   0.70 92.20  ? 31  GLY A CA    1 
ATOM   228  C  C     . GLY A 1 31  ? 16.985  -3.235  6.945   0.70 94.46  ? 31  GLY A C     1 
ATOM   229  O  O     . GLY A 1 31  ? 16.189  -2.764  6.131   0.70 95.07  ? 31  GLY A O     1 
ATOM   230  N  N     . THR A 1 32  ? 17.367  -2.606  8.056   0.84 94.27  ? 32  THR A N     1 
ATOM   231  C  CA    . THR A 1 32  ? 16.843  -1.289  8.412   0.84 95.29  ? 32  THR A CA    1 
ATOM   232  C  C     . THR A 1 32  ? 17.359  -0.187  7.475   0.84 95.64  ? 32  THR A C     1 
ATOM   233  O  O     . THR A 1 32  ? 18.393  0.441   7.740   0.84 95.79  ? 32  THR A O     1 
ATOM   234  C  CB    . THR A 1 32  ? 17.225  -0.937  9.864   0.84 95.75  ? 32  THR A CB    1 
ATOM   235  O  OG1   . THR A 1 32  ? 18.652  -0.831  9.972   0.84 95.97  ? 32  THR A OG1   1 
ATOM   236  C  CG2   . THR A 1 32  ? 16.731  -2.023  10.826  0.84 94.98  ? 32  THR A CG2   1 
ATOM   237  N  N     . SER A 1 33  ? 16.622  0.052   6.391   0.67 95.38  ? 33  SER A N     1 
ATOM   238  C  CA    . SER A 1 33  ? 17.007  1.050   5.390   0.67 94.80  ? 33  SER A CA    1 
ATOM   239  C  C     . SER A 1 33  ? 18.433  0.750   4.951   0.67 93.99  ? 33  SER A C     1 
ATOM   240  O  O     . SER A 1 33  ? 19.140  1.622   4.441   0.67 93.33  ? 33  SER A O     1 
ATOM   241  C  CB    . SER A 1 33  ? 16.935  2.470   5.963   0.67 95.26  ? 33  SER A CB    1 
ATOM   242  O  OG    . SER A 1 33  ? 17.312  3.429   4.983   0.67 94.81  ? 33  SER A OG    1 
ATOM   243  N  N     . ARG A 1 34  ? 18.839  -0.500  5.163   0.75 93.12  ? 34  ARG A N     1 
ATOM   244  C  CA    . ARG A 1 34  ? 20.173  -0.967  4.814   0.75 92.12  ? 34  ARG A CA    1 
ATOM   245  C  C     . ARG A 1 34  ? 20.491  -0.593  3.375   0.75 90.14  ? 34  ARG A C     1 
ATOM   246  O  O     . ARG A 1 34  ? 21.581  -0.100  3.069   0.75 89.82  ? 34  ARG A O     1 
ATOM   247  C  CB    . ARG A 1 34  ? 20.251  -2.484  4.990   0.75 93.77  ? 34  ARG A CB    1 
ATOM   248  C  CG    . ARG A 1 34  ? 21.658  -3.046  4.954   0.75 94.61  ? 34  ARG A CG    1 
ATOM   249  C  CD    . ARG A 1 34  ? 22.538  -2.322  5.955   0.75 95.07  ? 34  ARG A CD    1 
ATOM   250  N  NE    . ARG A 1 34  ? 23.872  -2.904  6.032   0.75 95.57  ? 34  ARG A NE    1 
ATOM   251  C  CZ    . ARG A 1 34  ? 24.870  -2.385  6.737   0.75 94.80  ? 34  ARG A CZ    1 
ATOM   252  N  NH1   . ARG A 1 34  ? 24.680  -1.268  7.427   0.75 93.70  ? 34  ARG A NH1   1 
ATOM   253  N  NH2   . ARG A 1 34  ? 26.053  -2.986  6.759   0.75 94.44  ? 34  ARG A NH2   1 
ATOM   254  N  N     . ASN A 1 35  ? 19.531  -0.839  2.492   1.00 86.86  ? 35  ASN A N     1 
ATOM   255  C  CA    . ASN A 1 35  ? 19.710  -0.505  1.095   1.00 82.81  ? 35  ASN A CA    1 
ATOM   256  C  C     . ASN A 1 35  ? 18.372  -0.098  0.467   1.00 78.22  ? 35  ASN A C     1 
ATOM   257  O  O     . ASN A 1 35  ? 17.565  0.571   1.116   1.00 80.01  ? 35  ASN A O     1 
ATOM   258  C  CB    . ASN A 1 35  ? 20.341  -1.686  0.360   1.00 86.76  ? 35  ASN A CB    1 
ATOM   259  C  CG    . ASN A 1 35  ? 21.288  -1.243  -0.739  1.00 89.00  ? 35  ASN A CG    1 
ATOM   260  O  OD1   . ASN A 1 35  ? 21.972  -0.222  -0.606  1.00 89.33  ? 35  ASN A OD1   1 
ATOM   261  N  ND2   . ASN A 1 35  ? 21.347  -2.013  -1.823  1.00 89.32  ? 35  ASN A ND2   1 
ATOM   262  N  N     . GLN A 1 36  ? 18.138  -0.503  -0.779  1.00 70.85  ? 36  GLN A N     1 
ATOM   263  C  CA    . GLN A 1 36  ? 16.913  -0.166  -1.510  1.00 63.00  ? 36  GLN A CA    1 
ATOM   264  C  C     . GLN A 1 36  ? 15.587  -0.312  -0.761  1.00 58.63  ? 36  GLN A C     1 
ATOM   265  O  O     . GLN A 1 36  ? 15.342  -1.299  -0.063  1.00 57.92  ? 36  GLN A O     1 
ATOM   266  C  CB    . GLN A 1 36  ? 16.846  -0.986  -2.790  1.00 63.08  ? 36  GLN A CB    1 
ATOM   267  C  CG    . GLN A 1 36  ? 18.025  -0.752  -3.707  1.00 64.73  ? 36  GLN A CG    1 
ATOM   268  C  CD    . GLN A 1 36  ? 18.105  0.679   -4.157  1.00 65.62  ? 36  GLN A CD    1 
ATOM   269  O  OE1   . GLN A 1 36  ? 17.244  1.157   -4.894  1.00 68.83  ? 36  GLN A OE1   1 
ATOM   270  N  NE2   . GLN A 1 36  ? 19.132  1.383   -3.709  1.00 67.17  ? 36  GLN A NE2   1 
ATOM   271  N  N     . PHE A 1 37  ? 14.716  0.674   -0.929  1.00 52.23  ? 37  PHE A N     1 
ATOM   272  C  CA    . PHE A 1 37  ? 13.427  0.639   -0.274  1.00 47.22  ? 37  PHE A CA    1 
ATOM   273  C  C     . PHE A 1 37  ? 12.399  1.437   -1.043  1.00 44.77  ? 37  PHE A C     1 
ATOM   274  O  O     . PHE A 1 37  ? 12.731  2.164   -1.960  1.00 42.19  ? 37  PHE A O     1 
ATOM   275  C  CB    . PHE A 1 37  ? 13.549  1.198   1.135   1.00 45.90  ? 37  PHE A CB    1 
ATOM   276  C  CG    . PHE A 1 37  ? 13.845  2.658   1.177   1.00 44.36  ? 37  PHE A CG    1 
ATOM   277  C  CD1   . PHE A 1 37  ? 12.833  3.591   0.984   1.00 45.44  ? 37  PHE A CD1   1 
ATOM   278  C  CD2   . PHE A 1 37  ? 15.138  3.110   1.411   1.00 46.27  ? 37  PHE A CD2   1 
ATOM   279  C  CE1   . PHE A 1 37  ? 13.101  4.975   1.023   1.00 47.70  ? 37  PHE A CE1   1 
ATOM   280  C  CE2   . PHE A 1 37  ? 15.428  4.488   1.453   1.00 46.77  ? 37  PHE A CE2   1 
ATOM   281  C  CZ    . PHE A 1 37  ? 14.403  5.423   1.259   1.00 46.56  ? 37  PHE A CZ    1 
ATOM   282  N  N     . LEU A 1 38  ? 11.139  1.278   -0.664  1.00 44.90  ? 38  LEU A N     1 
ATOM   283  C  CA    . LEU A 1 38  ? 10.057  2.027   -1.285  1.00 44.77  ? 38  LEU A CA    1 
ATOM   284  C  C     . LEU A 1 38  ? 8.997   2.396   -0.256  1.00 44.69  ? 38  LEU A C     1 
ATOM   285  O  O     . LEU A 1 38  ? 8.657   1.597   0.616   1.00 44.90  ? 38  LEU A O     1 
ATOM   286  C  CB    . LEU A 1 38  ? 9.393   1.227   -2.403  1.00 45.45  ? 38  LEU A CB    1 
ATOM   287  C  CG    . LEU A 1 38  ? 10.081  1.128   -3.758  1.00 47.10  ? 38  LEU A CG    1 
ATOM   288  C  CD1   . LEU A 1 38  ? 9.136   0.482   -4.758  1.00 46.07  ? 38  LEU A CD1   1 
ATOM   289  C  CD2   . LEU A 1 38  ? 10.461  2.512   -4.228  1.00 50.10  ? 38  LEU A CD2   1 
ATOM   290  N  N     . ASN A 1 39  ? 8.505   3.625   -0.346  1.00 43.34  ? 39  ASN A N     1 
ATOM   291  C  CA    . ASN A 1 39  ? 7.433   4.097   0.520   1.00 41.75  ? 39  ASN A CA    1 
ATOM   292  C  C     . ASN A 1 39  ? 6.334   4.461   -0.476  1.00 42.03  ? 39  ASN A C     1 
ATOM   293  O  O     . ASN A 1 39  ? 6.545   5.270   -1.383  1.00 41.54  ? 39  ASN A O     1 
ATOM   294  C  CB    . ASN A 1 39  ? 7.866   5.317   1.324   1.00 38.22  ? 39  ASN A CB    1 
ATOM   295  C  CG    . ASN A 1 39  ? 8.926   4.983   2.356   1.00 41.91  ? 39  ASN A CG    1 
ATOM   296  O  OD1   . ASN A 1 39  ? 8.733   4.105   3.205   1.00 44.44  ? 39  ASN A OD1   1 
ATOM   297  N  ND2   . ASN A 1 39  ? 10.056  5.688   2.297   1.00 38.65  ? 39  ASN A ND2   1 
ATOM   298  N  N     . ILE A 1 40  ? 5.166   3.856   -0.323  1.00 41.79  ? 40  ILE A N     1 
ATOM   299  C  CA    . ILE A 1 40  ? 4.098   4.112   -1.266  1.00 44.20  ? 40  ILE A CA    1 
ATOM   300  C  C     . ILE A 1 40  ? 2.750   4.471   -0.655  1.00 46.53  ? 40  ILE A C     1 
ATOM   301  O  O     . ILE A 1 40  ? 2.191   3.708   0.136   1.00 48.74  ? 40  ILE A O     1 
ATOM   302  C  CB    . ILE A 1 40  ? 3.938   2.887   -2.190  1.00 43.15  ? 40  ILE A CB    1 
ATOM   303  C  CG1   . ILE A 1 40  ? 5.306   2.543   -2.787  1.00 41.64  ? 40  ILE A CG1   1 
ATOM   304  C  CG2   . ILE A 1 40  ? 2.936   3.176   -3.289  1.00 40.49  ? 40  ILE A CG2   1 
ATOM   305  C  CD1   . ILE A 1 40  ? 5.302   1.415   -3.750  1.00 42.95  ? 40  ILE A CD1   1 
ATOM   306  N  N     . PRO A 1 41  ? 2.222   5.662   -0.982  1.00 47.21  ? 41  PRO A N     1 
ATOM   307  C  CA    . PRO A 1 41  ? 0.915   6.007   -0.408  1.00 46.89  ? 41  PRO A CA    1 
ATOM   308  C  C     . PRO A 1 41  ? 0.023   4.894   -0.934  1.00 47.07  ? 41  PRO A C     1 
ATOM   309  O  O     . PRO A 1 41  ? -0.117  4.724   -2.141  1.00 47.52  ? 41  PRO A O     1 
ATOM   310  C  CB    . PRO A 1 41  ? 0.597   7.363   -1.043  1.00 46.99  ? 41  PRO A CB    1 
ATOM   311  C  CG    . PRO A 1 41  ? 1.971   7.956   -1.285  1.00 47.15  ? 41  PRO A CG    1 
ATOM   312  C  CD    . PRO A 1 41  ? 2.769   6.770   -1.788  1.00 47.46  ? 41  PRO A CD    1 
ATOM   313  N  N     . PHE A 1 42  ? -0.565  4.131   -0.029  1.00 48.67  ? 42  PHE A N     1 
ATOM   314  C  CA    . PHE A 1 42  ? -1.388  2.989   -0.405  1.00 48.81  ? 42  PHE A CA    1 
ATOM   315  C  C     . PHE A 1 42  ? -2.903  3.242   -0.387  1.00 49.46  ? 42  PHE A C     1 
ATOM   316  O  O     . PHE A 1 42  ? -3.603  2.919   -1.355  1.00 47.80  ? 42  PHE A O     1 
ATOM   317  C  CB    . PHE A 1 42  ? -1.025  1.825   0.533   1.00 47.78  ? 42  PHE A CB    1 
ATOM   318  C  CG    . PHE A 1 42  ? -1.729  0.535   0.229   1.00 49.48  ? 42  PHE A CG    1 
ATOM   319  C  CD1   . PHE A 1 42  ? -1.333  -0.254  -0.841  1.00 49.23  ? 42  PHE A CD1   1 
ATOM   320  C  CD2   . PHE A 1 42  ? -2.766  0.083   1.051   1.00 49.92  ? 42  PHE A CD2   1 
ATOM   321  C  CE1   . PHE A 1 42  ? -1.951  -1.480  -1.085  1.00 51.37  ? 42  PHE A CE1   1 
ATOM   322  C  CE2   . PHE A 1 42  ? -3.394  -1.140  0.819   1.00 49.09  ? 42  PHE A CE2   1 
ATOM   323  C  CZ    . PHE A 1 42  ? -2.989  -1.923  -0.248  1.00 51.09  ? 42  PHE A CZ    1 
ATOM   324  N  N     . LEU A 1 43  ? -3.398  3.842   0.698   1.00 48.74  ? 43  LEU A N     1 
ATOM   325  C  CA    . LEU A 1 43  ? -4.834  4.059   0.843   1.00 48.85  ? 43  LEU A CA    1 
ATOM   326  C  C     . LEU A 1 43  ? -5.224  5.217   1.774   1.00 49.28  ? 43  LEU A C     1 
ATOM   327  O  O     . LEU A 1 43  ? -4.596  5.425   2.811   1.00 50.84  ? 43  LEU A O     1 
ATOM   328  C  CB    . LEU A 1 43  ? -5.440  2.760   1.377   1.00 48.06  ? 43  LEU A CB    1 
ATOM   329  C  CG    . LEU A 1 43  ? -6.940  2.499   1.440   1.00 47.81  ? 43  LEU A CG    1 
ATOM   330  C  CD1   . LEU A 1 43  ? -7.532  2.398   0.040   1.00 46.00  ? 43  LEU A CD1   1 
ATOM   331  C  CD2   . LEU A 1 43  ? -7.152  1.199   2.190   1.00 47.16  ? 43  LEU A CD2   1 
ATOM   332  N  N     . SER A 1 44  ? -6.252  5.973   1.401   1.00 48.95  ? 44  SER A N     1 
ATOM   333  C  CA    . SER A 1 44  ? -6.723  7.058   2.261   1.00 51.04  ? 44  SER A CA    1 
ATOM   334  C  C     . SER A 1 44  ? -7.713  6.416   3.225   1.00 52.19  ? 44  SER A C     1 
ATOM   335  O  O     . SER A 1 44  ? -8.586  5.652   2.814   1.00 55.06  ? 44  SER A O     1 
ATOM   336  C  CB    . SER A 1 44  ? -7.418  8.145   1.447   1.00 50.81  ? 44  SER A CB    1 
ATOM   337  O  OG    . SER A 1 44  ? -6.468  8.982   0.815   1.00 52.99  ? 44  SER A OG    1 
ATOM   338  N  N     . VAL A 1 45  ? -7.589  6.711   4.508   1.00 51.77  ? 45  VAL A N     1 
ATOM   339  C  CA    . VAL A 1 45  ? -8.476  6.094   5.472   1.00 52.06  ? 45  VAL A CA    1 
ATOM   340  C  C     . VAL A 1 45  ? -9.148  7.079   6.412   1.00 53.82  ? 45  VAL A C     1 
ATOM   341  O  O     . VAL A 1 45  ? -8.676  8.198   6.600   1.00 52.17  ? 45  VAL A O     1 
ATOM   342  C  CB    . VAL A 1 45  ? -7.708  5.054   6.315   1.00 50.37  ? 45  VAL A CB    1 
ATOM   343  C  CG1   . VAL A 1 45  ? -7.261  3.911   5.442   1.00 48.66  ? 45  VAL A CG1   1 
ATOM   344  C  CG2   . VAL A 1 45  ? -6.503  5.699   6.960   1.00 49.68  ? 45  VAL A CG2   1 
ATOM   345  N  N     . LYS A 1 46  ? -10.265 6.651   6.991   1.00 57.14  ? 46  LYS A N     1 
ATOM   346  C  CA    . LYS A 1 46  ? -11.004 7.468   7.948   1.00 60.31  ? 46  LYS A CA    1 
ATOM   347  C  C     . LYS A 1 46  ? -10.372 7.193   9.312   1.00 62.03  ? 46  LYS A C     1 
ATOM   348  O  O     . LYS A 1 46  ? -9.978  8.114   10.022  1.00 62.94  ? 46  LYS A O     1 
ATOM   349  C  CB    . LYS A 1 46  ? -12.462 7.053   7.966   1.00 60.52  ? 46  LYS A CB    1 
ATOM   350  C  CG    . LYS A 1 46  ? -13.145 7.162   6.627   1.00 63.17  ? 46  LYS A CG    1 
ATOM   351  C  CD    . LYS A 1 46  ? -14.422 6.339   6.631   1.00 66.43  ? 46  LYS A CD    1 
ATOM   352  C  CE    . LYS A 1 46  ? -15.075 6.301   5.265   1.00 68.61  ? 46  LYS A CE    1 
ATOM   353  N  NZ    . LYS A 1 46  ? -16.177 5.305   5.241   1.00 72.84  ? 46  LYS A NZ    1 
ATOM   354  N  N     A GLU A 1 47  ? -10.282 5.916   9.673   0.50 63.40  ? 47  GLU A N     1 
ATOM   355  N  N     B GLU A 1 47  ? -10.276 5.909   9.654   0.50 62.93  ? 47  GLU A N     1 
ATOM   356  C  CA    A GLU A 1 47  ? -9.676  5.517   10.943  0.50 64.38  ? 47  GLU A CA    1 
ATOM   357  C  CA    B GLU A 1 47  ? -9.697  5.459   10.920  0.50 63.52  ? 47  GLU A CA    1 
ATOM   358  C  C     A GLU A 1 47  ? -8.335  4.843   10.654  0.50 63.92  ? 47  GLU A C     1 
ATOM   359  C  C     B GLU A 1 47  ? -8.336  4.802   10.656  0.50 63.43  ? 47  GLU A C     1 
ATOM   360  O  O     A GLU A 1 47  ? -8.155  4.219   9.609   0.50 63.45  ? 47  GLU A O     1 
ATOM   361  O  O     B GLU A 1 47  ? -8.141  4.155   9.627   0.50 62.99  ? 47  GLU A O     1 
ATOM   362  C  CB    A GLU A 1 47  ? -10.596 4.551   11.700  0.50 65.65  ? 47  GLU A CB    1 
ATOM   363  C  CB    B GLU A 1 47  ? -10.619 4.424   11.583  0.50 63.73  ? 47  GLU A CB    1 
ATOM   364  C  CG    A GLU A 1 47  ? -11.941 5.147   12.095  0.50 67.93  ? 47  GLU A CG    1 
ATOM   365  C  CG    B GLU A 1 47  ? -12.090 4.828   11.707  0.50 64.23  ? 47  GLU A CG    1 
ATOM   366  C  CD    A GLU A 1 47  ? -11.799 6.360   12.994  0.50 69.40  ? 47  GLU A CD    1 
ATOM   367  C  CD    B GLU A 1 47  ? -13.043 3.768   11.156  0.50 64.69  ? 47  GLU A CD    1 
ATOM   368  O  OE1   A GLU A 1 47  ? -11.180 6.226   14.071  0.50 71.01  ? 47  GLU A OE1   1 
ATOM   369  O  OE1   B GLU A 1 47  ? -13.263 3.737   9.923   0.50 64.10  ? 47  GLU A OE1   1 
ATOM   370  O  OE2   A GLU A 1 47  ? -12.302 7.445   12.627  0.50 69.37  ? 47  GLU A OE2   1 
ATOM   371  O  OE2   B GLU A 1 47  ? -13.564 2.960   11.957  0.50 64.94  ? 47  GLU A OE2   1 
ATOM   372  N  N     . PRO A 1 48  ? -7.375  4.963   11.580  1.00 63.62  ? 48  PRO A N     1 
ATOM   373  C  CA    . PRO A 1 48  ? -6.054  4.359   11.396  1.00 63.87  ? 48  PRO A CA    1 
ATOM   374  C  C     . PRO A 1 48  ? -6.128  2.845   11.535  1.00 63.87  ? 48  PRO A C     1 
ATOM   375  O  O     . PRO A 1 48  ? -6.956  2.335   12.275  1.00 64.50  ? 48  PRO A O     1 
ATOM   376  C  CB    . PRO A 1 48  ? -5.229  5.009   12.501  1.00 63.28  ? 48  PRO A CB    1 
ATOM   377  C  CG    . PRO A 1 48  ? -6.226  5.179   13.589  1.00 62.03  ? 48  PRO A CG    1 
ATOM   378  C  CD    . PRO A 1 48  ? -7.439  5.699   12.855  1.00 63.47  ? 48  PRO A CD    1 
ATOM   379  N  N     . LEU A 1 49  ? -5.272  2.127   10.818  1.00 64.70  ? 49  LEU A N     1 
ATOM   380  C  CA    . LEU A 1 49  ? -5.261  0.671   10.896  1.00 66.28  ? 49  LEU A CA    1 
ATOM   381  C  C     . LEU A 1 49  ? -4.532  0.210   12.147  1.00 68.07  ? 49  LEU A C     1 
ATOM   382  O  O     . LEU A 1 49  ? -3.487  0.748   12.501  1.00 68.16  ? 49  LEU A O     1 
ATOM   383  C  CB    . LEU A 1 49  ? -4.566  0.062   9.678   1.00 65.19  ? 49  LEU A CB    1 
ATOM   384  C  CG    . LEU A 1 49  ? -4.433  -1.471  9.690   1.00 66.15  ? 49  LEU A CG    1 
ATOM   385  C  CD1   . LEU A 1 49  ? -5.801  -2.095  9.444   1.00 65.00  ? 49  LEU A CD1   1 
ATOM   386  C  CD2   . LEU A 1 49  ? -3.446  -1.939  8.624   1.00 64.27  ? 49  LEU A CD2   1 
ATOM   387  N  N     A GLN A 1 50  ? -5.089  -0.793  12.819  0.50 70.14  ? 50  GLN A N     1 
ATOM   388  N  N     B GLN A 1 50  ? -5.093  -0.792  12.812  0.50 69.30  ? 50  GLN A N     1 
ATOM   389  C  CA    A GLN A 1 50  ? -4.478  -1.331  14.030  0.50 72.23  ? 50  GLN A CA    1 
ATOM   390  C  CA    B GLN A 1 50  ? -4.494  -1.336  14.020  0.50 70.72  ? 50  GLN A CA    1 
ATOM   391  C  C     A GLN A 1 50  ? -4.879  -2.789  14.212  0.50 72.90  ? 50  GLN A C     1 
ATOM   392  C  C     B GLN A 1 50  ? -4.893  -2.791  14.203  0.50 71.97  ? 50  GLN A C     1 
ATOM   393  O  O     A GLN A 1 50  ? -5.804  -3.099  14.956  0.50 73.81  ? 50  GLN A O     1 
ATOM   394  O  O     B GLN A 1 50  ? -5.826  -3.103  14.937  0.50 72.99  ? 50  GLN A O     1 
ATOM   395  C  CB    A GLN A 1 50  ? -4.900  -0.512  15.259  0.50 73.04  ? 50  GLN A CB    1 
ATOM   396  C  CB    B GLN A 1 50  ? -4.900  -0.497  15.241  0.50 69.84  ? 50  GLN A CB    1 
ATOM   397  C  CG    A GLN A 1 50  ? -4.191  -0.909  16.557  0.50 74.51  ? 50  GLN A CG    1 
ATOM   398  C  CG    B GLN A 1 50  ? -6.337  0.019   15.226  0.50 68.14  ? 50  GLN A CG    1 
ATOM   399  C  CD    A GLN A 1 50  ? -4.588  -0.032  17.741  0.50 75.69  ? 50  GLN A CD    1 
ATOM   400  C  CD    B GLN A 1 50  ? -6.614  1.006   16.351  0.50 67.82  ? 50  GLN A CD    1 
ATOM   401  O  OE1   A GLN A 1 50  ? -5.762  0.045   18.109  0.50 76.72  ? 50  GLN A OE1   1 
ATOM   402  O  OE1   B GLN A 1 50  ? -5.896  1.994   16.514  0.50 66.80  ? 50  GLN A OE1   1 
ATOM   403  N  NE2   A GLN A 1 50  ? -3.608  0.632   18.342  0.50 75.59  ? 50  GLN A NE2   1 
ATOM   404  N  NE2   B GLN A 1 50  ? -7.662  0.746   17.126  0.50 66.19  ? 50  GLN A NE2   1 
ATOM   405  N  N     . LEU A 1 51  ? -4.171  -3.676  13.521  1.00 73.63  ? 51  LEU A N     1 
ATOM   406  C  CA    . LEU A 1 51  ? -4.425  -5.109  13.580  1.00 76.03  ? 51  LEU A CA    1 
ATOM   407  C  C     . LEU A 1 51  ? -4.309  -5.686  14.986  1.00 79.82  ? 51  LEU A C     1 
ATOM   408  O  O     . LEU A 1 51  ? -3.723  -5.065  15.873  1.00 80.95  ? 51  LEU A O     1 
ATOM   409  C  CB    . LEU A 1 51  ? -3.443  -5.844  12.665  1.00 75.13  ? 51  LEU A CB    1 
ATOM   410  C  CG    . LEU A 1 51  ? -3.481  -5.500  11.176  1.00 74.99  ? 51  LEU A CG    1 
ATOM   411  C  CD1   . LEU A 1 51  ? -2.523  -6.409  10.419  1.00 74.08  ? 51  LEU A CD1   1 
ATOM   412  C  CD2   . LEU A 1 51  ? -4.900  -5.665  10.650  1.00 74.29  ? 51  LEU A CD2   1 
ATOM   413  N  N     . PRO A 1 52  ? -4.866  -6.893  15.202  1.00 83.16  ? 52  PRO A N     1 
ATOM   414  C  CA    . PRO A 1 52  ? -4.853  -7.606  16.483  1.00 86.45  ? 52  PRO A CA    1 
ATOM   415  C  C     . PRO A 1 52  ? -3.454  -7.767  17.081  1.00 89.80  ? 52  PRO A C     1 
ATOM   416  O  O     . PRO A 1 52  ? -2.455  -7.791  16.358  1.00 90.41  ? 52  PRO A O     1 
ATOM   417  C  CB    . PRO A 1 52  ? -5.475  -8.946  16.126  1.00 85.47  ? 52  PRO A CB    1 
ATOM   418  C  CG    . PRO A 1 52  ? -6.475  -8.566  15.097  1.00 84.92  ? 52  PRO A CG    1 
ATOM   419  C  CD    . PRO A 1 52  ? -5.679  -7.632  14.220  1.00 84.65  ? 52  PRO A CD    1 
ATOM   420  N  N     A ARG A 1 53  ? -3.407  -7.885  18.406  0.70 91.77  ? 53  ARG A N     1 
ATOM   421  N  N     B ARG A 1 53  ? -3.385  -7.875  18.405  0.30 91.12  ? 53  ARG A N     1 
ATOM   422  C  CA    A ARG A 1 53  ? -2.157  -8.050  19.142  0.70 93.59  ? 53  ARG A CA    1 
ATOM   423  C  CA    B ARG A 1 53  ? -2.107  -8.023  19.096  0.30 92.67  ? 53  ARG A CA    1 
ATOM   424  C  C     A ARG A 1 53  ? -1.263  -9.090  18.468  0.70 94.10  ? 53  ARG A C     1 
ATOM   425  C  C     B ARG A 1 53  ? -1.239  -9.099  18.450  0.30 93.64  ? 53  ARG A C     1 
ATOM   426  O  O     A ARG A 1 53  ? -0.284  -8.747  17.806  0.70 94.20  ? 53  ARG A O     1 
ATOM   427  O  O     B ARG A 1 53  ? -0.246  -8.792  17.791  0.30 93.75  ? 53  ARG A O     1 
ATOM   428  C  CB    A ARG A 1 53  ? -2.452  -8.490  20.582  0.70 94.30  ? 53  ARG A CB    1 
ATOM   429  C  CB    B ARG A 1 53  ? -2.337  -8.366  20.571  0.30 92.58  ? 53  ARG A CB    1 
ATOM   430  C  CG    A ARG A 1 53  ? -3.436  -7.596  21.342  0.70 95.63  ? 53  ARG A CG    1 
ATOM   431  C  CG    B ARG A 1 53  ? -3.213  -7.366  21.311  0.30 92.57  ? 53  ARG A CG    1 
ATOM   432  C  CD    A ARG A 1 53  ? -3.792  -8.201  22.703  0.70 96.11  ? 53  ARG A CD    1 
ATOM   433  C  CD    B ARG A 1 53  ? -3.357  -7.732  22.780  0.30 92.29  ? 53  ARG A CD    1 
ATOM   434  N  NE    A ARG A 1 53  ? -4.746  -7.392  23.467  0.70 96.80  ? 53  ARG A NE    1 
ATOM   435  N  NE    B ARG A 1 53  ? -2.129  -7.500  23.535  0.30 91.71  ? 53  ARG A NE    1 
ATOM   436  C  CZ    A ARG A 1 53  ? -5.986  -7.111  23.071  0.70 96.83  ? 53  ARG A CZ    1 
ATOM   437  C  CZ    B ARG A 1 53  ? -1.577  -6.304  23.708  0.30 91.38  ? 53  ARG A CZ    1 
ATOM   438  N  NH1   A ARG A 1 53  ? -6.434  -7.569  21.911  0.70 97.07  ? 53  ARG A NH1   1 
ATOM   439  N  NH1   B ARG A 1 53  ? -2.141  -5.228  23.179  0.30 91.28  ? 53  ARG A NH1   1 
ATOM   440  N  NH2   A ARG A 1 53  ? -6.781  -6.378  23.841  0.70 95.84  ? 53  ARG A NH2   1 
ATOM   441  N  NH2   B ARG A 1 53  ? -0.463  -6.181  24.417  0.30 91.02  ? 53  ARG A NH2   1 
ATOM   442  N  N     . GLU A 1 54  ? -1.620  -10.359 18.643  1.00 94.87  ? 54  GLU A N     1 
ATOM   443  C  CA    . GLU A 1 54  ? -0.876  -11.490 18.081  1.00 96.91  ? 54  GLU A CA    1 
ATOM   444  C  C     . GLU A 1 54  ? -0.516  -11.364 16.602  1.00 96.45  ? 54  GLU A C     1 
ATOM   445  O  O     . GLU A 1 54  ? 0.639   -11.116 16.245  1.00 96.98  ? 54  GLU A O     1 
ATOM   446  C  CB    . GLU A 1 54  ? -1.679  -12.785 18.297  1.00 99.99  ? 54  GLU A CB    1 
ATOM   447  C  CG    . GLU A 1 54  ? -1.399  -13.913 17.292  1.00 103.16 ? 54  GLU A CG    1 
ATOM   448  C  CD    . GLU A 1 54  ? -0.068  -14.603 17.515  1.00 105.07 ? 54  GLU A CD    1 
ATOM   449  O  OE1   . GLU A 1 54  ? 0.046   -15.365 18.500  1.00 105.90 ? 54  GLU A OE1   1 
ATOM   450  O  OE2   . GLU A 1 54  ? 0.861   -14.382 16.707  1.00 106.19 ? 54  GLU A OE2   1 
ATOM   451  N  N     . LYS A 1 55  ? -1.524  -11.552 15.758  1.00 94.96  ? 55  LYS A N     1 
ATOM   452  C  CA    . LYS A 1 55  ? -1.389  -11.509 14.307  1.00 93.20  ? 55  LYS A CA    1 
ATOM   453  C  C     . LYS A 1 55  ? -0.335  -10.560 13.735  1.00 90.62  ? 55  LYS A C     1 
ATOM   454  O  O     . LYS A 1 55  ? -0.097  -9.469  14.255  1.00 90.38  ? 55  LYS A O     1 
ATOM   455  C  CB    . LYS A 1 55  ? -2.757  -11.201 13.691  1.00 93.81  ? 55  LYS A CB    1 
ATOM   456  C  CG    . LYS A 1 55  ? -3.899  -11.972 14.358  1.00 94.81  ? 55  LYS A CG    1 
ATOM   457  C  CD    . LYS A 1 55  ? -3.657  -13.486 14.362  1.00 95.29  ? 55  LYS A CD    1 
ATOM   458  C  CE    . LYS A 1 55  ? -3.719  -14.075 12.957  1.00 96.33  ? 55  LYS A CE    1 
ATOM   459  N  NZ    . LYS A 1 55  ? -3.563  -15.556 12.961  1.00 95.62  ? 55  LYS A NZ    1 
ATOM   460  N  N     . LYS A 1 56  ? 0.298   -11.009 12.655  1.00 88.01  ? 56  LYS A N     1 
ATOM   461  C  CA    . LYS A 1 56  ? 1.320   -10.239 11.953  1.00 84.80  ? 56  LYS A CA    1 
ATOM   462  C  C     . LYS A 1 56  ? 0.716   -9.847  10.599  1.00 82.10  ? 56  LYS A C     1 
ATOM   463  O  O     . LYS A 1 56  ? -0.140  -10.557 10.070  1.00 82.04  ? 56  LYS A O     1 
ATOM   464  C  CB    . LYS A 1 56  ? 2.565   -11.100 11.720  1.00 85.10  ? 56  LYS A CB    1 
ATOM   465  C  CG    . LYS A 1 56  ? 2.930   -12.036 12.868  1.00 85.67  ? 56  LYS A CG    1 
ATOM   466  C  CD    . LYS A 1 56  ? 3.448   -11.290 14.086  1.00 86.60  ? 56  LYS A CD    1 
ATOM   467  C  CE    . LYS A 1 56  ? 3.880   -12.265 15.183  1.00 86.77  ? 56  LYS A CE    1 
ATOM   468  N  NZ    . LYS A 1 56  ? 4.579   -11.585 16.318  1.00 86.30  ? 56  LYS A NZ    1 
ATOM   469  N  N     . LEU A 1 57  ? 1.151   -8.721  10.044  1.00 78.72  ? 57  LEU A N     1 
ATOM   470  C  CA    . LEU A 1 57  ? 0.645   -8.270  8.751   1.00 74.53  ? 57  LEU A CA    1 
ATOM   471  C  C     . LEU A 1 57  ? 0.906   -9.335  7.697   1.00 72.94  ? 57  LEU A C     1 
ATOM   472  O  O     . LEU A 1 57  ? 0.118   -9.528  6.777   1.00 72.03  ? 57  LEU A O     1 
ATOM   473  C  CB    . LEU A 1 57  ? 1.337   -6.976  8.335   1.00 73.36  ? 57  LEU A CB    1 
ATOM   474  C  CG    . LEU A 1 57  ? 1.049   -6.537  6.900   1.00 73.86  ? 57  LEU A CG    1 
ATOM   475  C  CD1   . LEU A 1 57  ? -0.406  -6.081  6.783   1.00 72.88  ? 57  LEU A CD1   1 
ATOM   476  C  CD2   . LEU A 1 57  ? 2.004   -5.421  6.505   1.00 72.06  ? 57  LEU A CD2   1 
ATOM   477  N  N     . THR A 1 58  ? 2.030   -10.023 7.846   1.00 72.18  ? 58  THR A N     1 
ATOM   478  C  CA    . THR A 1 58  ? 2.435   -11.069 6.922   1.00 72.29  ? 58  THR A CA    1 
ATOM   479  C  C     . THR A 1 58  ? 1.430   -12.201 6.831   1.00 71.80  ? 58  THR A C     1 
ATOM   480  O  O     . THR A 1 58  ? 1.435   -12.965 5.863   1.00 71.05  ? 58  THR A O     1 
ATOM   481  C  CB    . THR A 1 58  ? 3.798   -11.644 7.330   1.00 73.35  ? 58  THR A CB    1 
ATOM   482  O  OG1   . THR A 1 58  ? 4.826   -10.723 6.951   1.00 75.43  ? 58  THR A OG1   1 
ATOM   483  C  CG2   . THR A 1 58  ? 4.046   -12.989 6.668   1.00 75.54  ? 58  THR A CG2   1 
ATOM   484  N  N     . ASP A 1 59  ? 0.570   -12.312 7.837   1.00 71.60  ? 59  ASP A N     1 
ATOM   485  C  CA    . ASP A 1 59  ? -0.433  -13.368 7.852   1.00 71.62  ? 59  ASP A CA    1 
ATOM   486  C  C     . ASP A 1 59  ? -1.606  -13.076 6.929   1.00 70.47  ? 59  ASP A C     1 
ATOM   487  O  O     . ASP A 1 59  ? -2.237  -13.993 6.409   1.00 70.66  ? 59  ASP A O     1 
ATOM   488  C  CB    . ASP A 1 59  ? -0.960  -13.603 9.272   1.00 73.18  ? 59  ASP A CB    1 
ATOM   489  C  CG    . ASP A 1 59  ? 0.103   -14.157 10.203  1.00 74.78  ? 59  ASP A CG    1 
ATOM   490  O  OD1   . ASP A 1 59  ? 0.910   -14.993 9.737   1.00 74.25  ? 59  ASP A OD1   1 
ATOM   491  O  OD2   . ASP A 1 59  ? 0.121   -13.768 11.396  1.00 74.65  ? 59  ASP A OD2   1 
ATOM   492  N  N     . TYR A 1 60  ? -1.892  -11.801 6.710   1.00 68.27  ? 60  TYR A N     1 
ATOM   493  C  CA    . TYR A 1 60  ? -3.016  -11.449 5.864   1.00 68.14  ? 60  TYR A CA    1 
ATOM   494  C  C     . TYR A 1 60  ? -2.578  -10.839 4.552   1.00 65.48  ? 60  TYR A C     1 
ATOM   495  O  O     . TYR A 1 60  ? -3.344  -10.798 3.598   1.00 64.03  ? 60  TYR A O     1 
ATOM   496  C  CB    . TYR A 1 60  ? -3.901  -10.434 6.576   1.00 71.89  ? 60  TYR A CB    1 
ATOM   497  C  CG    . TYR A 1 60  ? -4.215  -10.756 8.017   1.00 75.56  ? 60  TYR A CG    1 
ATOM   498  C  CD1   . TYR A 1 60  ? -5.067  -11.810 8.351   1.00 76.77  ? 60  TYR A CD1   1 
ATOM   499  C  CD2   . TYR A 1 60  ? -3.705  -9.963  9.050   1.00 77.65  ? 60  TYR A CD2   1 
ATOM   500  C  CE1   . TYR A 1 60  ? -5.413  -12.063 9.680   1.00 79.17  ? 60  TYR A CE1   1 
ATOM   501  C  CE2   . TYR A 1 60  ? -4.043  -10.208 10.384  1.00 79.73  ? 60  TYR A CE2   1 
ATOM   502  C  CZ    . TYR A 1 60  ? -4.899  -11.258 10.692  1.00 80.13  ? 60  TYR A CZ    1 
ATOM   503  O  OH    . TYR A 1 60  ? -5.246  -11.491 12.005  1.00 80.07  ? 60  TYR A OH    1 
ATOM   504  N  N     . PHE A 1 61  ? -1.333  -10.389 4.509   1.00 64.36  ? 61  PHE A N     1 
ATOM   505  C  CA    . PHE A 1 61  ? -0.803  -9.698  3.342   1.00 62.22  ? 61  PHE A CA    1 
ATOM   506  C  C     . PHE A 1 61  ? 0.398   -10.370 2.686   1.00 59.81  ? 61  PHE A C     1 
ATOM   507  O  O     . PHE A 1 61  ? 1.370   -10.709 3.355   1.00 59.92  ? 61  PHE A O     1 
ATOM   508  C  CB    . PHE A 1 61  ? -0.418  -8.290  3.791   1.00 64.58  ? 61  PHE A CB    1 
ATOM   509  C  CG    . PHE A 1 61  ? -0.501  -7.254  2.722   1.00 65.61  ? 61  PHE A CG    1 
ATOM   510  C  CD1   . PHE A 1 61  ? -1.592  -7.206  1.862   1.00 67.40  ? 61  PHE A CD1   1 
ATOM   511  C  CD2   . PHE A 1 61  ? 0.470   -6.260  2.638   1.00 64.77  ? 61  PHE A CD2   1 
ATOM   512  C  CE1   . PHE A 1 61  ? -1.723  -6.175  0.934   1.00 69.62  ? 61  PHE A CE1   1 
ATOM   513  C  CE2   . PHE A 1 61  ? 0.356   -5.229  1.723   1.00 67.53  ? 61  PHE A CE2   1 
ATOM   514  C  CZ    . PHE A 1 61  ? -0.744  -5.181  0.866   1.00 69.24  ? 61  PHE A CZ    1 
ATOM   515  N  N     . THR A 1 62  ? 0.332   -10.550 1.372   1.00 57.41  ? 62  THR A N     1 
ATOM   516  C  CA    . THR A 1 62  ? 1.437   -11.144 0.626   1.00 57.01  ? 62  THR A CA    1 
ATOM   517  C  C     . THR A 1 62  ? 1.699   -10.280 -0.605  1.00 56.96  ? 62  THR A C     1 
ATOM   518  O  O     . THR A 1 62  ? 0.766   -9.954  -1.338  1.00 58.25  ? 62  THR A O     1 
ATOM   519  C  CB    . THR A 1 62  ? 1.101   -12.584 0.176   1.00 57.65  ? 62  THR A CB    1 
ATOM   520  O  OG1   . THR A 1 62  ? 1.027   -13.436 1.327   1.00 56.68  ? 62  THR A OG1   1 
ATOM   521  C  CG2   . THR A 1 62  ? 2.166   -13.119 -0.781  1.00 54.23  ? 62  THR A CG2   1 
ATOM   522  N  N     . ILE A 1 63  ? 2.953   -9.896  -0.833  1.00 55.58  ? 63  ILE A N     1 
ATOM   523  C  CA    . ILE A 1 63  ? 3.270   -9.071  -2.001  1.00 55.16  ? 63  ILE A CA    1 
ATOM   524  C  C     . ILE A 1 63  ? 4.371   -9.646  -2.876  1.00 54.44  ? 63  ILE A C     1 
ATOM   525  O  O     . ILE A 1 63  ? 5.222   -10.406 -2.407  1.00 54.65  ? 63  ILE A O     1 
ATOM   526  C  CB    . ILE A 1 63  ? 3.691   -7.629  -1.614  1.00 54.57  ? 63  ILE A CB    1 
ATOM   527  C  CG1   . ILE A 1 63  ? 5.004   -7.650  -0.841  1.00 54.77  ? 63  ILE A CG1   1 
ATOM   528  C  CG2   . ILE A 1 63  ? 2.594   -6.961  -0.801  1.00 55.60  ? 63  ILE A CG2   1 
ATOM   529  C  CD1   . ILE A 1 63  ? 5.541   -6.268  -0.542  1.00 56.63  ? 63  ILE A CD1   1 
ATOM   530  N  N     . ASP A 1 64  ? 4.347   -9.261  -4.151  1.00 53.59  ? 64  ASP A N     1 
ATOM   531  C  CA    . ASP A 1 64  ? 5.327   -9.722  -5.129  1.00 52.91  ? 64  ASP A CA    1 
ATOM   532  C  C     . ASP A 1 64  ? 5.674   -8.599  -6.100  1.00 52.19  ? 64  ASP A C     1 
ATOM   533  O  O     . ASP A 1 64  ? 4.822   -8.147  -6.873  1.00 51.65  ? 64  ASP A O     1 
ATOM   534  C  CB    . ASP A 1 64  ? 4.764   -10.920 -5.908  1.00 57.14  ? 64  ASP A CB    1 
ATOM   535  C  CG    . ASP A 1 64  ? 5.774   -11.528 -6.884  1.00 61.40  ? 64  ASP A CG    1 
ATOM   536  O  OD1   . ASP A 1 64  ? 6.384   -10.779 -7.670  1.00 65.83  ? 64  ASP A OD1   1 
ATOM   537  O  OD2   . ASP A 1 64  ? 5.952   -12.762 -6.878  1.00 62.86  ? 64  ASP A OD2   1 
ATOM   538  N  N     . VAL A 1 65  ? 6.924   -8.146  -6.052  1.00 50.62  ? 65  VAL A N     1 
ATOM   539  C  CA    . VAL A 1 65  ? 7.398   -7.089  -6.942  1.00 50.07  ? 65  VAL A CA    1 
ATOM   540  C  C     . VAL A 1 65  ? 7.851   -7.734  -8.250  1.00 49.86  ? 65  VAL A C     1 
ATOM   541  O  O     . VAL A 1 65  ? 8.779   -8.540  -8.241  1.00 51.69  ? 65  VAL A O     1 
ATOM   542  C  CB    . VAL A 1 65  ? 8.590   -6.333  -6.311  1.00 49.27  ? 65  VAL A CB    1 
ATOM   543  C  CG1   . VAL A 1 65  ? 9.051   -5.220  -7.227  1.00 47.75  ? 65  VAL A CG1   1 
ATOM   544  C  CG2   . VAL A 1 65  ? 8.188   -5.759  -4.975  1.00 49.40  ? 65  VAL A CG2   1 
ATOM   545  N  N     . GLU A 1 66  ? 7.203   -7.382  -9.363  1.00 50.12  ? 66  GLU A N     1 
ATOM   546  C  CA    . GLU A 1 66  ? 7.531   -7.943  -10.686 1.00 50.87  ? 66  GLU A CA    1 
ATOM   547  C  C     . GLU A 1 66  ? 7.755   -6.904  -11.787 1.00 49.58  ? 66  GLU A C     1 
ATOM   548  O  O     . GLU A 1 66  ? 7.088   -5.871  -11.828 1.00 50.03  ? 66  GLU A O     1 
ATOM   549  C  CB    . GLU A 1 66  ? 6.410   -8.875  -11.167 1.00 54.92  ? 66  GLU A CB    1 
ATOM   550  C  CG    . GLU A 1 66  ? 6.306   -10.219 -10.457 1.00 61.16  ? 66  GLU A CG    1 
ATOM   551  C  CD    . GLU A 1 66  ? 7.483   -11.145 -10.750 1.00 66.11  ? 66  GLU A CD    1 
ATOM   552  O  OE1   . GLU A 1 66  ? 7.822   -11.329 -11.946 1.00 68.27  ? 66  GLU A OE1   1 
ATOM   553  O  OE2   . GLU A 1 66  ? 8.061   -11.696 -9.784  1.00 68.37  ? 66  GLU A OE2   1 
ATOM   554  N  N     . PRO A 1 67  ? 8.700   -7.170  -12.704 1.00 48.10  ? 67  PRO A N     1 
ATOM   555  C  CA    . PRO A 1 67  ? 9.002   -6.257  -13.820 1.00 46.00  ? 67  PRO A CA    1 
ATOM   556  C  C     . PRO A 1 67  ? 7.869   -6.297  -14.827 1.00 43.26  ? 67  PRO A C     1 
ATOM   557  O  O     . PRO A 1 67  ? 7.244   -7.337  -15.024 1.00 43.84  ? 67  PRO A O     1 
ATOM   558  C  CB    . PRO A 1 67  ? 10.287  -6.827  -14.385 1.00 45.68  ? 67  PRO A CB    1 
ATOM   559  C  CG    . PRO A 1 67  ? 10.142  -8.284  -14.103 1.00 46.80  ? 67  PRO A CG    1 
ATOM   560  C  CD    . PRO A 1 67  ? 9.648   -8.293  -12.690 1.00 46.95  ? 67  PRO A CD    1 
ATOM   561  N  N     . ALA A 1 68  ? 7.591   -5.170  -15.461 1.00 43.26  ? 68  ALA A N     1 
ATOM   562  C  CA    . ALA A 1 68  ? 6.490   -5.119  -16.424 1.00 43.89  ? 68  ALA A CA    1 
ATOM   563  C  C     . ALA A 1 68  ? 6.964   -4.574  -17.740 1.00 44.57  ? 68  ALA A C     1 
ATOM   564  O  O     . ALA A 1 68  ? 6.176   -4.351  -18.649 1.00 45.93  ? 68  ALA A O     1 
ATOM   565  C  CB    . ALA A 1 68  ? 5.347   -4.265  -15.888 1.00 42.43  ? 68  ALA A CB    1 
ATOM   566  N  N     . GLY A 1 69  ? 8.269   -4.360  -17.828 1.00 44.83  ? 69  GLY A N     1 
ATOM   567  C  CA    . GLY A 1 69  ? 8.865   -3.858  -19.043 1.00 43.75  ? 69  GLY A CA    1 
ATOM   568  C  C     . GLY A 1 69  ? 10.335  -3.704  -18.751 1.00 44.83  ? 69  GLY A C     1 
ATOM   569  O  O     . GLY A 1 69  ? 10.813  -4.218  -17.745 1.00 43.40  ? 69  GLY A O     1 
ATOM   570  N  N     . HIS A 1 70  ? 11.049  -2.999  -19.623 1.00 47.58  ? 70  HIS A N     1 
ATOM   571  C  CA    . HIS A 1 70  ? 12.477  -2.772  -19.444 1.00 47.57  ? 70  HIS A CA    1 
ATOM   572  C  C     . HIS A 1 70  ? 12.758  -1.689  -18.408 1.00 47.87  ? 70  HIS A C     1 
ATOM   573  O  O     . HIS A 1 70  ? 13.908  -1.465  -18.055 1.00 49.47  ? 70  HIS A O     1 
ATOM   574  C  CB    . HIS A 1 70  ? 13.121  -2.411  -20.782 1.00 47.48  ? 70  HIS A CB    1 
ATOM   575  C  CG    . HIS A 1 70  ? 12.974  -3.482  -21.818 1.00 49.90  ? 70  HIS A CG    1 
ATOM   576  N  ND1   . HIS A 1 70  ? 13.582  -4.713  -21.702 1.00 49.70  ? 70  HIS A ND1   1 
ATOM   577  C  CD2   . HIS A 1 70  ? 12.224  -3.540  -22.942 1.00 49.07  ? 70  HIS A CD2   1 
ATOM   578  C  CE1   . HIS A 1 70  ? 13.208  -5.484  -22.704 1.00 48.47  ? 70  HIS A CE1   1 
ATOM   579  N  NE2   . HIS A 1 70  ? 12.383  -4.796  -23.471 1.00 49.93  ? 70  HIS A NE2   1 
ATOM   580  N  N     . SER A 1 71  ? 11.717  -1.025  -17.910 1.00 47.56  ? 71  SER A N     1 
ATOM   581  C  CA    . SER A 1 71  ? 11.938  0.003   -16.893 1.00 50.45  ? 71  SER A CA    1 
ATOM   582  C  C     . SER A 1 71  ? 10.841  0.146   -15.841 1.00 49.37  ? 71  SER A C     1 
ATOM   583  O  O     . SER A 1 71  ? 11.097  0.659   -14.756 1.00 51.34  ? 71  SER A O     1 
ATOM   584  C  CB    . SER A 1 71  ? 12.205  1.371   -17.548 1.00 52.64  ? 71  SER A CB    1 
ATOM   585  O  OG    . SER A 1 71  ? 11.179  1.748   -18.454 1.00 56.27  ? 71  SER A OG    1 
ATOM   586  N  N     . LEU A 1 72  ? 9.630   -0.305  -16.154 1.00 46.98  ? 72  LEU A N     1 
ATOM   587  C  CA    . LEU A 1 72  ? 8.513   -0.225  -15.217 1.00 44.03  ? 72  LEU A CA    1 
ATOM   588  C  C     . LEU A 1 72  ? 8.300   -1.527  -14.432 1.00 44.77  ? 72  LEU A C     1 
ATOM   589  O  O     . LEU A 1 72  ? 8.548   -2.617  -14.936 1.00 46.87  ? 72  LEU A O     1 
ATOM   590  C  CB    . LEU A 1 72  ? 7.233   0.119   -15.971 1.00 43.98  ? 72  LEU A CB    1 
ATOM   591  C  CG    . LEU A 1 72  ? 7.210   1.462   -16.693 1.00 44.44  ? 72  LEU A CG    1 
ATOM   592  C  CD1   . LEU A 1 72  ? 5.984   1.532   -17.560 1.00 39.78  ? 72  LEU A CD1   1 
ATOM   593  C  CD2   . LEU A 1 72  ? 7.238   2.614   -15.674 1.00 46.78  ? 72  LEU A CD2   1 
ATOM   594  N  N     . VAL A 1 73  ? 7.807   -1.390  -13.205 1.00 42.55  ? 73  VAL A N     1 
ATOM   595  C  CA    . VAL A 1 73  ? 7.551   -2.505  -12.308 1.00 40.49  ? 73  VAL A CA    1 
ATOM   596  C  C     . VAL A 1 73  ? 6.150   -2.423  -11.677 1.00 41.66  ? 73  VAL A C     1 
ATOM   597  O  O     . VAL A 1 73  ? 5.594   -1.334  -11.524 1.00 41.67  ? 73  VAL A O     1 
ATOM   598  C  CB    . VAL A 1 73  ? 8.603   -2.507  -11.182 1.00 41.54  ? 73  VAL A CB    1 
ATOM   599  C  CG1   . VAL A 1 73  ? 8.186   -3.439  -10.037 1.00 39.35  ? 73  VAL A CG1   1 
ATOM   600  C  CG2   . VAL A 1 73  ? 9.947   -2.904  -11.758 1.00 43.25  ? 73  VAL A CG2   1 
ATOM   601  N  N     . ASN A 1 74  ? 5.580   -3.579  -11.331 1.00 40.54  ? 74  ASN A N     1 
ATOM   602  C  CA    . ASN A 1 74  ? 4.275   -3.643  -10.681 1.00 39.46  ? 74  ASN A CA    1 
ATOM   603  C  C     . ASN A 1 74  ? 4.436   -4.408  -9.386  1.00 40.55  ? 74  ASN A C     1 
ATOM   604  O  O     . ASN A 1 74  ? 5.320   -5.264  -9.276  1.00 42.33  ? 74  ASN A O     1 
ATOM   605  C  CB    . ASN A 1 74  ? 3.244   -4.394  -11.525 1.00 40.40  ? 74  ASN A CB    1 
ATOM   606  C  CG    . ASN A 1 74  ? 2.887   -3.673  -12.804 1.00 42.23  ? 74  ASN A CG    1 
ATOM   607  O  OD1   . ASN A 1 74  ? 2.985   -2.458  -12.881 1.00 44.49  ? 74  ASN A OD1   1 
ATOM   608  N  ND2   . ASN A 1 74  ? 2.445   -4.423  -13.810 1.00 42.00  ? 74  ASN A ND2   1 
ATOM   609  N  N     . ILE A 1 75  ? 3.602   -4.098  -8.398  1.00 40.99  ? 75  ILE A N     1 
ATOM   610  C  CA    . ILE A 1 75  ? 3.624   -4.837  -7.138  1.00 42.66  ? 75  ILE A CA    1 
ATOM   611  C  C     . ILE A 1 75  ? 2.290   -5.579  -7.067  1.00 43.16  ? 75  ILE A C     1 
ATOM   612  O  O     . ILE A 1 75  ? 1.230   -4.962  -7.167  1.00 43.65  ? 75  ILE A O     1 
ATOM   613  C  CB    . ILE A 1 75  ? 3.727   -3.929  -5.901  1.00 43.82  ? 75  ILE A CB    1 
ATOM   614  C  CG1   . ILE A 1 75  ? 4.997   -3.075  -5.968  1.00 46.74  ? 75  ILE A CG1   1 
ATOM   615  C  CG2   . ILE A 1 75  ? 3.761   -4.795  -4.637  1.00 42.85  ? 75  ILE A CG2   1 
ATOM   616  C  CD1   . ILE A 1 75  ? 5.199   -2.149  -4.748  1.00 46.77  ? 75  ILE A CD1   1 
ATOM   617  N  N     . TYR A 1 76  ? 2.345   -6.904  -6.932  1.00 44.55  ? 76  TYR A N     1 
ATOM   618  C  CA    . TYR A 1 76  ? 1.124   -7.705  -6.845  1.00 43.58  ? 76  TYR A CA    1 
ATOM   619  C  C     . TYR A 1 76  ? 0.740   -7.974  -5.406  1.00 43.54  ? 76  TYR A C     1 
ATOM   620  O  O     . TYR A 1 76  ? 1.606   -8.178  -4.556  1.00 43.73  ? 76  TYR A O     1 
ATOM   621  C  CB    . TYR A 1 76  ? 1.297   -9.010  -7.608  1.00 43.54  ? 76  TYR A CB    1 
ATOM   622  C  CG    . TYR A 1 76  ? 1.413   -8.766  -9.085  1.00 44.20  ? 76  TYR A CG    1 
ATOM   623  C  CD1   . TYR A 1 76  ? 2.644   -8.457  -9.667  1.00 45.86  ? 76  TYR A CD1   1 
ATOM   624  C  CD2   . TYR A 1 76  ? 0.281   -8.738  -9.887  1.00 44.32  ? 76  TYR A CD2   1 
ATOM   625  C  CE1   . TYR A 1 76  ? 2.743   -8.117  -11.021 1.00 44.78  ? 76  TYR A CE1   1 
ATOM   626  C  CE2   . TYR A 1 76  ? 0.365   -8.404  -11.235 1.00 46.11  ? 76  TYR A CE2   1 
ATOM   627  C  CZ    . TYR A 1 76  ? 1.599   -8.094  -11.798 1.00 46.07  ? 76  TYR A CZ    1 
ATOM   628  O  OH    . TYR A 1 76  ? 1.680   -7.771  -13.137 1.00 48.96  ? 76  TYR A OH    1 
ATOM   629  N  N     . PHE A 1 77  ? -0.560  -7.965  -5.134  1.00 44.97  ? 77  PHE A N     1 
ATOM   630  C  CA    . PHE A 1 77  ? -1.072  -8.183  -3.780  1.00 47.91  ? 77  PHE A CA    1 
ATOM   631  C  C     . PHE A 1 77  ? -2.083  -9.305  -3.671  1.00 48.64  ? 77  PHE A C     1 
ATOM   632  O  O     . PHE A 1 77  ? -2.882  -9.540  -4.576  1.00 47.62  ? 77  PHE A O     1 
ATOM   633  C  CB    . PHE A 1 77  ? -1.771  -6.923  -3.258  1.00 50.60  ? 77  PHE A CB    1 
ATOM   634  C  CG    . PHE A 1 77  ? -0.934  -5.705  -3.309  1.00 52.81  ? 77  PHE A CG    1 
ATOM   635  C  CD1   . PHE A 1 77  ? 0.045   -5.482  -2.344  1.00 55.24  ? 77  PHE A CD1   1 
ATOM   636  C  CD2   . PHE A 1 77  ? -1.095  -4.791  -4.342  1.00 53.49  ? 77  PHE A CD2   1 
ATOM   637  C  CE1   . PHE A 1 77  ? 0.861   -4.356  -2.404  1.00 57.80  ? 77  PHE A CE1   1 
ATOM   638  C  CE2   . PHE A 1 77  ? -0.292  -3.663  -4.420  1.00 56.53  ? 77  PHE A CE2   1 
ATOM   639  C  CZ    . PHE A 1 77  ? 0.693   -3.439  -3.449  1.00 56.98  ? 77  PHE A CZ    1 
ATOM   640  N  N     . GLN A 1 78  ? -2.058  -9.962  -2.523  1.00 51.47  ? 78  GLN A N     1 
ATOM   641  C  CA    . GLN A 1 78  ? -2.988  -11.031 -2.199  1.00 54.62  ? 78  GLN A CA    1 
ATOM   642  C  C     . GLN A 1 78  ? -3.447  -10.679 -0.796  1.00 54.03  ? 78  GLN A C     1 
ATOM   643  O  O     . GLN A 1 78  ? -2.691  -10.793 0.170   1.00 52.02  ? 78  GLN A O     1 
ATOM   644  C  CB    . GLN A 1 78  ? -2.271  -12.369 -2.214  1.00 59.99  ? 78  GLN A CB    1 
ATOM   645  C  CG    . GLN A 1 78  ? -3.163  -13.557 -1.958  1.00 66.89  ? 78  GLN A CG    1 
ATOM   646  C  CD    . GLN A 1 78  ? -2.553  -14.826 -2.510  1.00 71.21  ? 78  GLN A CD    1 
ATOM   647  O  OE1   . GLN A 1 78  ? -2.466  -15.004 -3.731  1.00 73.63  ? 78  GLN A OE1   1 
ATOM   648  N  NE2   . GLN A 1 78  ? -2.109  -15.712 -1.617  1.00 72.32  ? 78  GLN A NE2   1 
ATOM   649  N  N     . ILE A 1 79  ? -4.685  -10.228 -0.690  1.00 55.84  ? 79  ILE A N     1 
ATOM   650  C  CA    . ILE A 1 79  ? -5.209  -9.802  0.596   1.00 58.28  ? 79  ILE A CA    1 
ATOM   651  C  C     . ILE A 1 79  ? -6.209  -10.778 1.202   1.00 61.06  ? 79  ILE A C     1 
ATOM   652  O  O     . ILE A 1 79  ? -7.170  -11.183 0.558   1.00 62.55  ? 79  ILE A O     1 
ATOM   653  C  CB    . ILE A 1 79  ? -5.856  -8.398  0.462   1.00 56.83  ? 79  ILE A CB    1 
ATOM   654  C  CG1   . ILE A 1 79  ? -4.936  -7.492  -0.373  1.00 55.54  ? 79  ILE A CG1   1 
ATOM   655  C  CG2   . ILE A 1 79  ? -6.053  -7.784  1.839   1.00 57.88  ? 79  ILE A CG2   1 
ATOM   656  C  CD1   . ILE A 1 79  ? -5.467  -6.116  -0.640  1.00 51.77  ? 79  ILE A CD1   1 
ATOM   657  N  N     . ASP A 1 80  ? -5.960  -11.158 2.449   1.00 64.93  ? 80  ASP A N     1 
ATOM   658  C  CA    . ASP A 1 80  ? -6.827  -12.078 3.175   1.00 67.48  ? 80  ASP A CA    1 
ATOM   659  C  C     . ASP A 1 80  ? -8.127  -11.388 3.561   1.00 67.50  ? 80  ASP A C     1 
ATOM   660  O  O     . ASP A 1 80  ? -8.149  -10.177 3.791   1.00 66.83  ? 80  ASP A O     1 
ATOM   661  C  CB    . ASP A 1 80  ? -6.122  -12.571 4.438   1.00 71.66  ? 80  ASP A CB    1 
ATOM   662  C  CG    . ASP A 1 80  ? -5.653  -14.005 4.320   1.00 76.66  ? 80  ASP A CG    1 
ATOM   663  O  OD1   . ASP A 1 80  ? -6.492  -14.923 4.495   1.00 78.15  ? 80  ASP A OD1   1 
ATOM   664  O  OD2   . ASP A 1 80  ? -4.448  -14.215 4.043   1.00 79.47  ? 80  ASP A OD2   1 
ATOM   665  N  N     . ASP A 1 81  ? -9.198  -12.175 3.640   1.00 67.66  ? 81  ASP A N     1 
ATOM   666  C  CA    . ASP A 1 81  ? -10.524 -11.674 3.998   1.00 67.80  ? 81  ASP A CA    1 
ATOM   667  C  C     . ASP A 1 81  ? -10.530 -10.741 5.194   1.00 65.89  ? 81  ASP A C     1 
ATOM   668  O  O     . ASP A 1 81  ? -11.135 -9.672  5.153   1.00 65.42  ? 81  ASP A O     1 
ATOM   669  C  CB    . ASP A 1 81  ? -11.468 -12.836 4.277   1.00 72.20  ? 81  ASP A CB    1 
ATOM   670  C  CG    . ASP A 1 81  ? -11.908 -13.540 3.012   1.00 77.23  ? 81  ASP A CG    1 
ATOM   671  O  OD1   . ASP A 1 81  ? -11.029 -14.035 2.267   1.00 80.81  ? 81  ASP A OD1   1 
ATOM   672  O  OD2   . ASP A 1 81  ? -13.133 -13.592 2.761   1.00 79.62  ? 81  ASP A OD2   1 
ATOM   673  N  N     . PHE A 1 82  ? -9.867  -11.142 6.268   1.00 64.28  ? 82  PHE A N     1 
ATOM   674  C  CA    . PHE A 1 82  ? -9.832  -10.284 7.436   1.00 62.96  ? 82  PHE A CA    1 
ATOM   675  C  C     . PHE A 1 82  ? -9.348  -8.886  7.063   1.00 60.83  ? 82  PHE A C     1 
ATOM   676  O  O     . PHE A 1 82  ? -10.004 -7.892  7.378   1.00 59.81  ? 82  PHE A O     1 
ATOM   677  C  CB    . PHE A 1 82  ? -8.906  -10.850 8.511   1.00 63.73  ? 82  PHE A CB    1 
ATOM   678  C  CG    . PHE A 1 82  ? -8.901  -10.042 9.776   1.00 65.17  ? 82  PHE A CG    1 
ATOM   679  C  CD1   . PHE A 1 82  ? -9.926  -10.174 10.705  1.00 66.40  ? 82  PHE A CD1   1 
ATOM   680  C  CD2   . PHE A 1 82  ? -7.903  -9.103  10.013  1.00 66.80  ? 82  PHE A CD2   1 
ATOM   681  C  CE1   . PHE A 1 82  ? -9.962  -9.381  11.856  1.00 66.87  ? 82  PHE A CE1   1 
ATOM   682  C  CE2   . PHE A 1 82  ? -7.930  -8.302  11.162  1.00 67.28  ? 82  PHE A CE2   1 
ATOM   683  C  CZ    . PHE A 1 82  ? -8.965  -8.444  12.083  1.00 66.62  ? 82  PHE A CZ    1 
ATOM   684  N  N     . LEU A 1 83  ? -8.204  -8.814  6.387   1.00 58.38  ? 83  LEU A N     1 
ATOM   685  C  CA    . LEU A 1 83  ? -7.633  -7.519  6.017   1.00 57.07  ? 83  LEU A CA    1 
ATOM   686  C  C     . LEU A 1 83  ? -8.445  -6.807  4.943   1.00 55.23  ? 83  LEU A C     1 
ATOM   687  O  O     . LEU A 1 83  ? -8.563  -5.582  4.961   1.00 52.95  ? 83  LEU A O     1 
ATOM   688  C  CB    . LEU A 1 83  ? -6.177  -7.677  5.560   1.00 56.86  ? 83  LEU A CB    1 
ATOM   689  C  CG    . LEU A 1 83  ? -5.382  -6.366  5.498   1.00 56.46  ? 83  LEU A CG    1 
ATOM   690  C  CD1   . LEU A 1 83  ? -5.371  -5.735  6.867   1.00 54.93  ? 83  LEU A CD1   1 
ATOM   691  C  CD2   . LEU A 1 83  ? -3.959  -6.615  5.026   1.00 55.81  ? 83  LEU A CD2   1 
ATOM   692  N  N     . LEU A 1 84  ? -9.010  -7.573  4.017   1.00 53.43  ? 84  LEU A N     1 
ATOM   693  C  CA    . LEU A 1 84  ? -9.829  -6.995  2.963   1.00 53.10  ? 84  LEU A CA    1 
ATOM   694  C  C     . LEU A 1 84  ? -11.009 -6.276  3.612   1.00 55.32  ? 84  LEU A C     1 
ATOM   695  O  O     . LEU A 1 84  ? -11.331 -5.130  3.260   1.00 54.37  ? 84  LEU A O     1 
ATOM   696  C  CB    . LEU A 1 84  ? -10.331 -8.097  2.035   1.00 53.63  ? 84  LEU A CB    1 
ATOM   697  C  CG    . LEU A 1 84  ? -11.303 -7.699  0.927   1.00 54.32  ? 84  LEU A CG    1 
ATOM   698  C  CD1   . LEU A 1 84  ? -11.163 -8.640  -0.235  1.00 53.37  ? 84  LEU A CD1   1 
ATOM   699  C  CD2   . LEU A 1 84  ? -12.718 -7.717  1.457   1.00 56.97  ? 84  LEU A CD2   1 
ATOM   700  N  N     . LEU A 1 85  ? -11.639 -6.959  4.571   1.00 56.16  ? 85  LEU A N     1 
ATOM   701  C  CA    . LEU A 1 85  ? -12.783 -6.421  5.302   1.00 55.98  ? 85  LEU A CA    1 
ATOM   702  C  C     . LEU A 1 85  ? -12.366 -5.193  6.105   1.00 54.80  ? 85  LEU A C     1 
ATOM   703  O  O     . LEU A 1 85  ? -13.041 -4.157  6.084   1.00 53.99  ? 85  LEU A O     1 
ATOM   704  C  CB    . LEU A 1 85  ? -13.355 -7.487  6.233   1.00 58.86  ? 85  LEU A CB    1 
ATOM   705  C  CG    . LEU A 1 85  ? -13.988 -8.700  5.540   1.00 60.86  ? 85  LEU A CG    1 
ATOM   706  C  CD1   . LEU A 1 85  ? -14.245 -9.803  6.565   1.00 59.22  ? 85  LEU A CD1   1 
ATOM   707  C  CD2   . LEU A 1 85  ? -15.279 -8.274  4.841   1.00 60.45  ? 85  LEU A CD2   1 
ATOM   708  N  N     . THR A 1 86  ? -11.249 -5.317  6.810   1.00 51.89  ? 86  THR A N     1 
ATOM   709  C  CA    . THR A 1 86  ? -10.719 -4.217  7.597   1.00 52.01  ? 86  THR A CA    1 
ATOM   710  C  C     . THR A 1 86  ? -10.534 -2.957  6.727   1.00 53.54  ? 86  THR A C     1 
ATOM   711  O  O     . THR A 1 86  ? -11.172 -1.922  6.949   1.00 54.31  ? 86  THR A O     1 
ATOM   712  C  CB    . THR A 1 86  ? -9.358  -4.582  8.193   1.00 49.76  ? 86  THR A CB    1 
ATOM   713  O  OG1   . THR A 1 86  ? -9.498  -5.703  9.066   1.00 50.33  ? 86  THR A OG1   1 
ATOM   714  C  CG2   . THR A 1 86  ? -8.805  -3.434  8.961   1.00 48.42  ? 86  THR A CG2   1 
ATOM   715  N  N     . LEU A 1 87  ? -9.659  -3.060  5.734   1.00 53.23  ? 87  LEU A N     1 
ATOM   716  C  CA    . LEU A 1 87  ? -9.366  -1.945  4.845   1.00 53.31  ? 87  LEU A CA    1 
ATOM   717  C  C     . LEU A 1 87  ? -10.608 -1.343  4.210   1.00 54.86  ? 87  LEU A C     1 
ATOM   718  O  O     . LEU A 1 87  ? -10.749 -0.127  4.154   1.00 55.26  ? 87  LEU A O     1 
ATOM   719  C  CB    . LEU A 1 87  ? -8.397  -2.382  3.751   1.00 51.20  ? 87  LEU A CB    1 
ATOM   720  C  CG    . LEU A 1 87  ? -7.063  -2.929  4.239   1.00 49.73  ? 87  LEU A CG    1 
ATOM   721  C  CD1   . LEU A 1 87  ? -6.304  -3.560  3.096   1.00 49.39  ? 87  LEU A CD1   1 
ATOM   722  C  CD2   . LEU A 1 87  ? -6.287  -1.815  4.873   1.00 50.22  ? 87  LEU A CD2   1 
ATOM   723  N  N     . ASN A 1 88  ? -11.515 -2.179  3.720   1.00 57.06  ? 88  ASN A N     1 
ATOM   724  C  CA    . ASN A 1 88  ? -12.710 -1.630  3.106   1.00 57.65  ? 88  ASN A CA    1 
ATOM   725  C  C     . ASN A 1 88  ? -13.556 -0.797  4.077   1.00 58.11  ? 88  ASN A C     1 
ATOM   726  O  O     . ASN A 1 88  ? -14.235 0.130   3.655   1.00 59.45  ? 88  ASN A O     1 
ATOM   727  C  CB    . ASN A 1 88  ? -13.555 -2.738  2.464   1.00 57.48  ? 88  ASN A CB    1 
ATOM   728  C  CG    . ASN A 1 88  ? -13.067 -3.110  1.071   1.00 57.83  ? 88  ASN A CG    1 
ATOM   729  O  OD1   . ASN A 1 88  ? -12.705 -2.236  0.281   1.00 58.72  ? 88  ASN A OD1   1 
ATOM   730  N  ND2   . ASN A 1 88  ? -13.071 -4.403  0.760   1.00 54.88  ? 88  ASN A ND2   1 
ATOM   731  N  N     . SER A 1 89  ? -13.515 -1.093  5.371   1.00 58.87  ? 89  SER A N     1 
ATOM   732  C  CA    . SER A 1 89  ? -14.315 -0.295  6.299   1.00 60.59  ? 89  SER A CA    1 
ATOM   733  C  C     . SER A 1 89  ? -13.611 1.009   6.699   1.00 60.68  ? 89  SER A C     1 
ATOM   734  O  O     . SER A 1 89  ? -14.262 1.978   7.086   1.00 62.44  ? 89  SER A O     1 
ATOM   735  C  CB    . SER A 1 89  ? -14.678 -1.105  7.555   1.00 61.37  ? 89  SER A CB    1 
ATOM   736  O  OG    . SER A 1 89  ? -13.551 -1.353  8.381   1.00 66.50  ? 89  SER A OG    1 
ATOM   737  N  N     . LEU A 1 90  ? -12.286 1.035   6.597   1.00 58.82  ? 90  LEU A N     1 
ATOM   738  C  CA    . LEU A 1 90  ? -11.518 2.223   6.953   1.00 58.29  ? 90  LEU A CA    1 
ATOM   739  C  C     . LEU A 1 90  ? -11.427 3.190   5.777   1.00 58.59  ? 90  LEU A C     1 
ATOM   740  O  O     . LEU A 1 90  ? -11.359 4.410   5.951   1.00 56.40  ? 90  LEU A O     1 
ATOM   741  C  CB    . LEU A 1 90  ? -10.102 1.829   7.363   1.00 58.18  ? 90  LEU A CB    1 
ATOM   742  C  CG    . LEU A 1 90  ? -9.920  0.874   8.542   1.00 60.76  ? 90  LEU A CG    1 
ATOM   743  C  CD1   . LEU A 1 90  ? -8.474  0.382   8.574   1.00 57.35  ? 90  LEU A CD1   1 
ATOM   744  C  CD2   . LEU A 1 90  ? -10.309 1.574   9.846   1.00 58.69  ? 90  LEU A CD2   1 
ATOM   745  N  N     . SER A 1 91  ? -11.429 2.613   4.582   1.00 59.10  ? 91  SER A N     1 
ATOM   746  C  CA    . SER A 1 91  ? -11.313 3.339   3.329   1.00 58.70  ? 91  SER A CA    1 
ATOM   747  C  C     . SER A 1 91  ? -12.205 4.564   3.149   1.00 59.39  ? 91  SER A C     1 
ATOM   748  O  O     . SER A 1 91  ? -13.398 4.547   3.453   1.00 59.14  ? 91  SER A O     1 
ATOM   749  C  CB    . SER A 1 91  ? -11.552 2.365   2.179   1.00 59.10  ? 91  SER A CB    1 
ATOM   750  O  OG    . SER A 1 91  ? -11.340 2.994   0.932   1.00 64.21  ? 91  SER A OG    1 
ATOM   751  N  N     . VAL A 1 92  ? -11.609 5.634   2.642   1.00 60.89  ? 92  VAL A N     1 
ATOM   752  C  CA    . VAL A 1 92  ? -12.349 6.858   2.385   1.00 62.17  ? 92  VAL A CA    1 
ATOM   753  C  C     . VAL A 1 92  ? -13.108 6.646   1.080   1.00 63.41  ? 92  VAL A C     1 
ATOM   754  O  O     . VAL A 1 92  ? -14.266 7.038   0.959   1.00 63.87  ? 92  VAL A O     1 
ATOM   755  C  CB    . VAL A 1 92  ? -11.400 8.063   2.273   1.00 62.80  ? 92  VAL A CB    1 
ATOM   756  C  CG1   . VAL A 1 92  ? -12.154 9.275   1.793   1.00 60.29  ? 92  VAL A CG1   1 
ATOM   757  C  CG2   . VAL A 1 92  ? -10.758 8.338   3.636   1.00 61.40  ? 92  VAL A CG2   1 
ATOM   758  N  N     . TYR A 1 93  ? -12.456 6.014   0.108   1.00 64.00  ? 93  TYR A N     1 
ATOM   759  C  CA    . TYR A 1 93  ? -13.110 5.706   -1.165  1.00 64.89  ? 93  TYR A CA    1 
ATOM   760  C  C     . TYR A 1 93  ? -13.908 4.405   -0.949  1.00 65.26  ? 93  TYR A C     1 
ATOM   761  O  O     . TYR A 1 93  ? -13.450 3.494   -0.259  1.00 62.81  ? 93  TYR A O     1 
ATOM   762  C  CB    . TYR A 1 93  ? -12.070 5.493   -2.268  1.00 65.90  ? 93  TYR A CB    1 
ATOM   763  C  CG    . TYR A 1 93  ? -12.667 5.350   -3.650  1.00 65.44  ? 93  TYR A CG    1 
ATOM   764  C  CD1   . TYR A 1 93  ? -13.002 6.475   -4.401  1.00 65.86  ? 93  TYR A CD1   1 
ATOM   765  C  CD2   . TYR A 1 93  ? -12.907 4.092   -4.202  1.00 64.83  ? 93  TYR A CD2   1 
ATOM   766  C  CE1   . TYR A 1 93  ? -13.561 6.358   -5.668  1.00 65.97  ? 93  TYR A CE1   1 
ATOM   767  C  CE2   . TYR A 1 93  ? -13.467 3.961   -5.470  1.00 67.21  ? 93  TYR A CE2   1 
ATOM   768  C  CZ    . TYR A 1 93  ? -13.790 5.103   -6.200  1.00 67.35  ? 93  TYR A CZ    1 
ATOM   769  O  OH    . TYR A 1 93  ? -14.323 4.991   -7.467  1.00 68.29  ? 93  TYR A OH    1 
ATOM   770  N  N     . LYS A 1 94  ? -15.091 4.319   -1.546  1.00 66.77  ? 94  LYS A N     1 
ATOM   771  C  CA    . LYS A 1 94  ? -15.967 3.156   -1.393  1.00 68.92  ? 94  LYS A CA    1 
ATOM   772  C  C     . LYS A 1 94  ? -15.340 1.793   -1.730  1.00 68.78  ? 94  LYS A C     1 
ATOM   773  O  O     . LYS A 1 94  ? -15.026 1.517   -2.886  1.00 66.85  ? 94  LYS A O     1 
ATOM   774  C  CB    . LYS A 1 94  ? -17.233 3.356   -2.234  1.00 70.92  ? 94  LYS A CB    1 
ATOM   775  C  CG    . LYS A 1 94  ? -18.362 2.372   -1.937  1.00 74.60  ? 94  LYS A CG    1 
ATOM   776  C  CD    . LYS A 1 94  ? -19.125 2.744   -0.669  1.00 77.42  ? 94  LYS A CD    1 
ATOM   777  C  CE    . LYS A 1 94  ? -20.172 1.679   -0.308  1.00 79.94  ? 94  LYS A CE    1 
ATOM   778  N  NZ    . LYS A 1 94  ? -21.181 1.424   -1.385  1.00 80.21  ? 94  LYS A NZ    1 
ATOM   779  N  N     . ASP A 1 95  ? -15.188 0.955   -0.704  1.00 69.66  ? 95  ASP A N     1 
ATOM   780  C  CA    . ASP A 1 95  ? -14.624 -0.398  -0.804  1.00 71.73  ? 95  ASP A CA    1 
ATOM   781  C  C     . ASP A 1 95  ? -13.953 -0.717  -2.131  1.00 70.03  ? 95  ASP A C     1 
ATOM   782  O  O     . ASP A 1 95  ? -14.515 -1.423  -2.969  1.00 70.63  ? 95  ASP A O     1 
ATOM   783  C  CB    . ASP A 1 95  ? -15.716 -1.433  -0.546  1.00 75.66  ? 95  ASP A CB    1 
ATOM   784  C  CG    . ASP A 1 95  ? -16.600 -1.058  0.621   1.00 79.64  ? 95  ASP A CG    1 
ATOM   785  O  OD1   . ASP A 1 95  ? -16.046 -0.714  1.687   1.00 82.74  ? 95  ASP A OD1   1 
ATOM   786  O  OD2   . ASP A 1 95  ? -17.844 -1.103  0.473   1.00 81.01  ? 95  ASP A OD2   1 
ATOM   787  N  N     . PRO A 1 96  ? -12.728 -0.224  -2.327  1.00 68.24  ? 96  PRO A N     1 
ATOM   788  C  CA    . PRO A 1 96  ? -11.988 -0.456  -3.567  1.00 67.37  ? 96  PRO A CA    1 
ATOM   789  C  C     . PRO A 1 96  ? -11.132 -1.707  -3.535  1.00 66.08  ? 96  PRO A C     1 
ATOM   790  O  O     . PRO A 1 96  ? -10.728 -2.214  -4.577  1.00 67.58  ? 96  PRO A O     1 
ATOM   791  C  CB    . PRO A 1 96  ? -11.140 0.793   -3.677  1.00 67.92  ? 96  PRO A CB    1 
ATOM   792  C  CG    . PRO A 1 96  ? -10.731 0.993   -2.234  1.00 67.72  ? 96  PRO A CG    1 
ATOM   793  C  CD    . PRO A 1 96  ? -11.998 0.705   -1.445  1.00 67.62  ? 96  PRO A CD    1 
ATOM   794  N  N     . ILE A 1 97  ? -10.867 -2.199  -2.334  1.00 63.12  ? 97  ILE A N     1 
ATOM   795  C  CA    . ILE A 1 97  ? -10.026 -3.363  -2.161  1.00 62.13  ? 97  ILE A CA    1 
ATOM   796  C  C     . ILE A 1 97  ? -10.648 -4.723  -2.459  1.00 62.53  ? 97  ILE A C     1 
ATOM   797  O  O     . ILE A 1 97  ? -11.799 -4.994  -2.118  1.00 61.70  ? 97  ILE A O     1 
ATOM   798  C  CB    . ILE A 1 97  ? -9.420  -3.336  -0.756  1.00 61.84  ? 97  ILE A CB    1 
ATOM   799  C  CG1   . ILE A 1 97  ? -8.512  -2.103  -0.662  1.00 61.19  ? 97  ILE A CG1   1 
ATOM   800  C  CG2   . ILE A 1 97  ? -8.679  -4.635  -0.459  1.00 58.09  ? 97  ILE A CG2   1 
ATOM   801  C  CD1   . ILE A 1 97  ? -7.880  -1.888  0.680   1.00 62.67  ? 97  ILE A CD1   1 
ATOM   802  N  N     . ARG A 1 98  ? -9.852  -5.563  -3.122  1.00 63.21  ? 98  ARG A N     1 
ATOM   803  C  CA    . ARG A 1 98  ? -10.237 -6.909  -3.521  1.00 64.27  ? 98  ARG A CA    1 
ATOM   804  C  C     . ARG A 1 98  ? -9.164  -7.892  -3.049  1.00 64.67  ? 98  ARG A C     1 
ATOM   805  O  O     . ARG A 1 98  ? -8.156  -7.493  -2.478  1.00 65.38  ? 98  ARG A O     1 
ATOM   806  C  CB    . ARG A 1 98  ? -10.380 -6.976  -5.043  1.00 65.26  ? 98  ARG A CB    1 
ATOM   807  C  CG    . ARG A 1 98  ? -11.339 -5.939  -5.625  1.00 67.38  ? 98  ARG A CG    1 
ATOM   808  C  CD    . ARG A 1 98  ? -12.809 -6.333  -5.445  1.00 69.08  ? 98  ARG A CD    1 
ATOM   809  N  NE    . ARG A 1 98  ? -13.723 -5.290  -5.912  1.00 70.95  ? 98  ARG A NE    1 
ATOM   810  C  CZ    . ARG A 1 98  ? -14.084 -4.227  -5.197  1.00 71.35  ? 98  ARG A CZ    1 
ATOM   811  N  NH1   . ARG A 1 98  ? -13.617 -4.059  -3.966  1.00 73.27  ? 98  ARG A NH1   1 
ATOM   812  N  NH2   . ARG A 1 98  ? -14.905 -3.323  -5.713  1.00 69.67  ? 98  ARG A NH2   1 
ATOM   813  N  N     . LYS A 1 99  ? -9.377  -9.178  -3.290  1.00 65.33  ? 99  LYS A N     1 
ATOM   814  C  CA    . LYS A 1 99  ? -8.430  -10.204 -2.861  1.00 65.00  ? 99  LYS A CA    1 
ATOM   815  C  C     . LYS A 1 99  ? -7.115  -10.227 -3.637  1.00 65.16  ? 99  LYS A C     1 
ATOM   816  O  O     . LYS A 1 99  ? -6.054  -10.452 -3.050  1.00 64.65  ? 99  LYS A O     1 
ATOM   817  C  CB    . LYS A 1 99  ? -9.093  -11.573 -2.943  1.00 64.54  ? 99  LYS A CB    1 
ATOM   818  C  CG    . LYS A 1 99  ? -8.240  -12.705 -2.446  1.00 68.72  ? 99  LYS A CG    1 
ATOM   819  C  CD    . LYS A 1 99  ? -9.043  -13.998 -2.391  1.00 71.52  ? 99  LYS A CD    1 
ATOM   820  C  CE    . LYS A 1 99  ? -8.233  -15.138 -1.781  1.00 73.55  ? 99  LYS A CE    1 
ATOM   821  N  NZ    . LYS A 1 99  ? -9.014  -16.410 -1.716  1.00 74.57  ? 99  LYS A NZ    1 
ATOM   822  N  N     . TYR A 1 100 ? -7.185  -9.998  -4.950  1.00 64.19  ? 100 TYR A N     1 
ATOM   823  C  CA    . TYR A 1 100 ? -5.998  -10.002 -5.797  1.00 63.32  ? 100 TYR A CA    1 
ATOM   824  C  C     . TYR A 1 100 ? -5.818  -8.675  -6.503  1.00 62.52  ? 100 TYR A C     1 
ATOM   825  O  O     . TYR A 1 100 ? -6.590  -8.317  -7.398  1.00 62.61  ? 100 TYR A O     1 
ATOM   826  C  CB    . TYR A 1 100 ? -6.085  -11.109 -6.844  1.00 65.82  ? 100 TYR A CB    1 
ATOM   827  C  CG    . TYR A 1 100 ? -6.222  -12.486 -6.250  1.00 70.61  ? 100 TYR A CG    1 
ATOM   828  C  CD1   . TYR A 1 100 ? -7.480  -13.070 -6.071  1.00 72.17  ? 100 TYR A CD1   1 
ATOM   829  C  CD2   . TYR A 1 100 ? -5.095  -13.197 -5.828  1.00 71.13  ? 100 TYR A CD2   1 
ATOM   830  C  CE1   . TYR A 1 100 ? -7.610  -14.331 -5.487  1.00 72.16  ? 100 TYR A CE1   1 
ATOM   831  C  CE2   . TYR A 1 100 ? -5.215  -14.454 -5.241  1.00 72.18  ? 100 TYR A CE2   1 
ATOM   832  C  CZ    . TYR A 1 100 ? -6.476  -15.017 -5.075  1.00 72.11  ? 100 TYR A CZ    1 
ATOM   833  O  OH    . TYR A 1 100 ? -6.600  -16.267 -4.501  1.00 72.76  ? 100 TYR A OH    1 
HETATM 834  N  N     . MSE A 1 101 ? -4.779  -7.946  -6.123  1.00 60.74  ? 101 MSE A N     1 
HETATM 835  C  CA    . MSE A 1 101 ? -4.555  -6.654  -6.742  1.00 58.52  ? 101 MSE A CA    1 
HETATM 836  C  C     . MSE A 1 101 ? -3.119  -6.409  -7.127  1.00 55.81  ? 101 MSE A C     1 
HETATM 837  O  O     . MSE A 1 101 ? -2.247  -7.256  -6.945  1.00 55.08  ? 101 MSE A O     1 
HETATM 838  C  CB    . MSE A 1 101 ? -5.015  -5.539  -5.805  1.00 59.71  ? 101 MSE A CB    1 
HETATM 839  C  CG    . MSE A 1 101 ? -6.427  -5.713  -5.271  1.00 61.87  ? 101 MSE A CG    1 
HETATM 840  SE SE    . MSE A 1 101 ? -7.022  -4.154  -4.296  1.00 67.02  ? 101 MSE A SE    1 
HETATM 841  C  CE    . MSE A 1 101 ? -7.818  -3.210  -5.795  1.00 63.00  ? 101 MSE A CE    1 
ATOM   842  N  N     . PHE A 1 102 ? -2.896  -5.221  -7.668  1.00 53.49  ? 102 PHE A N     1 
ATOM   843  C  CA    . PHE A 1 102 ? -1.582  -4.786  -8.090  1.00 52.39  ? 102 PHE A CA    1 
ATOM   844  C  C     . PHE A 1 102 ? -1.682  -3.293  -8.356  1.00 53.19  ? 102 PHE A C     1 
ATOM   845  O  O     . PHE A 1 102 ? -2.759  -2.773  -8.684  1.00 50.94  ? 102 PHE A O     1 
ATOM   846  C  CB    . PHE A 1 102 ? -1.165  -5.513  -9.377  1.00 51.85  ? 102 PHE A CB    1 
ATOM   847  C  CG    . PHE A 1 102 ? -1.756  -4.917  -10.637 1.00 49.95  ? 102 PHE A CG    1 
ATOM   848  C  CD1   . PHE A 1 102 ? -1.124  -3.853  -11.283 1.00 47.97  ? 102 PHE A CD1   1 
ATOM   849  C  CD2   . PHE A 1 102 ? -2.952  -5.406  -11.165 1.00 47.72  ? 102 PHE A CD2   1 
ATOM   850  C  CE1   . PHE A 1 102 ? -1.679  -3.284  -12.436 1.00 48.54  ? 102 PHE A CE1   1 
ATOM   851  C  CE2   . PHE A 1 102 ? -3.514  -4.841  -12.319 1.00 46.65  ? 102 PHE A CE2   1 
ATOM   852  C  CZ    . PHE A 1 102 ? -2.877  -3.780  -12.954 1.00 47.04  ? 102 PHE A CZ    1 
ATOM   853  N  N     . LEU A 1 103 ? -0.558  -2.604  -8.195  1.00 53.56  ? 103 LEU A N     1 
ATOM   854  C  CA    . LEU A 1 103 ? -0.506  -1.178  -8.469  1.00 53.03  ? 103 LEU A CA    1 
ATOM   855  C  C     . LEU A 1 103 ? 0.762   -0.947  -9.305  1.00 52.79  ? 103 LEU A C     1 
ATOM   856  O  O     . LEU A 1 103 ? 1.760   -1.667  -9.150  1.00 51.18  ? 103 LEU A O     1 
ATOM   857  C  CB    . LEU A 1 103 ? -0.494  -0.384  -7.154  1.00 52.53  ? 103 LEU A CB    1 
ATOM   858  C  CG    . LEU A 1 103 ? 0.689   -0.525  -6.205  1.00 53.86  ? 103 LEU A CG    1 
ATOM   859  C  CD1   . LEU A 1 103 ? 1.837   0.292   -6.763  1.00 54.64  ? 103 LEU A CD1   1 
ATOM   860  C  CD2   . LEU A 1 103 ? 0.327   -0.016  -4.814  1.00 52.83  ? 103 LEU A CD2   1 
ATOM   861  N  N     . ARG A 1 104 ? 0.707   0.020   -10.221 1.00 52.31  ? 104 ARG A N     1 
ATOM   862  C  CA    . ARG A 1 104 ? 1.852   0.325   -11.084 1.00 51.42  ? 104 ARG A CA    1 
ATOM   863  C  C     . ARG A 1 104 ? 2.804   1.307   -10.418 1.00 49.34  ? 104 ARG A C     1 
ATOM   864  O  O     . ARG A 1 104 ? 2.374   2.262   -9.773  1.00 49.23  ? 104 ARG A O     1 
ATOM   865  C  CB    . ARG A 1 104 ? 1.390   0.929   -12.415 1.00 52.50  ? 104 ARG A CB    1 
ATOM   866  C  CG    . ARG A 1 104 ? 0.393   0.098   -13.201 1.00 55.50  ? 104 ARG A CG    1 
ATOM   867  C  CD    . ARG A 1 104 ? 0.015   0.815   -14.505 1.00 61.04  ? 104 ARG A CD    1 
ATOM   868  N  NE    . ARG A 1 104 ? -0.967  0.074   -15.298 1.00 64.59  ? 104 ARG A NE    1 
ATOM   869  C  CZ    . ARG A 1 104 ? -0.723  -1.098  -15.880 1.00 67.21  ? 104 ARG A CZ    1 
ATOM   870  N  NH1   . ARG A 1 104 ? 0.477   -1.663  -15.764 1.00 67.09  ? 104 ARG A NH1   1 
ATOM   871  N  NH2   . ARG A 1 104 ? -1.681  -1.716  -16.565 1.00 67.88  ? 104 ARG A NH2   1 
ATOM   872  N  N     . LEU A 1 105 ? 4.098   1.060   -10.567 1.00 47.99  ? 105 LEU A N     1 
ATOM   873  C  CA    . LEU A 1 105 ? 5.102   1.950   -10.012 1.00 47.66  ? 105 LEU A CA    1 
ATOM   874  C  C     . LEU A 1 105 ? 5.543   2.852   -11.154 1.00 48.24  ? 105 LEU A C     1 
ATOM   875  O  O     . LEU A 1 105 ? 5.404   2.483   -12.316 1.00 51.40  ? 105 LEU A O     1 
ATOM   876  C  CB    . LEU A 1 105 ? 6.304   1.161   -9.497  1.00 45.56  ? 105 LEU A CB    1 
ATOM   877  C  CG    . LEU A 1 105 ? 6.104   0.240   -8.289  1.00 46.91  ? 105 LEU A CG    1 
ATOM   878  C  CD1   . LEU A 1 105 ? 7.459   -0.288  -7.829  1.00 44.47  ? 105 LEU A CD1   1 
ATOM   879  C  CD2   . LEU A 1 105 ? 5.433   0.998   -7.148  1.00 47.80  ? 105 LEU A CD2   1 
ATOM   880  N  N     . ASN A 1 106 ? 6.044   4.040   -10.845 1.00 47.56  ? 106 ASN A N     1 
ATOM   881  C  CA    . ASN A 1 106 ? 6.513   4.923   -11.905 1.00 47.09  ? 106 ASN A CA    1 
ATOM   882  C  C     . ASN A 1 106 ? 7.993   4.675   -12.154 1.00 48.12  ? 106 ASN A C     1 
ATOM   883  O  O     . ASN A 1 106 ? 8.646   3.966   -11.393 1.00 47.98  ? 106 ASN A O     1 
ATOM   884  C  CB    . ASN A 1 106 ? 6.283   6.405   -11.553 1.00 47.07  ? 106 ASN A CB    1 
ATOM   885  C  CG    . ASN A 1 106 ? 6.960   6.835   -10.251 1.00 49.01  ? 106 ASN A CG    1 
ATOM   886  O  OD1   . ASN A 1 106 ? 8.049   6.361   -9.884  1.00 47.34  ? 106 ASN A OD1   1 
ATOM   887  N  ND2   . ASN A 1 106 ? 6.319   7.764   -9.557  1.00 49.00  ? 106 ASN A ND2   1 
ATOM   888  N  N     . LYS A 1 107 ? 8.522   5.271   -13.217 1.00 51.55  ? 107 LYS A N     1 
ATOM   889  C  CA    . LYS A 1 107 ? 9.928   5.119   -13.583 1.00 52.58  ? 107 LYS A CA    1 
ATOM   890  C  C     . LYS A 1 107 ? 10.845  5.288   -12.374 1.00 52.94  ? 107 LYS A C     1 
ATOM   891  O  O     . LYS A 1 107 ? 11.745  4.478   -12.146 1.00 52.77  ? 107 LYS A O     1 
ATOM   892  C  CB    . LYS A 1 107 ? 10.307  6.155   -14.648 1.00 55.12  ? 107 LYS A CB    1 
ATOM   893  C  CG    . LYS A 1 107 ? 9.485   6.115   -15.938 1.00 56.57  ? 107 LYS A CG    1 
ATOM   894  C  CD    . LYS A 1 107 ? 9.922   5.007   -16.883 1.00 58.41  ? 107 LYS A CD    1 
ATOM   895  C  CE    . LYS A 1 107 ? 9.133   5.055   -18.201 1.00 61.93  ? 107 LYS A CE    1 
ATOM   896  N  NZ    . LYS A 1 107 ? 9.569   4.033   -19.207 1.00 60.04  ? 107 LYS A NZ    1 
ATOM   897  N  N     A GLU A 1 108 ? 10.616  6.346   -11.602 0.50 53.63  ? 108 GLU A N     1 
ATOM   898  N  N     B GLU A 1 108 ? 10.598  6.348   -11.607 0.50 53.57  ? 108 GLU A N     1 
ATOM   899  C  CA    A GLU A 1 108 ? 11.431  6.627   -10.422 0.50 53.76  ? 108 GLU A CA    1 
ATOM   900  C  CA    B GLU A 1 108 ? 11.379  6.665   -10.412 0.50 53.58  ? 108 GLU A CA    1 
ATOM   901  C  C     A GLU A 1 108 ? 11.372  5.518   -9.369  0.50 53.45  ? 108 GLU A C     1 
ATOM   902  C  C     B GLU A 1 108 ? 11.363  5.533   -9.382  0.50 53.38  ? 108 GLU A C     1 
ATOM   903  O  O     A GLU A 1 108 ? 12.409  5.050   -8.899  0.50 53.86  ? 108 GLU A O     1 
ATOM   904  O  O     B GLU A 1 108 ? 12.414  5.068   -8.941  0.50 53.79  ? 108 GLU A O     1 
ATOM   905  C  CB    A GLU A 1 108 ? 11.005  7.957   -9.797  0.50 54.92  ? 108 GLU A CB    1 
ATOM   906  C  CB    B GLU A 1 108 ? 10.840  7.938   -9.745  0.50 54.82  ? 108 GLU A CB    1 
ATOM   907  C  CG    A GLU A 1 108 ? 11.794  8.331   -8.552  0.50 57.20  ? 108 GLU A CG    1 
ATOM   908  C  CG    B GLU A 1 108 ? 10.875  9.209   -10.581 0.50 55.36  ? 108 GLU A CG    1 
ATOM   909  C  CD    A GLU A 1 108 ? 13.265  8.546   -8.841  0.50 57.22  ? 108 GLU A CD    1 
ATOM   910  C  CD    B GLU A 1 108 ? 10.030  9.125   -11.840 0.50 58.45  ? 108 GLU A CD    1 
ATOM   911  O  OE1   A GLU A 1 108 ? 13.896  7.618   -9.391  0.50 57.78  ? 108 GLU A OE1   1 
ATOM   912  O  OE1   B GLU A 1 108 ? 9.128   8.259   -11.909 0.50 57.84  ? 108 GLU A OE1   1 
ATOM   913  O  OE2   A GLU A 1 108 ? 13.785  9.640   -8.519  0.50 55.55  ? 108 GLU A OE2   1 
ATOM   914  O  OE2   B GLU A 1 108 ? 10.262  9.938   -12.762 0.50 59.86  ? 108 GLU A OE2   1 
ATOM   915  N  N     . GLN A 1 109 ? 10.163  5.102   -9.000  1.00 52.94  ? 109 GLN A N     1 
ATOM   916  C  CA    . GLN A 1 109 ? 9.994   4.039   -8.003  1.00 52.54  ? 109 GLN A CA    1 
ATOM   917  C  C     . GLN A 1 109 ? 10.507  2.693   -8.475  1.00 50.48  ? 109 GLN A C     1 
ATOM   918  O  O     . GLN A 1 109 ? 11.072  1.930   -7.691  1.00 51.34  ? 109 GLN A O     1 
ATOM   919  C  CB    . GLN A 1 109 ? 8.518   3.892   -7.623  1.00 54.15  ? 109 GLN A CB    1 
ATOM   920  C  CG    . GLN A 1 109 ? 7.921   5.140   -7.015  1.00 55.43  ? 109 GLN A CG    1 
ATOM   921  C  CD    . GLN A 1 109 ? 6.415   5.079   -6.905  1.00 55.66  ? 109 GLN A CD    1 
ATOM   922  O  OE1   . GLN A 1 109 ? 5.721   4.751   -7.868  1.00 55.81  ? 109 GLN A OE1   1 
ATOM   923  N  NE2   . GLN A 1 109 ? 5.896   5.414   -5.732  1.00 57.20  ? 109 GLN A NE2   1 
ATOM   924  N  N     . SER A 1 110 ? 10.315  2.415   -9.759  1.00 47.57  ? 110 SER A N     1 
ATOM   925  C  CA    . SER A 1 110 ? 10.729  1.148   -10.349 1.00 46.27  ? 110 SER A CA    1 
ATOM   926  C  C     . SER A 1 110 ? 12.230  0.885   -10.300 1.00 47.25  ? 110 SER A C     1 
ATOM   927  O  O     . SER A 1 110 ? 12.651  -0.243  -10.066 1.00 46.61  ? 110 SER A O     1 
ATOM   928  C  CB    . SER A 1 110 ? 10.248  1.059   -11.806 1.00 44.77  ? 110 SER A CB    1 
ATOM   929  O  OG    . SER A 1 110 ? 8.828   1.091   -11.904 1.00 41.85  ? 110 SER A OG    1 
ATOM   930  N  N     . LYS A 1 111 ? 13.045  1.914   -10.513 1.00 49.91  ? 111 LYS A N     1 
ATOM   931  C  CA    . LYS A 1 111 ? 14.489  1.705   -10.507 1.00 51.53  ? 111 LYS A CA    1 
ATOM   932  C  C     . LYS A 1 111 ? 14.997  1.120   -9.194  1.00 48.80  ? 111 LYS A C     1 
ATOM   933  O  O     . LYS A 1 111 ? 15.969  0.372   -9.175  1.00 47.97  ? 111 LYS A O     1 
ATOM   934  C  CB    . LYS A 1 111 ? 15.226  3.005   -10.816 1.00 56.94  ? 111 LYS A CB    1 
ATOM   935  C  CG    . LYS A 1 111 ? 16.599  2.771   -11.462 1.00 63.24  ? 111 LYS A CG    1 
ATOM   936  C  CD    . LYS A 1 111 ? 17.315  4.083   -11.769 1.00 67.82  ? 111 LYS A CD    1 
ATOM   937  C  CE    . LYS A 1 111 ? 17.567  4.870   -10.481 1.00 70.90  ? 111 LYS A CE    1 
ATOM   938  N  NZ    . LYS A 1 111 ? 18.274  6.156   -10.739 1.00 74.69  ? 111 LYS A NZ    1 
ATOM   939  N  N     . HIS A 1 112 ? 14.344  1.450   -8.091  1.00 47.32  ? 112 HIS A N     1 
ATOM   940  C  CA    . HIS A 1 112 ? 14.773  0.905   -6.815  1.00 46.89  ? 112 HIS A CA    1 
ATOM   941  C  C     . HIS A 1 112 ? 14.425  -0.575  -6.761  1.00 46.17  ? 112 HIS A C     1 
ATOM   942  O  O     . HIS A 1 112 ? 15.230  -1.392  -6.319  1.00 47.72  ? 112 HIS A O     1 
ATOM   943  C  CB    . HIS A 1 112 ? 14.107  1.657   -5.672  1.00 48.73  ? 112 HIS A CB    1 
ATOM   944  C  CG    . HIS A 1 112 ? 14.456  3.111   -5.637  1.00 51.23  ? 112 HIS A CG    1 
ATOM   945  N  ND1   . HIS A 1 112 ? 15.756  3.561   -5.559  1.00 51.33  ? 112 HIS A ND1   1 
ATOM   946  C  CD2   . HIS A 1 112 ? 13.677  4.217   -5.684  1.00 50.67  ? 112 HIS A CD2   1 
ATOM   947  C  CE1   . HIS A 1 112 ? 15.764  4.881   -5.560  1.00 52.22  ? 112 HIS A CE1   1 
ATOM   948  N  NE2   . HIS A 1 112 ? 14.516  5.304   -5.634  1.00 51.16  ? 112 HIS A NE2   1 
ATOM   949  N  N     . ALA A 1 113 ? 13.229  -0.927  -7.219  1.00 43.09  ? 113 ALA A N     1 
ATOM   950  C  CA    . ALA A 1 113 ? 12.831  -2.321  -7.228  1.00 41.35  ? 113 ALA A CA    1 
ATOM   951  C  C     . ALA A 1 113 ? 13.789  -3.088  -8.151  1.00 41.76  ? 113 ALA A C     1 
ATOM   952  O  O     . ALA A 1 113 ? 14.343  -4.119  -7.768  1.00 43.73  ? 113 ALA A O     1 
ATOM   953  C  CB    . ALA A 1 113 ? 11.396  -2.461  -7.712  1.00 36.86  ? 113 ALA A CB    1 
ATOM   954  N  N     . ILE A 1 114 ? 14.005  -2.570  -9.354  1.00 39.96  ? 114 ILE A N     1 
ATOM   955  C  CA    . ILE A 1 114 ? 14.897  -3.223  -10.305 1.00 41.77  ? 114 ILE A CA    1 
ATOM   956  C  C     . ILE A 1 114 ? 16.324  -3.432  -9.789  1.00 43.91  ? 114 ILE A C     1 
ATOM   957  O  O     . ILE A 1 114 ? 16.920  -4.488  -10.004 1.00 43.36  ? 114 ILE A O     1 
ATOM   958  C  CB    . ILE A 1 114 ? 14.994  -2.429  -11.602 1.00 39.45  ? 114 ILE A CB    1 
ATOM   959  C  CG1   . ILE A 1 114 ? 13.653  -2.463  -12.334 1.00 38.77  ? 114 ILE A CG1   1 
ATOM   960  C  CG2   . ILE A 1 114 ? 16.102  -2.994  -12.456 1.00 41.79  ? 114 ILE A CG2   1 
ATOM   961  C  CD1   . ILE A 1 114 ? 13.629  -1.686  -13.638 1.00 35.38  ? 114 ILE A CD1   1 
ATOM   962  N  N     . ASN A 1 115 ? 16.868  -2.422  -9.121  1.00 45.79  ? 115 ASN A N     1 
ATOM   963  C  CA    . ASN A 1 115 ? 18.230  -2.502  -8.610  1.00 47.45  ? 115 ASN A CA    1 
ATOM   964  C  C     . ASN A 1 115 ? 18.387  -3.494  -7.471  1.00 48.96  ? 115 ASN A C     1 
ATOM   965  O  O     . ASN A 1 115 ? 19.505  -3.774  -7.043  1.00 49.31  ? 115 ASN A O     1 
ATOM   966  C  CB    . ASN A 1 115 ? 18.718  -1.130  -8.139  1.00 46.73  ? 115 ASN A CB    1 
ATOM   967  C  CG    . ASN A 1 115 ? 18.907  -0.156  -9.275  1.00 47.00  ? 115 ASN A CG    1 
ATOM   968  O  OD1   . ASN A 1 115 ? 18.994  -0.544  -10.438 1.00 44.12  ? 115 ASN A OD1   1 
ATOM   969  N  ND2   . ASN A 1 115 ? 18.991  1.125   -8.939  1.00 49.27  ? 115 ASN A ND2   1 
ATOM   970  N  N     . ALA A 1 116 ? 17.277  -4.016  -6.964  1.00 48.83  ? 116 ALA A N     1 
ATOM   971  C  CA    . ALA A 1 116 ? 17.355  -4.986  -5.881  1.00 47.34  ? 116 ALA A CA    1 
ATOM   972  C  C     . ALA A 1 116 ? 16.867  -6.331  -6.386  1.00 48.12  ? 116 ALA A C     1 
ATOM   973  O  O     . ALA A 1 116 ? 16.591  -7.241  -5.602  1.00 48.25  ? 116 ALA A O     1 
ATOM   974  C  CB    . ALA A 1 116 ? 16.520  -4.535  -4.721  1.00 46.67  ? 116 ALA A CB    1 
ATOM   975  N  N     . ALA A 1 117 ? 16.753  -6.447  -7.707  1.00 47.95  ? 117 ALA A N     1 
ATOM   976  C  CA    . ALA A 1 117 ? 16.294  -7.678  -8.328  1.00 46.65  ? 117 ALA A CA    1 
ATOM   977  C  C     . ALA A 1 117 ? 14.983  -8.175  -7.695  1.00 47.11  ? 117 ALA A C     1 
ATOM   978  O  O     . ALA A 1 117 ? 14.775  -9.370  -7.526  1.00 48.89  ? 117 ALA A O     1 
ATOM   979  C  CB    . ALA A 1 117 ? 17.384  -8.743  -8.224  1.00 43.05  ? 117 ALA A CB    1 
ATOM   980  N  N     . PHE A 1 118 ? 14.119  -7.237  -7.320  1.00 47.46  ? 118 PHE A N     1 
ATOM   981  C  CA    . PHE A 1 118 ? 12.804  -7.537  -6.754  1.00 49.11  ? 118 PHE A CA    1 
ATOM   982  C  C     . PHE A 1 118 ? 12.759  -8.367  -5.467  1.00 50.03  ? 118 PHE A C     1 
ATOM   983  O  O     . PHE A 1 118 ? 11.720  -8.914  -5.118  1.00 51.69  ? 118 PHE A O     1 
ATOM   984  C  CB    . PHE A 1 118 ? 11.964  -8.224  -7.834  1.00 49.78  ? 118 PHE A CB    1 
ATOM   985  C  CG    . PHE A 1 118 ? 12.217  -7.688  -9.217  1.00 51.56  ? 118 PHE A CG    1 
ATOM   986  C  CD1   . PHE A 1 118 ? 11.878  -6.387  -9.544  1.00 52.33  ? 118 PHE A CD1   1 
ATOM   987  C  CD2   . PHE A 1 118 ? 12.842  -8.473  -10.175 1.00 53.50  ? 118 PHE A CD2   1 
ATOM   988  C  CE1   . PHE A 1 118 ? 12.158  -5.871  -10.802 1.00 56.63  ? 118 PHE A CE1   1 
ATOM   989  C  CE2   . PHE A 1 118 ? 13.130  -7.972  -11.440 1.00 56.89  ? 118 PHE A CE2   1 
ATOM   990  C  CZ    . PHE A 1 118 ? 12.789  -6.667  -11.756 1.00 57.60  ? 118 PHE A CZ    1 
ATOM   991  N  N     . ASN A 1 119 ? 13.859  -8.437  -4.738  1.00 49.91  ? 119 ASN A N     1 
ATOM   992  C  CA    . ASN A 1 119 ? 13.869  -9.249  -3.538  1.00 49.50  ? 119 ASN A CA    1 
ATOM   993  C  C     . ASN A 1 119 ? 13.412  -8.534  -2.276  1.00 50.20  ? 119 ASN A C     1 
ATOM   994  O  O     . ASN A 1 119 ? 14.155  -7.754  -1.668  1.00 49.87  ? 119 ASN A O     1 
ATOM   995  C  CB    . ASN A 1 119 ? 15.262  -9.836  -3.345  1.00 52.47  ? 119 ASN A CB    1 
ATOM   996  C  CG    . ASN A 1 119 ? 15.269  -11.004 -2.394  1.00 55.51  ? 119 ASN A CG    1 
ATOM   997  O  OD1   . ASN A 1 119 ? 14.321  -11.801 -2.358  1.00 57.29  ? 119 ASN A OD1   1 
ATOM   998  N  ND2   . ASN A 1 119 ? 16.341  -11.127 -1.626  1.00 55.69  ? 119 ASN A ND2   1 
ATOM   999  N  N     . VAL A 1 120 ? 12.181  -8.825  -1.876  1.00 50.46  ? 120 VAL A N     1 
ATOM   1000 C  CA    . VAL A 1 120 ? 11.587  -8.216  -0.694  1.00 49.44  ? 120 VAL A CA    1 
ATOM   1001 C  C     . VAL A 1 120 ? 12.019  -8.847  0.624   1.00 51.62  ? 120 VAL A C     1 
ATOM   1002 O  O     . VAL A 1 120 ? 11.821  -10.043 0.847   1.00 52.91  ? 120 VAL A O     1 
ATOM   1003 C  CB    . VAL A 1 120 ? 10.049  -8.274  -0.754  1.00 46.88  ? 120 VAL A CB    1 
ATOM   1004 C  CG1   . VAL A 1 120 ? 9.460   -7.736  0.541   1.00 46.06  ? 120 VAL A CG1   1 
ATOM   1005 C  CG2   . VAL A 1 120 ? 9.543   -7.473  -1.933  1.00 46.53  ? 120 VAL A CG2   1 
ATOM   1006 N  N     . PHE A 1 121 ? 12.604  -8.036  1.497   1.00 53.39  ? 121 PHE A N     1 
ATOM   1007 C  CA    . PHE A 1 121 ? 13.022  -8.503  2.811   1.00 54.28  ? 121 PHE A CA    1 
ATOM   1008 C  C     . PHE A 1 121 ? 11.850  -8.335  3.794   1.00 54.75  ? 121 PHE A C     1 
ATOM   1009 O  O     . PHE A 1 121 ? 11.422  -9.289  4.431   1.00 55.44  ? 121 PHE A O     1 
ATOM   1010 C  CB    . PHE A 1 121 ? 14.227  -7.701  3.309   1.00 55.32  ? 121 PHE A CB    1 
ATOM   1011 C  CG    . PHE A 1 121 ? 14.600  -7.997  4.737   1.00 58.72  ? 121 PHE A CG    1 
ATOM   1012 C  CD1   . PHE A 1 121 ? 15.114  -9.249  5.095   1.00 59.30  ? 121 PHE A CD1   1 
ATOM   1013 C  CD2   . PHE A 1 121 ? 14.409  -7.039  5.733   1.00 57.53  ? 121 PHE A CD2   1 
ATOM   1014 C  CE1   . PHE A 1 121 ? 15.429  -9.544  6.420   1.00 57.48  ? 121 PHE A CE1   1 
ATOM   1015 C  CE2   . PHE A 1 121 ? 14.720  -7.320  7.060   1.00 59.15  ? 121 PHE A CE2   1 
ATOM   1016 C  CZ    . PHE A 1 121 ? 15.231  -8.577  7.408   1.00 58.85  ? 121 PHE A CZ    1 
ATOM   1017 N  N     . SER A 1 122 ? 11.333  -7.117  3.913   1.00 54.32  ? 122 SER A N     1 
ATOM   1018 C  CA    . SER A 1 122 ? 10.218  -6.852  4.819   1.00 55.09  ? 122 SER A CA    1 
ATOM   1019 C  C     . SER A 1 122 ? 9.305   -5.777  4.250   1.00 55.82  ? 122 SER A C     1 
ATOM   1020 O  O     . SER A 1 122 ? 9.704   -5.022  3.360   1.00 55.90  ? 122 SER A O     1 
ATOM   1021 C  CB    . SER A 1 122 ? 10.734  -6.404  6.192   1.00 54.70  ? 122 SER A CB    1 
ATOM   1022 O  OG    . SER A 1 122 ? 11.448  -5.181  6.107   1.00 53.67  ? 122 SER A OG    1 
ATOM   1023 N  N     . TYR A 1 123 ? 8.079   -5.717  4.761   1.00 55.86  ? 123 TYR A N     1 
ATOM   1024 C  CA    . TYR A 1 123 ? 7.110   -4.721  4.318   1.00 56.81  ? 123 TYR A CA    1 
ATOM   1025 C  C     . TYR A 1 123 ? 6.014   -4.515  5.348   1.00 58.49  ? 123 TYR A C     1 
ATOM   1026 O  O     . TYR A 1 123 ? 5.594   -5.455  6.018   1.00 59.76  ? 123 TYR A O     1 
ATOM   1027 C  CB    . TYR A 1 123 ? 6.499   -5.118  2.975   1.00 54.86  ? 123 TYR A CB    1 
ATOM   1028 C  CG    . TYR A 1 123 ? 5.767   -6.439  2.957   1.00 55.55  ? 123 TYR A CG    1 
ATOM   1029 C  CD1   . TYR A 1 123 ? 4.418   -6.518  3.286   1.00 55.88  ? 123 TYR A CD1   1 
ATOM   1030 C  CD2   . TYR A 1 123 ? 6.421   -7.611  2.569   1.00 55.63  ? 123 TYR A CD2   1 
ATOM   1031 C  CE1   . TYR A 1 123 ? 3.727   -7.735  3.225   1.00 57.77  ? 123 TYR A CE1   1 
ATOM   1032 C  CE2   . TYR A 1 123 ? 5.750   -8.828  2.503   1.00 56.29  ? 123 TYR A CE2   1 
ATOM   1033 C  CZ    . TYR A 1 123 ? 4.402   -8.886  2.829   1.00 58.94  ? 123 TYR A CZ    1 
ATOM   1034 O  OH    . TYR A 1 123 ? 3.730   -10.086 2.739   1.00 59.11  ? 123 TYR A OH    1 
ATOM   1035 N  N     . ARG A 1 124 ? 5.553   -3.276  5.474   1.00 60.07  ? 124 ARG A N     1 
ATOM   1036 C  CA    . ARG A 1 124 ? 4.512   -2.964  6.432   1.00 60.16  ? 124 ARG A CA    1 
ATOM   1037 C  C     . ARG A 1 124 ? 3.606   -1.844  5.940   1.00 59.68  ? 124 ARG A C     1 
ATOM   1038 O  O     . ARG A 1 124 ? 3.840   -1.249  4.887   1.00 61.07  ? 124 ARG A O     1 
ATOM   1039 C  CB    . ARG A 1 124 ? 5.142   -2.583  7.767   1.00 61.51  ? 124 ARG A CB    1 
ATOM   1040 C  CG    . ARG A 1 124 ? 5.915   -1.295  7.744   1.00 66.22  ? 124 ARG A CG    1 
ATOM   1041 C  CD    . ARG A 1 124 ? 7.046   -1.348  8.758   1.00 71.11  ? 124 ARG A CD    1 
ATOM   1042 N  NE    . ARG A 1 124 ? 8.055   -2.332  8.359   1.00 76.93  ? 124 ARG A NE    1 
ATOM   1043 C  CZ    . ARG A 1 124 ? 8.963   -2.144  7.399   1.00 78.21  ? 124 ARG A CZ    1 
ATOM   1044 N  NH1   . ARG A 1 124 ? 9.829   -3.104  7.105   1.00 78.62  ? 124 ARG A NH1   1 
ATOM   1045 N  NH2   . ARG A 1 124 ? 9.023   -0.990  6.744   1.00 77.59  ? 124 ARG A NH2   1 
ATOM   1046 N  N     . LEU A 1 125 ? 2.556   -1.583  6.710   1.00 58.08  ? 125 LEU A N     1 
ATOM   1047 C  CA    . LEU A 1 125 ? 1.586   -0.546  6.401   1.00 56.34  ? 125 LEU A CA    1 
ATOM   1048 C  C     . LEU A 1 125 ? 1.600   0.412   7.590   1.00 56.62  ? 125 LEU A C     1 
ATOM   1049 O  O     . LEU A 1 125 ? 1.200   0.042   8.690   1.00 57.95  ? 125 LEU A O     1 
ATOM   1050 C  CB    . LEU A 1 125 ? 0.196   -1.168  6.226   1.00 52.84  ? 125 LEU A CB    1 
ATOM   1051 C  CG    . LEU A 1 125 ? -0.058  -1.942  4.932   1.00 50.25  ? 125 LEU A CG    1 
ATOM   1052 C  CD1   . LEU A 1 125 ? -1.393  -2.632  4.985   1.00 49.51  ? 125 LEU A CD1   1 
ATOM   1053 C  CD2   . LEU A 1 125 ? -0.031  -0.987  3.761   1.00 50.80  ? 125 LEU A CD2   1 
ATOM   1054 N  N     A ARG A 1 126 ? 2.069   1.637   7.377   0.70 56.11  ? 126 ARG A N     1 
ATOM   1055 N  N     B ARG A 1 126 ? 2.049   1.638   7.351   0.30 55.82  ? 126 ARG A N     1 
ATOM   1056 C  CA    A ARG A 1 126 ? 2.139   2.608   8.460   0.70 55.15  ? 126 ARG A CA    1 
ATOM   1057 C  CA    B ARG A 1 126 ? 2.135   2.652   8.394   0.30 54.79  ? 126 ARG A CA    1 
ATOM   1058 C  C     A ARG A 1 126 ? 1.053   3.676   8.349   0.70 53.49  ? 126 ARG A C     1 
ATOM   1059 C  C     B ARG A 1 126 ? 1.005   3.670   8.331   0.30 53.60  ? 126 ARG A C     1 
ATOM   1060 O  O     A ARG A 1 126 ? 0.666   4.077   7.258   0.70 53.80  ? 126 ARG A O     1 
ATOM   1061 O  O     B ARG A 1 126 ? 0.540   4.029   7.253   0.30 53.81  ? 126 ARG A O     1 
ATOM   1062 C  CB    A ARG A 1 126 ? 3.530   3.256   8.492   0.70 57.25  ? 126 ARG A CB    1 
ATOM   1063 C  CB    B ARG A 1 126 ? 3.462   3.401   8.277   0.30 55.75  ? 126 ARG A CB    1 
ATOM   1064 C  CG    A ARG A 1 126 ? 3.817   4.049   9.768   0.70 61.62  ? 126 ARG A CG    1 
ATOM   1065 C  CG    B ARG A 1 126 ? 4.441   3.163   9.407   0.30 57.15  ? 126 ARG A CG    1 
ATOM   1066 C  CD    A ARG A 1 126 ? 5.166   4.788   9.745   0.70 64.05  ? 126 ARG A CD    1 
ATOM   1067 C  CD    B ARG A 1 126 ? 5.617   4.132   9.297   0.30 58.63  ? 126 ARG A CD    1 
ATOM   1068 N  NE    A ARG A 1 126 ? 6.347   3.919   9.831   0.70 65.64  ? 126 ARG A NE    1 
ATOM   1069 N  NE    B ARG A 1 126 ? 5.179   5.528   9.309   0.30 59.23  ? 126 ARG A NE    1 
ATOM   1070 C  CZ    A ARG A 1 126 ? 6.579   3.046   10.811  0.70 66.48  ? 126 ARG A CZ    1 
ATOM   1071 C  CZ    B ARG A 1 126 ? 5.995   6.573   9.202   0.30 59.46  ? 126 ARG A CZ    1 
ATOM   1072 N  NH1   A ARG A 1 126 ? 5.710   2.902   11.802  0.70 66.33  ? 126 ARG A NH1   1 
ATOM   1073 N  NH1   B ARG A 1 126 ? 7.302   6.391   9.073   0.30 59.64  ? 126 ARG A NH1   1 
ATOM   1074 N  NH2   A ARG A 1 126 ? 7.695   2.325   10.810  0.70 65.50  ? 126 ARG A NH2   1 
ATOM   1075 N  NH2   B ARG A 1 126 ? 5.505   7.805   9.228   0.30 58.71  ? 126 ARG A NH2   1 
ATOM   1076 N  N     . ASN A 1 127 ? 0.566   4.137   9.495   1.00 52.61  ? 127 ASN A N     1 
ATOM   1077 C  CA    . ASN A 1 127 ? -0.477  5.148   9.545   1.00 50.25  ? 127 ASN A CA    1 
ATOM   1078 C  C     . ASN A 1 127 ? 0.197   6.508   9.479   1.00 50.17  ? 127 ASN A C     1 
ATOM   1079 O  O     . ASN A 1 127 ? 1.100   6.808   10.263  1.00 48.70  ? 127 ASN A O     1 
ATOM   1080 C  CB    . ASN A 1 127 ? -1.284  5.048   10.844  1.00 49.07  ? 127 ASN A CB    1 
ATOM   1081 C  CG    . ASN A 1 127 ? -2.262  3.884   10.843  1.00 51.39  ? 127 ASN A CG    1 
ATOM   1082 O  OD1   . ASN A 1 127 ? -3.143  3.798   9.988   1.00 52.33  ? 127 ASN A OD1   1 
ATOM   1083 N  ND2   . ASN A 1 127 ? -2.113  2.982   11.805  1.00 50.92  ? 127 ASN A ND2   1 
ATOM   1084 N  N     . ILE A 1 128 ? -0.235  7.324   8.529   1.00 50.18  ? 128 ILE A N     1 
ATOM   1085 C  CA    . ILE A 1 128 ? 0.319   8.652   8.380   1.00 50.85  ? 128 ILE A CA    1 
ATOM   1086 C  C     . ILE A 1 128 ? -0.786  9.647   8.671   1.00 52.58  ? 128 ILE A C     1 
ATOM   1087 O  O     . ILE A 1 128 ? -1.835  9.623   8.029   1.00 53.07  ? 128 ILE A O     1 
ATOM   1088 C  CB    . ILE A 1 128 ? 0.849   8.898   6.949   1.00 51.34  ? 128 ILE A CB    1 
ATOM   1089 C  CG1   . ILE A 1 128 ? 1.789   7.756   6.525   1.00 46.83  ? 128 ILE A CG1   1 
ATOM   1090 C  CG2   . ILE A 1 128 ? 1.557   10.266  6.894   1.00 49.11  ? 128 ILE A CG2   1 
ATOM   1091 C  CD1   . ILE A 1 128 ? 3.092   7.678   7.311   1.00 46.01  ? 128 ILE A CD1   1 
ATOM   1092 N  N     . GLY A 1 129 ? -0.536  10.518  9.647   1.00 53.92  ? 129 GLY A N     1 
ATOM   1093 C  CA    . GLY A 1 129 ? -1.514  11.514  10.041  1.00 54.00  ? 129 GLY A CA    1 
ATOM   1094 C  C     . GLY A 1 129 ? -1.779  12.575  9.000   1.00 55.80  ? 129 GLY A C     1 
ATOM   1095 O  O     . GLY A 1 129 ? -1.158  12.587  7.940   1.00 59.10  ? 129 GLY A O     1 
ATOM   1096 N  N     . VAL A 1 130 ? -2.689  13.490  9.313   1.00 56.72  ? 130 VAL A N     1 
ATOM   1097 C  CA    . VAL A 1 130 ? -3.057  14.550  8.387   1.00 56.27  ? 130 VAL A CA    1 
ATOM   1098 C  C     . VAL A 1 130 ? -2.297  15.874  8.605   1.00 56.21  ? 130 VAL A C     1 
ATOM   1099 O  O     . VAL A 1 130 ? -1.798  16.152  9.690   1.00 56.25  ? 130 VAL A O     1 
ATOM   1100 C  CB    . VAL A 1 130 ? -4.589  14.763  8.449   1.00 55.95  ? 130 VAL A CB    1 
ATOM   1101 C  CG1   . VAL A 1 130 ? -4.927  16.069  9.135   1.00 57.05  ? 130 VAL A CG1   1 
ATOM   1102 C  CG2   . VAL A 1 130 ? -5.168  14.695  7.054   1.00 58.62  ? 130 VAL A CG2   1 
ATOM   1103 N  N     . GLY A 1 131 ? -2.197  16.685  7.559   1.00 57.07  ? 131 GLY A N     1 
ATOM   1104 C  CA    . GLY A 1 131 ? -1.491  17.950  7.680   1.00 58.14  ? 131 GLY A CA    1 
ATOM   1105 C  C     . GLY A 1 131 ? -2.330  19.086  8.246   1.00 59.22  ? 131 GLY A C     1 
ATOM   1106 O  O     . GLY A 1 131 ? -3.542  18.946  8.429   1.00 59.01  ? 131 GLY A O     1 
ATOM   1107 N  N     . PRO A 1 132 ? -1.708  20.246  8.511   1.00 60.61  ? 132 PRO A N     1 
ATOM   1108 C  CA    . PRO A 1 132 ? -2.385  21.429  9.066   1.00 60.28  ? 132 PRO A CA    1 
ATOM   1109 C  C     . PRO A 1 132 ? -3.648  21.916  8.343   1.00 61.22  ? 132 PRO A C     1 
ATOM   1110 O  O     . PRO A 1 132 ? -4.523  22.512  8.976   1.00 61.96  ? 132 PRO A O     1 
ATOM   1111 C  CB    . PRO A 1 132 ? -1.275  22.482  9.086   1.00 60.32  ? 132 PRO A CB    1 
ATOM   1112 C  CG    . PRO A 1 132 ? -0.380  22.062  7.946   1.00 60.53  ? 132 PRO A CG    1 
ATOM   1113 C  CD    . PRO A 1 132 ? -0.316  20.565  8.145   1.00 60.33  ? 132 PRO A CD    1 
ATOM   1114 N  N     . LEU A 1 133 ? -3.751  21.665  7.037   1.00 60.38  ? 133 LEU A N     1 
ATOM   1115 C  CA    . LEU A 1 133 ? -4.919  22.090  6.267   1.00 58.85  ? 133 LEU A CA    1 
ATOM   1116 C  C     . LEU A 1 133 ? -5.769  20.895  5.874   1.00 60.07  ? 133 LEU A C     1 
ATOM   1117 O  O     . LEU A 1 133 ? -6.738  21.032  5.120   1.00 59.76  ? 133 LEU A O     1 
ATOM   1118 C  CB    . LEU A 1 133 ? -4.492  22.814  4.998   1.00 60.90  ? 133 LEU A CB    1 
ATOM   1119 C  CG    . LEU A 1 133 ? -3.417  23.895  5.114   1.00 64.21  ? 133 LEU A CG    1 
ATOM   1120 C  CD1   . LEU A 1 133 ? -3.112  24.436  3.716   1.00 62.44  ? 133 LEU A CD1   1 
ATOM   1121 C  CD2   . LEU A 1 133 ? -3.879  25.012  6.047   1.00 62.81  ? 133 LEU A CD2   1 
ATOM   1122 N  N     . GLY A 1 134 ? -5.394  19.724  6.387   1.00 60.38  ? 134 GLY A N     1 
ATOM   1123 C  CA    . GLY A 1 134 ? -6.110  18.494  6.089   1.00 61.68  ? 134 GLY A CA    1 
ATOM   1124 C  C     . GLY A 1 134 ? -7.629  18.559  6.084   1.00 61.76  ? 134 GLY A C     1 
ATOM   1125 O  O     . GLY A 1 134 ? -8.251  18.315  5.054   1.00 60.94  ? 134 GLY A O     1 
ATOM   1126 N  N     . PRO A 1 135 ? -8.262  18.867  7.226   1.00 63.41  ? 135 PRO A N     1 
ATOM   1127 C  CA    . PRO A 1 135 ? -9.728  18.938  7.262   1.00 63.42  ? 135 PRO A CA    1 
ATOM   1128 C  C     . PRO A 1 135 ? -10.296 19.991  6.322   1.00 62.72  ? 135 PRO A C     1 
ATOM   1129 O  O     . PRO A 1 135 ? -11.330 19.769  5.691   1.00 61.68  ? 135 PRO A O     1 
ATOM   1130 C  CB    . PRO A 1 135 ? -10.030 19.229  8.729   1.00 62.91  ? 135 PRO A CB    1 
ATOM   1131 C  CG    . PRO A 1 135 ? -8.795  19.975  9.191   1.00 66.15  ? 135 PRO A CG    1 
ATOM   1132 C  CD    . PRO A 1 135 ? -7.689  19.170  8.551   1.00 64.71  ? 135 PRO A CD    1 
ATOM   1133 N  N     . ASP A 1 136 ? -9.618  21.131  6.224   1.00 62.01  ? 136 ASP A N     1 
ATOM   1134 C  CA    . ASP A 1 136 ? -10.084 22.191  5.345   1.00 62.73  ? 136 ASP A CA    1 
ATOM   1135 C  C     . ASP A 1 136 ? -9.982  21.755  3.881   1.00 64.36  ? 136 ASP A C     1 
ATOM   1136 O  O     . ASP A 1 136 ? -10.846 22.085  3.062   1.00 64.34  ? 136 ASP A O     1 
ATOM   1137 C  CB    . ASP A 1 136 ? -9.267  23.466  5.571   1.00 64.02  ? 136 ASP A CB    1 
ATOM   1138 C  CG    . ASP A 1 136 ? -9.865  24.682  4.873   1.00 65.45  ? 136 ASP A CG    1 
ATOM   1139 O  OD1   . ASP A 1 136 ? -9.919  24.707  3.625   1.00 65.10  ? 136 ASP A OD1   1 
ATOM   1140 O  OD2   . ASP A 1 136 ? -10.292 25.618  5.579   1.00 69.28  ? 136 ASP A OD2   1 
ATOM   1141 N  N     . ILE A 1 137 ? -8.932  21.004  3.559   1.00 64.37  ? 137 ILE A N     1 
ATOM   1142 C  CA    . ILE A 1 137 ? -8.715  20.536  2.194   1.00 64.45  ? 137 ILE A CA    1 
ATOM   1143 C  C     . ILE A 1 137 ? -9.807  19.608  1.652   1.00 66.09  ? 137 ILE A C     1 
ATOM   1144 O  O     . ILE A 1 137 ? -10.302 19.808  0.541   1.00 64.69  ? 137 ILE A O     1 
ATOM   1145 C  CB    . ILE A 1 137 ? -7.345  19.816  2.061   1.00 62.81  ? 137 ILE A CB    1 
ATOM   1146 C  CG1   . ILE A 1 137 ? -6.207  20.809  2.303   1.00 61.35  ? 137 ILE A CG1   1 
ATOM   1147 C  CG2   . ILE A 1 137 ? -7.207  19.203  0.670   1.00 60.26  ? 137 ILE A CG2   1 
ATOM   1148 C  CD1   . ILE A 1 137 ? -4.836  20.179  2.345   1.00 59.01  ? 137 ILE A CD1   1 
ATOM   1149 N  N     . ARG A 1 138 ? -10.174 18.595  2.430   1.00 68.91  ? 138 ARG A N     1 
ATOM   1150 C  CA    . ARG A 1 138 ? -11.188 17.632  2.002   1.00 72.81  ? 138 ARG A CA    1 
ATOM   1151 C  C     . ARG A 1 138 ? -12.617 18.171  1.960   1.00 75.15  ? 138 ARG A C     1 
ATOM   1152 O  O     . ARG A 1 138 ? -13.443 17.700  1.177   1.00 75.35  ? 138 ARG A O     1 
ATOM   1153 C  CB    . ARG A 1 138 ? -11.134 16.393  2.899   1.00 72.81  ? 138 ARG A CB    1 
ATOM   1154 C  CG    . ARG A 1 138 ? -10.998 16.706  4.377   1.00 73.16  ? 138 ARG A CG    1 
ATOM   1155 C  CD    . ARG A 1 138 ? -11.003 15.445  5.215   1.00 73.44  ? 138 ARG A CD    1 
ATOM   1156 N  NE    . ARG A 1 138 ? -10.466 15.684  6.550   1.00 75.12  ? 138 ARG A NE    1 
ATOM   1157 C  CZ    . ARG A 1 138 ? -10.453 14.779  7.522   1.00 75.66  ? 138 ARG A CZ    1 
ATOM   1158 N  NH1   . ARG A 1 138 ? -10.958 13.572  7.304   1.00 76.63  ? 138 ARG A NH1   1 
ATOM   1159 N  NH2   . ARG A 1 138 ? -9.926  15.072  8.704   1.00 75.65  ? 138 ARG A NH2   1 
ATOM   1160 N  N     . SER A 1 139 ? -12.913 19.155  2.798   1.00 78.27  ? 139 SER A N     1 
ATOM   1161 C  CA    . SER A 1 139 ? -14.250 19.731  2.829   1.00 81.72  ? 139 SER A CA    1 
ATOM   1162 C  C     . SER A 1 139 ? -14.387 20.863  1.820   1.00 84.47  ? 139 SER A C     1 
ATOM   1163 O  O     . SER A 1 139 ? -15.486 21.167  1.360   1.00 84.98  ? 139 SER A O     1 
ATOM   1164 C  CB    . SER A 1 139 ? -14.560 20.254  4.227   1.00 81.27  ? 139 SER A CB    1 
ATOM   1165 O  OG    . SER A 1 139 ? -13.644 21.266  4.593   1.00 80.88  ? 139 SER A OG    1 
ATOM   1166 N  N     . SER A 1 140 ? -13.268 21.484  1.472   1.00 87.67  ? 140 SER A N     1 
ATOM   1167 C  CA    . SER A 1 140 ? -13.295 22.586  0.526   1.00 90.76  ? 140 SER A CA    1 
ATOM   1168 C  C     . SER A 1 140 ? -13.284 22.102  -0.917  1.00 91.76  ? 140 SER A C     1 
ATOM   1169 O  O     . SER A 1 140 ? -12.613 22.685  -1.768  1.00 92.69  ? 140 SER A O     1 
ATOM   1170 C  CB    . SER A 1 140 ? -12.101 23.511  0.754   1.00 91.43  ? 140 SER A CB    1 
ATOM   1171 O  OG    . SER A 1 140 ? -10.940 22.969  0.157   1.00 94.61  ? 140 SER A OG    1 
ATOM   1172 N  N     . GLY A 1 141 ? -14.021 21.034  -1.197  1.00 93.55  ? 141 GLY A N     1 
ATOM   1173 C  CA    . GLY A 1 141 ? -14.077 20.540  -2.559  1.00 95.73  ? 141 GLY A CA    1 
ATOM   1174 C  C     . GLY A 1 141 ? -14.607 21.648  -3.452  1.00 97.49  ? 141 GLY A C     1 
ATOM   1175 O  O     . GLY A 1 141 ? -14.833 22.761  -2.976  1.00 97.18  ? 141 GLY A O     1 
ATOM   1176 N  N     . PRO A 1 142 ? -14.815 21.387  -4.752  1.00 99.38  ? 142 PRO A N     1 
ATOM   1177 C  CA    . PRO A 1 142 ? -15.329 22.417  -5.667  1.00 99.75  ? 142 PRO A CA    1 
ATOM   1178 C  C     . PRO A 1 142 ? -16.806 22.740  -5.438  1.00 100.13 ? 142 PRO A C     1 
ATOM   1179 O  O     . PRO A 1 142 ? -17.674 21.875  -5.580  1.00 100.18 ? 142 PRO A O     1 
ATOM   1180 C  CB    . PRO A 1 142 ? -15.078 21.808  -7.041  1.00 100.01 ? 142 PRO A CB    1 
ATOM   1181 C  CG    . PRO A 1 142 ? -15.268 20.337  -6.783  1.00 100.58 ? 142 PRO A CG    1 
ATOM   1182 C  CD    . PRO A 1 142 ? -14.518 20.138  -5.477  1.00 100.32 ? 142 PRO A CD    1 
HETATM 1183 O  O3P   . C5P B 2 .   ? 16.854  9.659   -3.076  1.00 98.48  ? 300 C5P A O3P   1 
HETATM 1184 P  P     . C5P B 2 .   ? 18.271  9.667   -2.508  1.00 99.47  ? 300 C5P A P     1 
HETATM 1185 O  O1P   . C5P B 2 .   ? 19.186  10.616  -3.271  1.00 99.20  ? 300 C5P A O1P   1 
HETATM 1186 O  O2P   . C5P B 2 .   ? 18.314  9.834   -0.992  1.00 98.55  ? 300 C5P A O2P   1 
HETATM 1187 O  "O5'" . C5P B 2 .   ? 18.887  8.186   -2.788  1.00 97.56  ? 300 C5P A "O5'" 1 
HETATM 1188 C  "C5'" . C5P B 2 .   ? 19.876  7.609   -1.908  1.00 91.40  ? 300 C5P A "C5'" 1 
HETATM 1189 C  "C4'" . C5P B 2 .   ? 19.573  6.148   -1.691  1.00 86.98  ? 300 C5P A "C4'" 1 
HETATM 1190 O  "O4'" . C5P B 2 .   ? 18.301  6.033   -1.003  1.00 84.57  ? 300 C5P A "O4'" 1 
HETATM 1191 C  "C3'" . C5P B 2 .   ? 19.364  5.348   -2.967  1.00 85.97  ? 300 C5P A "C3'" 1 
HETATM 1192 O  "O3'" . C5P B 2 .   ? 20.582  4.944   -3.598  1.00 87.58  ? 300 C5P A "O3'" 1 
HETATM 1193 C  "C2'" . C5P B 2 .   ? 18.517  4.182   -2.484  1.00 84.76  ? 300 C5P A "C2'" 1 
HETATM 1194 O  "O2'" . C5P B 2 .   ? 19.296  3.199   -1.827  1.00 88.18  ? 300 C5P A "O2'" 1 
HETATM 1195 C  "C1'" . C5P B 2 .   ? 17.628  4.867   -1.446  1.00 81.41  ? 300 C5P A "C1'" 1 
HETATM 1196 N  N1    . C5P B 2 .   ? 16.276  5.234   -1.904  1.00 75.52  ? 300 C5P A N1    1 
HETATM 1197 C  C2    . C5P B 2 .   ? 15.363  4.212   -2.163  1.00 72.30  ? 300 C5P A C2    1 
HETATM 1198 N  N3    . C5P B 2 .   ? 14.092  4.526   -2.491  1.00 72.51  ? 300 C5P A N3    1 
HETATM 1199 C  C4    . C5P B 2 .   ? 13.724  5.803   -2.589  1.00 71.36  ? 300 C5P A C4    1 
HETATM 1200 C  C5    . C5P B 2 .   ? 14.648  6.868   -2.381  1.00 71.30  ? 300 C5P A C5    1 
HETATM 1201 C  C6    . C5P B 2 .   ? 15.904  6.541   -2.043  1.00 72.49  ? 300 C5P A C6    1 
HETATM 1202 O  O2    . C5P B 2 .   ? 15.744  3.042   -2.092  1.00 70.71  ? 300 C5P A O2    1 
HETATM 1203 N  N4    . C5P B 2 .   ? 12.451  6.059   -2.883  1.00 69.14  ? 300 C5P A N4    1 
HETATM 1204 S  S     . SO4 C 3 .   ? 1.641   2.713   12.912  0.50 55.10  ? 301 SO4 A S     1 
HETATM 1205 O  O1    . SO4 C 3 .   ? 1.911   4.107   13.193  0.50 54.97  ? 301 SO4 A O1    1 
HETATM 1206 O  O2    . SO4 C 3 .   ? 2.496   2.246   11.843  0.50 57.35  ? 301 SO4 A O2    1 
HETATM 1207 O  O3    . SO4 C 3 .   ? 1.906   1.929   14.102  0.50 56.47  ? 301 SO4 A O3    1 
HETATM 1208 O  O4    . SO4 C 3 .   ? 0.255   2.559   12.503  0.50 55.94  ? 301 SO4 A O4    1 
HETATM 1209 S  S     . SO4 D 3 .   ? -14.856 8.876   -9.435  0.25 56.64  ? 302 SO4 A S     1 
HETATM 1210 O  O1    . SO4 D 3 .   ? -15.935 9.796   -9.087  0.25 51.78  ? 302 SO4 A O1    1 
HETATM 1211 O  O2    . SO4 D 3 .   ? -13.571 9.548   -9.267  0.25 53.30  ? 302 SO4 A O2    1 
HETATM 1212 O  O3    . SO4 D 3 .   ? -14.913 7.707   -8.561  0.25 51.78  ? 302 SO4 A O3    1 
HETATM 1213 O  O4    . SO4 D 3 .   ? -15.007 8.453   -10.824 0.25 53.30  ? 302 SO4 A O4    1 
HETATM 1214 S  S     . SO4 E 3 .   ? -7.075  -16.978 12.709  0.25 57.84  ? 303 SO4 A S     1 
HETATM 1215 O  O1    . SO4 E 3 .   ? -8.532  -16.898 12.770  0.25 53.31  ? 303 SO4 A O1    1 
HETATM 1216 O  O2    . SO4 E 3 .   ? -6.553  -15.802 12.018  0.25 53.31  ? 303 SO4 A O2    1 
HETATM 1217 O  O3    . SO4 E 3 .   ? -6.534  -17.027 14.064  0.25 52.76  ? 303 SO4 A O3    1 
HETATM 1218 O  O4    . SO4 E 3 .   ? -6.685  -18.182 11.983  0.25 52.77  ? 303 SO4 A O4    1 
HETATM 1219 O  O     . HOH F 4 .   ? -1.515  1.587   -9.837  0.86 43.90  ? 201 HOH A O     1 
HETATM 1220 O  O     . HOH F 4 .   ? -9.672  -0.242  -6.949  1.00 50.97  ? 202 HOH A O     1 
HETATM 1221 O  O     . HOH F 4 .   ? -23.647 0.426   -0.770  1.00 52.12  ? 203 HOH A O     1 
HETATM 1222 O  O     . HOH F 4 .   ? 10.655  -11.520 -7.608  1.00 59.09  ? 204 HOH A O     1 
HETATM 1223 O  O     . HOH F 4 .   ? 1.245   -4.079  -16.876 1.00 49.08  ? 205 HOH A O     1 
HETATM 1224 O  O     . HOH F 4 .   ? 2.441   5.203   -8.853  1.00 59.60  ? 206 HOH A O     1 
HETATM 1225 O  O     . HOH F 4 .   ? 7.707   6.271   -3.781  1.00 51.32  ? 207 HOH A O     1 
HETATM 1226 O  O     . HOH F 4 .   ? 10.932  -11.673 -3.172  1.00 63.23  ? 208 HOH A O     1 
HETATM 1227 O  O     . HOH F 4 .   ? 11.795  -11.986 -5.472  1.00 65.07  ? 209 HOH A O     1 
HETATM 1228 O  O     . HOH F 4 .   ? 8.265   -10.171 5.367   1.00 64.11  ? 210 HOH A O     1 
HETATM 1229 O  O     . HOH F 4 .   ? -5.221  19.578  10.954  0.90 51.19  ? 211 HOH A O     1 
HETATM 1230 O  O     . HOH F 4 .   ? -1.529  3.592   -13.921 1.00 70.26  ? 212 HOH A O     1 
HETATM 1231 O  O     . HOH F 4 .   ? 0.531   -3.181  -19.635 1.00 63.14  ? 213 HOH A O     1 
HETATM 1232 O  O     . HOH F 4 .   ? -9.609  5.502   0.163   1.00 42.36  ? 214 HOH A O     1 
HETATM 1233 O  O     . HOH F 4 .   ? -6.269  10.489  -7.049  1.00 47.50  ? 215 HOH A O     1 
HETATM 1234 O  O     . HOH F 4 .   ? -4.515  10.328  1.989   1.00 53.49  ? 216 HOH A O     1 
HETATM 1235 O  O     . HOH F 4 .   ? 2.407   -17.398 16.915  1.00 74.39  ? 217 HOH A O     1 
HETATM 1236 O  O     . HOH F 4 .   ? 9.153   -10.105 -5.737  1.00 49.64  ? 218 HOH A O     1 
HETATM 1237 O  O     . HOH F 4 .   ? -11.716 9.822   -7.475  1.00 86.88  ? 219 HOH A O     1 
HETATM 1238 O  O     . HOH F 4 .   ? 13.144  -11.746 4.115   1.00 69.87  ? 220 HOH A O     1 
HETATM 1239 O  O     . HOH F 4 .   ? 12.288  -6.997  9.202   1.00 68.33  ? 221 HOH A O     1 
HETATM 1240 O  O     . HOH F 4 .   ? -4.123  6.537   9.083   1.00 56.50  ? 222 HOH A O     1 
HETATM 1241 O  O     . HOH F 4 .   ? -3.841  8.532   11.093  1.00 48.45  ? 223 HOH A O     1 
HETATM 1242 O  O     . HOH F 4 .   ? -5.060  -10.708 -14.056 1.00 63.04  ? 224 HOH A O     1 
HETATM 1243 O  O     . HOH F 4 .   ? -13.809 1.254   -7.377  1.00 69.85  ? 225 HOH A O     1 
HETATM 1244 O  O     . HOH F 4 .   ? 9.868   5.597   -1.982  0.73 40.90  ? 226 HOH A O     1 
HETATM 1245 O  O     . HOH F 4 .   ? -6.398  0.103   21.396  1.00 61.63  ? 227 HOH A O     1 
HETATM 1246 O  O     . HOH F 4 .   ? -22.083 3.220   2.829   0.50 83.90  ? 228 HOH A O     1 
HETATM 1247 O  O     . HOH F 4 .   ? -7.608  -3.484  -13.470 0.93 58.87  ? 229 HOH A O     1 
HETATM 1248 O  O     . HOH F 4 .   ? -7.976  2.267   21.068  1.00 81.64  ? 230 HOH A O     1 
HETATM 1249 O  O     . HOH F 4 .   ? 3.419   -0.606  -15.010 0.82 50.56  ? 231 HOH A O     1 
HETATM 1250 O  O     . HOH F 4 .   ? 1.933   10.041  11.216  1.00 48.72  ? 232 HOH A O     1 
HETATM 1251 O  O     . HOH F 4 .   ? 1.471   14.493  12.840  1.00 63.32  ? 233 HOH A O     1 
HETATM 1252 O  O     . HOH F 4 .   ? 0.774   11.938  12.520  1.00 72.59  ? 234 HOH A O     1 
HETATM 1253 O  O     . HOH F 4 .   ? -8.737  -14.785 3.017   1.00 63.06  ? 235 HOH A O     1 
HETATM 1254 O  O     . HOH F 4 .   ? -6.676  10.737  -9.595  1.00 73.91  ? 236 HOH A O     1 
HETATM 1255 O  O     . HOH F 4 .   ? -12.557 -1.391  11.396  1.00 55.73  ? 237 HOH A O     1 
HETATM 1256 O  O     . HOH F 4 .   ? -25.148 1.138   1.206   1.00 57.85  ? 238 HOH A O     1 
HETATM 1257 O  O     . HOH F 4 .   ? -24.489 2.470   3.301   1.00 48.14  ? 239 HOH A O     1 
# 
